data_6C31
#
_entry.id   6C31
#
_cell.length_a   82.039
_cell.length_b   80.040
_cell.length_c   186.660
_cell.angle_alpha   90.000
_cell.angle_beta   90.070
_cell.angle_gamma   90.000
#
_symmetry.space_group_name_H-M   'P 1 21 1'
#
loop_
_entity.id
_entity.type
_entity.pdbx_description
1 polymer 'TetR family transcriptional regulator'
2 polymer "DNA (5'-D(P*AP*CP*AP*AP*GP*CP*AP*GP*AP*CP*TP*GP*CP*CP*GP*GP*TP*AP*AP*C)-3')"
3 polymer "DNA (5'-D(*GP*TP*TP*AP*CP*CP*GP*GP*CP*AP*GP*TP*CP*TP*GP*CP*TP*TP*GP*TP*AP*AP*A)-3')"
#
loop_
_entity_poly.entity_id
_entity_poly.type
_entity_poly.pdbx_seq_one_letter_code
_entity_poly.pdbx_strand_id
1 'polypeptide(L)'
;MEIKRRTQEERSAATREALITGARKLWGLRGYAEVGTPEIATEAGVTRGAMYHQFADKAALFRDVVEVVEQDVMARMATL
VAASGAATPADAIRAAVDAWLEVSGDPEVRQLILLDAPVVLGWAGFRDVAQRYSLGMTEQLITEAIRAGQLARQPVRPLA
QVLIGALDEAAMFIATADDPKRARRETRQVLRRLIDGMLNGKLAAALEHHHHHH
;
A,B,C,D,E,F,G,H
2 'polydeoxyribonucleotide'
;(DT)(DT)(DT)(DA)(DC)(DA)(DA)(DG)(DC)(DA)(DG)(DA)(DC)(DT)(DG)(DC)(DC)(DG)(DG)(DT)
(DA)(DA)(DC)
;
I,K
3 'polydeoxyribonucleotide'
;(DG)(DT)(DT)(DA)(DC)(DC)(DG)(DG)(DC)(DA)(DG)(DT)(DC)(DT)(DG)(DC)(DT)(DT)(DG)(DT)
(DA)(DA)(DA)
;
J,L
#
loop_
_chem_comp.id
_chem_comp.type
_chem_comp.name
_chem_comp.formula
DA DNA linking 2'-DEOXYADENOSINE-5'-MONOPHOSPHATE 'C10 H14 N5 O6 P'
DC DNA linking 2'-DEOXYCYTIDINE-5'-MONOPHOSPHATE 'C9 H14 N3 O7 P'
DG DNA linking 2'-DEOXYGUANOSINE-5'-MONOPHOSPHATE 'C10 H14 N5 O7 P'
DT DNA linking THYMIDINE-5'-MONOPHOSPHATE 'C10 H15 N2 O8 P'
#
# COMPACT_ATOMS: atom_id res chain seq x y z
N ARG A 6 -29.07 32.29 16.20
CA ARG A 6 -28.25 31.29 16.87
C ARG A 6 -27.05 30.88 16.01
N THR A 7 -25.93 30.56 16.68
CA THR A 7 -24.72 30.13 15.99
C THR A 7 -24.80 28.64 15.62
N GLN A 8 -23.88 28.23 14.73
CA GLN A 8 -23.82 26.83 14.32
C GLN A 8 -23.29 25.95 15.45
N GLU A 9 -22.31 26.45 16.23
CA GLU A 9 -21.80 25.65 17.33
C GLU A 9 -22.89 25.41 18.38
N GLU A 10 -23.78 26.38 18.54
CA GLU A 10 -24.91 26.28 19.46
C GLU A 10 -26.03 25.39 18.93
N ARG A 11 -26.27 25.39 17.62
CA ARG A 11 -27.33 24.55 17.07
C ARG A 11 -26.96 23.08 17.16
N SER A 12 -25.70 22.77 16.84
CA SER A 12 -25.14 21.44 17.06
C SER A 12 -25.21 21.06 18.53
N ALA A 13 -24.63 21.91 19.40
CA ALA A 13 -24.61 21.58 20.82
C ALA A 13 -26.00 21.31 21.35
N ALA A 14 -27.00 22.02 20.85
CA ALA A 14 -28.37 21.85 21.34
C ALA A 14 -28.96 20.52 20.91
N THR A 15 -28.77 20.13 19.64
CA THR A 15 -29.31 18.84 19.23
C THR A 15 -28.49 17.69 19.82
N ARG A 16 -27.17 17.85 19.92
CA ARG A 16 -26.38 16.81 20.57
C ARG A 16 -26.79 16.61 22.02
N GLU A 17 -27.12 17.69 22.73
CA GLU A 17 -27.57 17.53 24.11
C GLU A 17 -28.93 16.82 24.18
N ALA A 18 -29.84 17.09 23.23
CA ALA A 18 -31.14 16.44 23.30
C ALA A 18 -31.05 14.96 22.93
N LEU A 19 -30.25 14.62 21.91
CA LEU A 19 -30.07 13.21 21.58
C LEU A 19 -29.40 12.48 22.73
N ILE A 20 -28.41 13.11 23.38
CA ILE A 20 -27.73 12.44 24.49
C ILE A 20 -28.68 12.26 25.66
N THR A 21 -29.49 13.29 25.95
CA THR A 21 -30.47 13.20 27.03
C THR A 21 -31.47 12.06 26.79
N GLY A 22 -32.04 12.01 25.59
CA GLY A 22 -33.04 10.99 25.27
C GLY A 22 -32.47 9.59 25.20
N ALA A 23 -31.31 9.44 24.54
CA ALA A 23 -30.68 8.13 24.46
C ALA A 23 -30.29 7.64 25.84
N ARG A 24 -29.86 8.56 26.71
CA ARG A 24 -29.56 8.23 28.09
C ARG A 24 -30.80 7.69 28.80
N LYS A 25 -31.90 8.45 28.75
CA LYS A 25 -33.14 7.99 29.36
C LYS A 25 -33.54 6.61 28.87
N LEU A 26 -33.68 6.45 27.56
CA LEU A 26 -34.29 5.23 27.05
C LEU A 26 -33.33 4.05 27.19
N TRP A 27 -32.08 4.20 26.72
CA TRP A 27 -31.10 3.12 26.85
C TRP A 27 -30.94 2.70 28.30
N GLY A 28 -30.92 3.67 29.22
CA GLY A 28 -30.83 3.31 30.61
C GLY A 28 -32.05 2.55 31.08
N LEU A 29 -33.22 2.87 30.53
CA LEU A 29 -34.42 2.16 30.95
C LEU A 29 -34.41 0.73 30.42
N ARG A 30 -33.95 0.52 29.19
CA ARG A 30 -34.21 -0.74 28.50
C ARG A 30 -33.01 -1.43 27.88
N GLY A 31 -31.84 -0.81 27.86
CA GLY A 31 -30.67 -1.44 27.27
C GLY A 31 -30.40 -0.96 25.85
N TYR A 32 -29.12 -0.91 25.49
CA TYR A 32 -28.71 -0.38 24.19
C TYR A 32 -29.25 -1.26 23.07
N ALA A 33 -29.28 -2.57 23.32
CA ALA A 33 -29.79 -3.48 22.32
C ALA A 33 -31.25 -3.23 22.04
N GLU A 34 -32.01 -2.82 23.04
CA GLU A 34 -33.47 -2.86 22.93
C GLU A 34 -34.11 -1.54 22.52
N VAL A 35 -33.33 -0.49 22.23
CA VAL A 35 -33.86 0.78 21.73
C VAL A 35 -33.15 1.17 20.44
N GLY A 36 -33.96 1.42 19.38
CA GLY A 36 -33.41 1.83 18.10
C GLY A 36 -33.30 3.33 17.92
N THR A 37 -32.45 3.73 16.96
CA THR A 37 -32.29 5.15 16.64
C THR A 37 -33.58 5.85 16.19
N PRO A 38 -34.57 5.20 15.54
CA PRO A 38 -35.84 5.91 15.32
C PRO A 38 -36.45 6.42 16.61
N GLU A 39 -36.79 5.50 17.55
CA GLU A 39 -37.28 5.89 18.87
C GLU A 39 -36.45 6.99 19.49
N ILE A 40 -35.12 6.89 19.38
CA ILE A 40 -34.25 7.83 20.06
C ILE A 40 -34.42 9.22 19.46
N ALA A 41 -34.32 9.32 18.13
CA ALA A 41 -34.57 10.60 17.45
C ALA A 41 -35.95 11.15 17.79
N THR A 42 -37.00 10.34 17.64
CA THR A 42 -38.36 10.80 17.94
C THR A 42 -38.40 11.40 19.34
N GLU A 43 -37.78 10.73 20.30
CA GLU A 43 -37.79 11.19 21.69
C GLU A 43 -36.99 12.49 21.82
N ALA A 44 -35.88 12.61 21.08
CA ALA A 44 -35.11 13.85 21.06
C ALA A 44 -35.88 14.95 20.32
N GLY A 45 -36.79 14.58 19.44
CA GLY A 45 -37.49 15.58 18.66
C GLY A 45 -36.68 16.07 17.48
N VAL A 46 -35.94 15.16 16.85
CA VAL A 46 -35.04 15.46 15.76
C VAL A 46 -35.19 14.33 14.74
N THR A 47 -34.60 14.52 13.57
CA THR A 47 -34.66 13.49 12.55
C THR A 47 -33.45 12.59 12.63
N ARG A 48 -33.67 11.32 12.25
CA ARG A 48 -32.58 10.36 12.17
C ARG A 48 -31.42 10.92 11.36
N GLY A 49 -31.73 11.74 10.35
CA GLY A 49 -30.69 12.36 9.55
C GLY A 49 -29.84 13.36 10.33
N ALA A 50 -30.49 14.23 11.10
CA ALA A 50 -29.70 15.21 11.86
C ALA A 50 -28.78 14.51 12.84
N MET A 51 -29.28 13.40 13.41
CA MET A 51 -28.50 12.57 14.28
C MET A 51 -27.28 11.99 13.59
N TYR A 52 -27.47 11.43 12.40
CA TYR A 52 -26.30 10.88 11.75
C TYR A 52 -25.36 11.94 11.23
N HIS A 53 -25.77 13.21 11.29
CA HIS A 53 -24.81 14.29 11.09
C HIS A 53 -24.00 14.55 12.36
N GLN A 54 -24.65 14.62 13.54
CA GLN A 54 -23.86 14.90 14.75
C GLN A 54 -23.02 13.71 15.18
N PHE A 55 -23.53 12.49 15.02
CA PHE A 55 -22.86 11.28 15.51
C PHE A 55 -22.59 10.32 14.37
N ALA A 56 -21.43 9.67 14.44
CA ALA A 56 -21.00 8.75 13.39
C ALA A 56 -22.03 7.66 13.15
N ASP A 57 -22.35 6.92 14.20
CA ASP A 57 -23.31 5.84 14.18
C ASP A 57 -23.89 5.63 15.55
N LYS A 58 -24.76 4.66 15.72
CA LYS A 58 -25.34 4.44 17.04
C LYS A 58 -24.27 4.31 18.11
N ALA A 59 -23.22 3.55 17.80
CA ALA A 59 -22.15 3.36 18.76
C ALA A 59 -21.55 4.69 19.22
N ALA A 60 -21.28 5.62 18.30
CA ALA A 60 -20.65 6.87 18.69
C ALA A 60 -21.54 7.67 19.65
N LEU A 61 -22.86 7.63 19.42
CA LEU A 61 -23.76 8.26 20.37
C LEU A 61 -23.71 7.57 21.73
N PHE A 62 -23.70 6.22 21.72
CA PHE A 62 -23.55 5.53 22.99
C PHE A 62 -22.27 5.96 23.71
N ARG A 63 -21.18 6.13 22.98
CA ARG A 63 -19.94 6.58 23.61
C ARG A 63 -20.14 7.92 24.30
N ASP A 64 -20.80 8.88 23.64
CA ASP A 64 -20.95 10.16 24.35
C ASP A 64 -21.90 10.05 25.54
N VAL A 65 -22.91 9.18 25.47
CA VAL A 65 -23.79 8.96 26.62
C VAL A 65 -22.99 8.41 27.80
N VAL A 66 -22.16 7.39 27.54
CA VAL A 66 -21.26 6.88 28.56
C VAL A 66 -20.47 8.01 29.20
N GLU A 67 -19.80 8.84 28.39
CA GLU A 67 -18.99 9.91 28.97
C GLU A 67 -19.81 10.74 29.96
N VAL A 68 -21.00 11.18 29.55
CA VAL A 68 -21.81 12.00 30.45
C VAL A 68 -22.10 11.25 31.76
N VAL A 69 -22.60 10.02 31.63
CA VAL A 69 -22.99 9.24 32.81
C VAL A 69 -21.79 9.04 33.72
N GLU A 70 -20.64 8.72 33.15
CA GLU A 70 -19.49 8.48 33.99
C GLU A 70 -19.12 9.73 34.79
N GLN A 71 -19.10 10.92 34.15
CA GLN A 71 -18.78 12.11 34.95
C GLN A 71 -19.86 12.40 36.00
N ASP A 72 -21.13 12.11 35.71
CA ASP A 72 -22.15 12.26 36.74
C ASP A 72 -21.88 11.32 37.91
N VAL A 73 -21.45 10.08 37.62
CA VAL A 73 -21.06 9.16 38.68
C VAL A 73 -19.97 9.78 39.55
N MET A 74 -18.87 10.23 38.93
CA MET A 74 -17.78 10.82 39.70
C MET A 74 -18.24 12.01 40.53
N ALA A 75 -19.06 12.89 39.95
CA ALA A 75 -19.55 14.04 40.69
C ALA A 75 -20.33 13.62 41.94
N ARG A 76 -21.32 12.73 41.76
CA ARG A 76 -22.12 12.28 42.90
C ARG A 76 -21.24 11.62 43.94
N MET A 77 -20.24 10.86 43.47
CA MET A 77 -19.34 10.17 44.38
C MET A 77 -18.54 11.15 45.22
N ALA A 78 -17.88 12.09 44.56
CA ALA A 78 -17.09 13.10 45.25
C ALA A 78 -17.92 13.93 46.23
N THR A 79 -19.15 14.31 45.85
CA THR A 79 -20.01 14.99 46.81
C THR A 79 -20.18 14.19 48.09
N LEU A 80 -20.57 12.90 47.97
CA LEU A 80 -20.83 12.12 49.16
C LEU A 80 -19.57 11.95 50.00
N VAL A 81 -18.43 11.74 49.33
CA VAL A 81 -17.19 11.48 50.07
C VAL A 81 -16.76 12.74 50.80
N ALA A 82 -16.90 13.90 50.16
CA ALA A 82 -16.61 15.16 50.85
C ALA A 82 -17.48 15.29 52.08
N ALA A 83 -18.75 14.90 51.98
CA ALA A 83 -19.63 15.02 53.15
C ALA A 83 -19.27 14.08 54.29
N SER A 84 -18.58 12.96 54.01
CA SER A 84 -18.21 12.04 55.08
C SER A 84 -17.31 12.68 56.14
N GLY A 85 -16.37 13.50 55.69
CA GLY A 85 -15.39 14.13 56.55
C GLY A 85 -14.19 13.26 56.85
N ALA A 86 -13.81 12.43 55.91
CA ALA A 86 -12.64 11.59 56.08
C ALA A 86 -11.39 12.45 56.10
N ALA A 87 -10.32 11.88 56.66
CA ALA A 87 -9.08 12.62 56.88
C ALA A 87 -7.83 11.88 56.46
N THR A 88 -7.91 10.59 56.18
CA THR A 88 -6.76 9.79 55.81
C THR A 88 -7.16 8.93 54.63
N PRO A 89 -6.20 8.51 53.81
CA PRO A 89 -6.52 7.66 52.66
C PRO A 89 -7.44 6.48 52.97
N ALA A 90 -7.23 5.81 54.10
CA ALA A 90 -8.11 4.70 54.50
C ALA A 90 -9.54 5.17 54.69
N ASP A 91 -9.72 6.26 55.44
CA ASP A 91 -11.05 6.78 55.64
C ASP A 91 -11.68 7.18 54.31
N ALA A 92 -10.86 7.70 53.38
CA ALA A 92 -11.34 8.02 52.04
C ALA A 92 -11.79 6.78 51.30
N ILE A 93 -11.03 5.69 51.40
CA ILE A 93 -11.42 4.45 50.74
C ILE A 93 -12.74 3.93 51.29
N ARG A 94 -12.87 3.88 52.61
CA ARG A 94 -14.13 3.44 53.19
C ARG A 94 -15.29 4.33 52.73
N ALA A 95 -15.12 5.65 52.81
CA ALA A 95 -16.19 6.54 52.37
C ALA A 95 -16.50 6.39 50.90
N ALA A 96 -15.48 6.06 50.10
CA ALA A 96 -15.69 5.81 48.68
C ALA A 96 -16.60 4.62 48.48
N VAL A 97 -16.32 3.51 49.17
CA VAL A 97 -17.18 2.34 49.04
C VAL A 97 -18.62 2.69 49.40
N ASP A 98 -18.82 3.32 50.55
CA ASP A 98 -20.20 3.69 50.90
C ASP A 98 -20.84 4.58 49.84
N ALA A 99 -20.05 5.45 49.22
CA ALA A 99 -20.61 6.29 48.16
C ALA A 99 -21.02 5.46 46.97
N TRP A 100 -20.14 4.57 46.51
CA TRP A 100 -20.48 3.77 45.34
C TRP A 100 -21.76 3.02 45.58
N LEU A 101 -21.94 2.49 46.80
CA LEU A 101 -23.19 1.84 47.16
C LEU A 101 -24.39 2.76 47.00
N GLU A 102 -24.23 4.04 47.35
CA GLU A 102 -25.32 5.00 47.12
C GLU A 102 -25.56 5.23 45.63
N VAL A 103 -24.49 5.46 44.87
CA VAL A 103 -24.65 5.93 43.50
C VAL A 103 -25.17 4.83 42.61
N SER A 104 -24.63 3.63 42.77
CA SER A 104 -25.02 2.47 41.99
C SER A 104 -26.46 2.04 42.28
N GLY A 105 -27.11 2.67 43.26
CA GLY A 105 -28.54 2.45 43.38
C GLY A 105 -29.30 2.91 42.15
N ASP A 106 -28.76 3.89 41.44
CA ASP A 106 -29.35 4.41 40.20
C ASP A 106 -29.31 3.32 39.14
N PRO A 107 -30.46 2.86 38.64
CA PRO A 107 -30.40 1.78 37.67
C PRO A 107 -29.83 2.23 36.35
N GLU A 108 -30.05 3.49 35.98
CA GLU A 108 -29.49 4.02 34.73
C GLU A 108 -27.98 3.81 34.69
N VAL A 109 -27.33 4.01 35.84
CA VAL A 109 -25.89 3.81 35.97
C VAL A 109 -25.53 2.35 35.79
N ARG A 110 -26.30 1.46 36.42
CA ARG A 110 -26.00 0.04 36.30
C ARG A 110 -26.20 -0.44 34.89
N GLN A 111 -27.27 0.03 34.24
CA GLN A 111 -27.59 -0.39 32.88
C GLN A 111 -26.51 0.04 31.91
N LEU A 112 -26.18 1.32 31.92
CA LEU A 112 -25.27 1.83 30.92
C LEU A 112 -23.82 1.43 31.21
N ILE A 113 -23.37 1.51 32.47
CA ILE A 113 -21.95 1.33 32.78
C ILE A 113 -21.59 -0.10 33.11
N LEU A 114 -22.42 -0.80 33.88
CA LEU A 114 -22.01 -2.10 34.37
C LEU A 114 -22.28 -3.21 33.37
N LEU A 115 -23.27 -3.01 32.48
CA LEU A 115 -23.76 -4.04 31.58
C LEU A 115 -23.41 -3.76 30.12
N ASP A 116 -23.94 -2.67 29.56
CA ASP A 116 -23.84 -2.40 28.12
C ASP A 116 -22.44 -1.97 27.70
N ALA A 117 -21.85 -1.04 28.45
CA ALA A 117 -20.60 -0.42 28.00
C ALA A 117 -19.53 -1.42 27.59
N PRO A 118 -19.18 -2.43 28.39
CA PRO A 118 -18.13 -3.36 27.93
C PRO A 118 -18.47 -4.05 26.63
N VAL A 119 -19.77 -4.28 26.36
CA VAL A 119 -20.15 -4.99 25.16
C VAL A 119 -20.11 -4.09 23.94
N VAL A 120 -20.66 -2.87 24.06
CA VAL A 120 -20.65 -1.93 22.95
C VAL A 120 -19.23 -1.47 22.62
N LEU A 121 -18.53 -0.87 23.58
CA LEU A 121 -17.19 -0.34 23.30
C LEU A 121 -16.08 -1.38 23.41
N GLY A 122 -16.39 -2.60 23.82
CA GLY A 122 -15.25 -3.46 24.04
C GLY A 122 -14.67 -3.28 25.43
N TRP A 123 -14.15 -4.36 25.98
CA TRP A 123 -13.66 -4.27 27.35
C TRP A 123 -12.51 -3.27 27.43
N ALA A 124 -11.55 -3.39 26.52
CA ALA A 124 -10.44 -2.45 26.49
C ALA A 124 -10.92 -1.03 26.17
N GLY A 125 -11.88 -0.87 25.26
CA GLY A 125 -12.38 0.45 24.96
C GLY A 125 -12.96 1.14 26.18
N PHE A 126 -13.91 0.48 26.83
CA PHE A 126 -14.50 1.07 28.03
C PHE A 126 -13.43 1.33 29.09
N ARG A 127 -12.42 0.45 29.19
CA ARG A 127 -11.38 0.70 30.19
C ARG A 127 -10.70 2.03 29.89
N ASP A 128 -10.35 2.24 28.63
CA ASP A 128 -9.78 3.52 28.21
C ASP A 128 -10.66 4.68 28.65
N VAL A 129 -11.98 4.47 28.73
CA VAL A 129 -12.86 5.54 29.21
C VAL A 129 -12.81 5.66 30.72
N ALA A 130 -12.89 4.54 31.42
CA ALA A 130 -13.00 4.61 32.86
C ALA A 130 -11.69 5.05 33.51
N GLN A 131 -10.59 4.92 32.78
CA GLN A 131 -9.32 5.32 33.34
C GLN A 131 -9.30 6.81 33.65
N ARG A 132 -10.11 7.60 32.94
CA ARG A 132 -10.17 9.02 33.18
C ARG A 132 -11.21 9.40 34.22
N TYR A 133 -11.91 8.42 34.79
CA TYR A 133 -12.94 8.67 35.78
C TYR A 133 -12.80 7.72 36.95
N SER A 134 -13.84 6.91 37.20
CA SER A 134 -13.87 6.09 38.41
C SER A 134 -12.61 5.23 38.54
N LEU A 135 -12.17 4.59 37.46
CA LEU A 135 -10.97 3.77 37.55
C LEU A 135 -9.79 4.60 38.03
N GLY A 136 -9.58 5.77 37.43
CA GLY A 136 -8.45 6.61 37.82
C GLY A 136 -8.56 7.07 39.26
N MET A 137 -9.78 7.36 39.72
CA MET A 137 -9.95 7.68 41.12
C MET A 137 -9.57 6.49 42.00
N THR A 138 -9.90 5.28 41.57
CA THR A 138 -9.47 4.12 42.33
C THR A 138 -7.95 4.00 42.34
N GLU A 139 -7.31 4.17 41.18
CA GLU A 139 -5.85 4.09 41.14
C GLU A 139 -5.22 5.12 42.07
N GLN A 140 -5.81 6.33 42.15
CA GLN A 140 -5.24 7.35 43.02
C GLN A 140 -5.49 7.03 44.49
N LEU A 141 -6.69 6.57 44.84
CA LEU A 141 -6.98 6.23 46.23
C LEU A 141 -6.06 5.13 46.73
N ILE A 142 -5.79 4.14 45.88
CA ILE A 142 -4.82 3.11 46.21
C ILE A 142 -3.45 3.74 46.37
N THR A 143 -3.04 4.54 45.39
CA THR A 143 -1.70 5.13 45.37
C THR A 143 -1.44 5.93 46.64
N GLU A 144 -2.41 6.77 47.03
CA GLU A 144 -2.27 7.52 48.27
C GLU A 144 -2.28 6.60 49.48
N ALA A 145 -3.08 5.55 49.44
CA ALA A 145 -3.07 4.65 50.58
C ALA A 145 -1.69 4.05 50.77
N ILE A 146 -1.01 3.73 49.66
CA ILE A 146 0.39 3.27 49.74
C ILE A 146 1.26 4.36 50.30
N ARG A 147 1.16 5.55 49.72
CA ARG A 147 2.01 6.68 50.10
C ARG A 147 1.94 6.91 51.60
N ALA A 148 0.76 6.82 52.19
CA ALA A 148 0.63 7.10 53.61
C ALA A 148 0.96 5.92 54.50
N GLY A 149 1.43 4.80 53.92
CA GLY A 149 1.78 3.60 54.67
C GLY A 149 0.61 2.86 55.25
N GLN A 150 -0.62 3.23 54.87
CA GLN A 150 -1.83 2.56 55.32
C GLN A 150 -2.10 1.29 54.53
N LEU A 151 -1.40 1.09 53.43
CA LEU A 151 -1.61 -0.05 52.54
C LEU A 151 -0.29 -0.51 51.93
N ALA A 152 -0.09 -1.84 51.87
CA ALA A 152 1.18 -2.43 51.46
C ALA A 152 1.49 -2.14 50.00
N ARG A 153 2.77 -1.90 49.72
CA ARG A 153 3.19 -1.61 48.35
C ARG A 153 2.90 -2.80 47.46
N GLN A 154 2.29 -2.53 46.31
CA GLN A 154 1.90 -3.58 45.37
C GLN A 154 1.59 -2.93 44.01
N PRO A 155 1.42 -3.75 42.95
CA PRO A 155 1.07 -3.18 41.64
C PRO A 155 -0.29 -2.50 41.72
N VAL A 156 -0.37 -1.27 41.23
CA VAL A 156 -1.56 -0.50 41.52
C VAL A 156 -2.68 -0.76 40.51
N ARG A 157 -2.39 -0.71 39.20
CA ARG A 157 -3.42 -1.00 38.20
C ARG A 157 -4.13 -2.33 38.45
N PRO A 158 -3.44 -3.45 38.71
CA PRO A 158 -4.19 -4.71 38.96
C PRO A 158 -5.13 -4.66 40.15
N LEU A 159 -4.67 -4.19 41.32
CA LEU A 159 -5.56 -4.01 42.45
C LEU A 159 -6.76 -3.15 42.08
N ALA A 160 -6.51 -2.01 41.43
CA ALA A 160 -7.62 -1.11 41.10
C ALA A 160 -8.67 -1.80 40.23
N GLN A 161 -8.23 -2.51 39.17
CA GLN A 161 -9.22 -3.17 38.32
C GLN A 161 -9.99 -4.25 39.10
N VAL A 162 -9.29 -5.06 39.91
CA VAL A 162 -9.93 -6.14 40.65
C VAL A 162 -10.95 -5.58 41.66
N LEU A 163 -10.56 -4.56 42.42
CA LEU A 163 -11.52 -3.96 43.34
C LEU A 163 -12.71 -3.39 42.59
N ILE A 164 -12.50 -2.86 41.38
CA ILE A 164 -13.63 -2.37 40.62
C ILE A 164 -14.60 -3.50 40.31
N GLY A 165 -14.08 -4.63 39.82
CA GLY A 165 -14.96 -5.75 39.54
C GLY A 165 -15.80 -6.15 40.74
N ALA A 166 -15.13 -6.32 41.89
CA ALA A 166 -15.85 -6.65 43.12
C ALA A 166 -16.93 -5.63 43.46
N LEU A 167 -16.64 -4.32 43.30
CA LEU A 167 -17.65 -3.31 43.61
C LEU A 167 -18.83 -3.37 42.65
N ASP A 168 -18.56 -3.51 41.35
CA ASP A 168 -19.63 -3.56 40.37
C ASP A 168 -20.59 -4.70 40.70
N GLU A 169 -20.06 -5.93 40.79
CA GLU A 169 -20.93 -7.07 41.05
C GLU A 169 -21.63 -6.92 42.40
N ALA A 170 -20.98 -6.28 43.38
CA ALA A 170 -21.69 -5.91 44.61
C ALA A 170 -22.95 -5.10 44.33
N ALA A 171 -22.84 -4.11 43.44
CA ALA A 171 -24.02 -3.30 43.12
C ALA A 171 -25.11 -4.13 42.43
N MET A 172 -24.73 -4.95 41.44
CA MET A 172 -25.75 -5.78 40.81
C MET A 172 -26.41 -6.69 41.84
N PHE A 173 -25.59 -7.23 42.75
CA PHE A 173 -26.10 -8.13 43.78
C PHE A 173 -27.14 -7.46 44.63
N ILE A 174 -26.86 -6.25 45.10
CA ILE A 174 -27.84 -5.58 45.94
C ILE A 174 -29.09 -5.26 45.15
N ALA A 175 -28.93 -4.78 43.91
CA ALA A 175 -30.09 -4.37 43.13
C ALA A 175 -31.04 -5.55 42.83
N THR A 176 -30.51 -6.74 42.57
CA THR A 176 -31.38 -7.82 42.13
C THR A 176 -31.83 -8.78 43.24
N ALA A 177 -31.32 -8.62 44.46
CA ALA A 177 -31.74 -9.52 45.54
C ALA A 177 -33.21 -9.28 45.92
N ASP A 178 -33.82 -10.31 46.51
CA ASP A 178 -35.25 -10.25 46.81
C ASP A 178 -35.56 -9.35 47.99
N ASP A 179 -34.66 -9.27 48.96
CA ASP A 179 -34.79 -8.32 50.08
C ASP A 179 -33.59 -7.39 49.98
N PRO A 180 -33.76 -6.24 49.33
CA PRO A 180 -32.60 -5.38 49.06
C PRO A 180 -32.05 -4.69 50.29
N LYS A 181 -32.89 -4.35 51.26
CA LYS A 181 -32.38 -3.69 52.47
C LYS A 181 -31.35 -4.58 53.16
N ARG A 182 -31.69 -5.85 53.34
CA ARG A 182 -30.77 -6.80 53.94
C ARG A 182 -29.55 -6.99 53.06
N ALA A 183 -29.75 -6.94 51.73
CA ALA A 183 -28.64 -7.13 50.79
C ALA A 183 -27.62 -6.01 50.88
N ARG A 184 -28.08 -4.76 50.99
CA ARG A 184 -27.15 -3.65 51.19
C ARG A 184 -26.40 -3.81 52.52
N ARG A 185 -27.11 -4.16 53.60
CA ARG A 185 -26.44 -4.32 54.88
C ARG A 185 -25.34 -5.40 54.78
N GLU A 186 -25.70 -6.60 54.29
CA GLU A 186 -24.75 -7.72 54.23
C GLU A 186 -23.63 -7.45 53.24
N THR A 187 -23.96 -6.87 52.08
CA THR A 187 -22.93 -6.62 51.08
C THR A 187 -21.95 -5.58 51.59
N ARG A 188 -22.48 -4.52 52.21
CA ARG A 188 -21.61 -3.54 52.85
C ARG A 188 -20.67 -4.21 53.84
N GLN A 189 -21.21 -5.14 54.63
CA GLN A 189 -20.39 -5.86 55.59
C GLN A 189 -19.19 -6.53 54.92
N VAL A 190 -19.43 -7.36 53.90
CA VAL A 190 -18.30 -8.13 53.34
C VAL A 190 -17.31 -7.22 52.62
N LEU A 191 -17.79 -6.13 52.03
CA LEU A 191 -16.85 -5.18 51.44
C LEU A 191 -15.99 -4.54 52.52
N ARG A 192 -16.61 -4.13 53.64
CA ARG A 192 -15.83 -3.55 54.72
C ARG A 192 -14.78 -4.52 55.23
N ARG A 193 -15.17 -5.77 55.50
CA ARG A 193 -14.19 -6.75 55.97
C ARG A 193 -13.07 -6.92 54.97
N LEU A 194 -13.44 -6.99 53.68
CA LEU A 194 -12.45 -7.13 52.61
C LEU A 194 -11.45 -6.00 52.64
N ILE A 195 -11.96 -4.77 52.75
CA ILE A 195 -11.11 -3.60 52.80
C ILE A 195 -10.19 -3.66 54.00
N ASP A 196 -10.76 -3.87 55.20
CA ASP A 196 -9.92 -3.89 56.40
C ASP A 196 -8.81 -4.92 56.29
N GLY A 197 -9.14 -6.10 55.77
CA GLY A 197 -8.10 -7.09 55.56
C GLY A 197 -7.07 -6.67 54.53
N MET A 198 -7.47 -5.78 53.60
CA MET A 198 -6.54 -5.28 52.60
C MET A 198 -5.63 -4.22 53.19
N LEU A 199 -6.17 -3.37 54.05
CA LEU A 199 -5.41 -2.35 54.78
C LEU A 199 -4.75 -3.06 55.95
N ASN A 200 -4.28 -2.31 56.94
CA ASN A 200 -3.64 -2.96 58.08
C ASN A 200 -4.60 -3.20 59.26
N ARG B 6 -52.56 -22.30 -3.84
CA ARG B 6 -52.55 -22.84 -2.49
C ARG B 6 -51.13 -23.15 -2.08
N THR B 7 -50.39 -23.83 -2.95
CA THR B 7 -49.02 -24.24 -2.64
C THR B 7 -48.07 -23.05 -2.70
N GLN B 8 -46.89 -23.25 -2.08
CA GLN B 8 -45.85 -22.21 -2.06
C GLN B 8 -45.19 -22.03 -3.41
N GLU B 9 -45.11 -23.07 -4.24
CA GLU B 9 -44.55 -22.87 -5.56
C GLU B 9 -45.37 -21.80 -6.29
N GLU B 10 -46.68 -21.84 -6.09
CA GLU B 10 -47.64 -20.89 -6.65
C GLU B 10 -47.57 -19.53 -5.95
N ARG B 11 -47.36 -19.53 -4.64
CA ARG B 11 -47.32 -18.28 -3.88
C ARG B 11 -46.09 -17.49 -4.22
N SER B 12 -44.94 -18.15 -4.32
CA SER B 12 -43.74 -17.49 -4.78
C SER B 12 -43.95 -16.92 -6.17
N ALA B 13 -44.35 -17.79 -7.11
CA ALA B 13 -44.49 -17.37 -8.50
C ALA B 13 -45.47 -16.22 -8.64
N ALA B 14 -46.53 -16.21 -7.84
CA ALA B 14 -47.51 -15.15 -7.94
C ALA B 14 -46.93 -13.82 -7.46
N THR B 15 -46.15 -13.87 -6.38
CA THR B 15 -45.55 -12.64 -5.88
C THR B 15 -44.48 -12.14 -6.84
N ARG B 16 -43.71 -13.04 -7.41
CA ARG B 16 -42.74 -12.66 -8.45
C ARG B 16 -43.46 -12.08 -9.66
N GLU B 17 -44.63 -12.63 -10.01
CA GLU B 17 -45.37 -12.12 -11.16
C GLU B 17 -45.88 -10.70 -10.90
N ALA B 18 -46.37 -10.43 -9.70
CA ALA B 18 -46.84 -9.08 -9.45
C ALA B 18 -45.68 -8.09 -9.37
N LEU B 19 -44.57 -8.50 -8.75
CA LEU B 19 -43.43 -7.63 -8.59
C LEU B 19 -42.80 -7.29 -9.94
N ILE B 20 -42.66 -8.29 -10.81
CA ILE B 20 -42.09 -8.05 -12.14
C ILE B 20 -43.03 -7.19 -12.98
N THR B 21 -44.33 -7.45 -12.87
CA THR B 21 -45.30 -6.61 -13.59
C THR B 21 -45.23 -5.14 -13.17
N GLY B 22 -45.24 -4.90 -11.86
CA GLY B 22 -45.21 -3.52 -11.39
C GLY B 22 -43.90 -2.84 -11.71
N ALA B 23 -42.78 -3.54 -11.48
CA ALA B 23 -41.49 -2.94 -11.75
C ALA B 23 -41.30 -2.65 -13.23
N ARG B 24 -41.84 -3.53 -14.09
CA ARG B 24 -41.80 -3.31 -15.53
C ARG B 24 -42.55 -2.03 -15.90
N LYS B 25 -43.80 -1.92 -15.44
CA LYS B 25 -44.58 -0.71 -15.71
C LYS B 25 -43.83 0.54 -15.26
N LEU B 26 -43.44 0.58 -13.98
CA LEU B 26 -42.94 1.81 -13.39
C LEU B 26 -41.55 2.15 -13.91
N TRP B 27 -40.64 1.20 -13.83
CA TRP B 27 -39.31 1.40 -14.38
C TRP B 27 -39.35 1.84 -15.83
N GLY B 28 -40.22 1.20 -16.62
CA GLY B 28 -40.37 1.59 -18.00
C GLY B 28 -40.89 3.00 -18.18
N LEU B 29 -41.76 3.44 -17.27
CA LEU B 29 -42.29 4.78 -17.40
C LEU B 29 -41.23 5.83 -17.02
N ARG B 30 -40.40 5.55 -16.01
CA ARG B 30 -39.59 6.62 -15.45
C ARG B 30 -38.10 6.32 -15.34
N GLY B 31 -37.66 5.11 -15.64
CA GLY B 31 -36.25 4.81 -15.50
C GLY B 31 -35.98 4.07 -14.20
N TYR B 32 -34.95 3.20 -14.24
CA TYR B 32 -34.60 2.39 -13.07
C TYR B 32 -34.09 3.24 -11.91
N ALA B 33 -33.32 4.29 -12.22
CA ALA B 33 -32.80 5.15 -11.16
C ALA B 33 -33.91 5.88 -10.42
N GLU B 34 -35.00 6.20 -11.10
CA GLU B 34 -36.00 7.14 -10.61
C GLU B 34 -37.19 6.51 -9.90
N VAL B 35 -37.23 5.19 -9.75
CA VAL B 35 -38.28 4.51 -8.99
C VAL B 35 -37.63 3.65 -7.93
N GLY B 36 -38.04 3.84 -6.66
CA GLY B 36 -37.52 3.04 -5.57
C GLY B 36 -38.38 1.82 -5.26
N THR B 37 -37.73 0.85 -4.60
CA THR B 37 -38.44 -0.37 -4.19
C THR B 37 -39.66 -0.15 -3.32
N PRO B 38 -39.77 0.91 -2.47
CA PRO B 38 -41.04 1.14 -1.77
C PRO B 38 -42.23 1.29 -2.71
N GLU B 39 -42.16 2.30 -3.59
CA GLU B 39 -43.15 2.51 -4.65
C GLU B 39 -43.46 1.23 -5.43
N ILE B 40 -42.43 0.44 -5.74
CA ILE B 40 -42.64 -0.75 -6.54
C ILE B 40 -43.45 -1.76 -5.76
N ALA B 41 -43.02 -2.04 -4.54
CA ALA B 41 -43.75 -2.93 -3.65
C ALA B 41 -45.20 -2.48 -3.51
N THR B 42 -45.39 -1.21 -3.17
CA THR B 42 -46.73 -0.68 -3.00
C THR B 42 -47.57 -0.94 -4.24
N GLU B 43 -47.02 -0.65 -5.42
CA GLU B 43 -47.84 -0.79 -6.63
C GLU B 43 -48.15 -2.26 -6.88
N ALA B 44 -47.21 -3.15 -6.55
CA ALA B 44 -47.41 -4.60 -6.67
C ALA B 44 -48.39 -5.15 -5.64
N GLY B 45 -48.60 -4.45 -4.53
CA GLY B 45 -49.46 -4.98 -3.49
C GLY B 45 -48.74 -5.98 -2.63
N VAL B 46 -47.46 -5.72 -2.33
CA VAL B 46 -46.62 -6.62 -1.55
C VAL B 46 -45.79 -5.78 -0.59
N THR B 47 -45.16 -6.43 0.37
CA THR B 47 -44.32 -5.75 1.34
C THR B 47 -42.88 -5.80 0.83
N ARG B 48 -42.12 -4.75 1.16
CA ARG B 48 -40.71 -4.75 0.76
C ARG B 48 -40.00 -6.04 1.20
N GLY B 49 -40.42 -6.60 2.34
CA GLY B 49 -39.77 -7.81 2.83
C GLY B 49 -39.96 -9.00 1.91
N ALA B 50 -41.20 -9.21 1.45
CA ALA B 50 -41.45 -10.36 0.58
C ALA B 50 -40.62 -10.23 -0.69
N MET B 51 -40.48 -9.00 -1.16
CA MET B 51 -39.64 -8.72 -2.32
C MET B 51 -38.20 -9.11 -2.08
N TYR B 52 -37.64 -8.70 -0.93
CA TYR B 52 -36.24 -9.08 -0.71
C TYR B 52 -36.06 -10.56 -0.37
N HIS B 53 -37.16 -11.30 -0.16
CA HIS B 53 -37.05 -12.75 -0.14
C HIS B 53 -37.03 -13.32 -1.55
N GLN B 54 -37.92 -12.83 -2.43
CA GLN B 54 -37.98 -13.40 -3.78
C GLN B 54 -36.77 -13.01 -4.62
N PHE B 55 -36.29 -11.79 -4.48
CA PHE B 55 -35.17 -11.28 -5.29
C PHE B 55 -34.05 -10.83 -4.36
N ALA B 56 -32.80 -11.10 -4.76
CA ALA B 56 -31.66 -10.74 -3.93
C ALA B 56 -31.65 -9.25 -3.63
N ASP B 57 -31.53 -8.42 -4.66
CA ASP B 57 -31.54 -6.97 -4.51
C ASP B 57 -32.33 -6.36 -5.65
N LYS B 58 -32.39 -5.01 -5.66
CA LYS B 58 -33.07 -4.31 -6.73
C LYS B 58 -32.57 -4.77 -8.10
N ALA B 59 -31.25 -4.93 -8.24
CA ALA B 59 -30.69 -5.36 -9.51
C ALA B 59 -31.25 -6.70 -9.97
N ALA B 60 -31.38 -7.67 -9.06
CA ALA B 60 -31.87 -8.99 -9.47
C ALA B 60 -33.30 -8.92 -10.01
N LEU B 61 -34.13 -8.08 -9.38
CA LEU B 61 -35.46 -7.86 -9.91
C LEU B 61 -35.38 -7.24 -11.30
N PHE B 62 -34.50 -6.25 -11.48
CA PHE B 62 -34.37 -5.69 -12.82
C PHE B 62 -33.96 -6.75 -13.83
N ARG B 63 -33.10 -7.69 -13.42
CA ARG B 63 -32.74 -8.76 -14.33
C ARG B 63 -33.96 -9.57 -14.75
N ASP B 64 -34.86 -9.90 -13.83
CA ASP B 64 -36.00 -10.66 -14.35
C ASP B 64 -36.94 -9.82 -15.22
N VAL B 65 -37.04 -8.50 -14.95
CA VAL B 65 -37.81 -7.62 -15.83
C VAL B 65 -37.20 -7.57 -17.24
N VAL B 66 -35.88 -7.38 -17.31
CA VAL B 66 -35.19 -7.45 -18.59
C VAL B 66 -35.56 -8.74 -19.31
N GLU B 67 -35.43 -9.87 -18.61
CA GLU B 67 -35.73 -11.15 -19.25
C GLU B 67 -37.11 -11.16 -19.90
N VAL B 68 -38.15 -10.83 -19.13
CA VAL B 68 -39.49 -10.88 -19.72
C VAL B 68 -39.58 -9.93 -20.90
N VAL B 69 -39.10 -8.69 -20.74
CA VAL B 69 -39.21 -7.69 -21.80
C VAL B 69 -38.50 -8.15 -23.06
N GLU B 70 -37.29 -8.68 -22.92
CA GLU B 70 -36.56 -9.09 -24.10
C GLU B 70 -37.31 -10.19 -24.83
N GLN B 71 -37.79 -11.23 -24.12
CA GLN B 71 -38.53 -12.26 -24.85
C GLN B 71 -39.81 -11.70 -25.46
N ASP B 72 -40.43 -10.72 -24.81
CA ASP B 72 -41.58 -10.05 -25.41
C ASP B 72 -41.20 -9.40 -26.74
N VAL B 73 -40.01 -8.78 -26.78
CA VAL B 73 -39.51 -8.16 -28.01
C VAL B 73 -39.40 -9.20 -29.12
N MET B 74 -38.75 -10.32 -28.83
CA MET B 74 -38.66 -11.36 -29.86
C MET B 74 -40.01 -11.89 -30.30
N ALA B 75 -40.94 -12.11 -29.37
CA ALA B 75 -42.27 -12.58 -29.78
C ALA B 75 -42.90 -11.62 -30.79
N ARG B 76 -42.95 -10.33 -30.44
CA ARG B 76 -43.60 -9.36 -31.32
C ARG B 76 -42.86 -9.29 -32.66
N MET B 77 -41.54 -9.34 -32.62
CA MET B 77 -40.78 -9.26 -33.87
C MET B 77 -41.04 -10.44 -34.79
N ALA B 78 -40.97 -11.67 -34.23
CA ALA B 78 -41.24 -12.89 -35.00
C ALA B 78 -42.65 -12.88 -35.57
N THR B 79 -43.61 -12.41 -34.79
CA THR B 79 -44.95 -12.22 -35.32
C THR B 79 -44.91 -11.36 -36.58
N LEU B 80 -44.29 -10.19 -36.51
CA LEU B 80 -44.30 -9.31 -37.69
C LEU B 80 -43.55 -9.93 -38.87
N VAL B 81 -42.46 -10.65 -38.60
CA VAL B 81 -41.66 -11.17 -39.71
C VAL B 81 -42.41 -12.31 -40.41
N ALA B 82 -43.13 -13.17 -39.65
CA ALA B 82 -43.89 -14.24 -40.29
C ALA B 82 -44.92 -13.73 -41.28
N ALA B 83 -45.64 -12.65 -40.94
CA ALA B 83 -46.70 -12.13 -41.80
C ALA B 83 -46.18 -11.48 -43.09
N SER B 84 -44.92 -11.02 -43.08
CA SER B 84 -44.32 -10.35 -44.23
C SER B 84 -44.19 -11.27 -45.45
N GLY B 85 -43.94 -12.54 -45.21
CA GLY B 85 -43.80 -13.52 -46.27
C GLY B 85 -42.43 -13.57 -46.87
N ALA B 86 -41.40 -13.37 -46.05
CA ALA B 86 -40.06 -13.52 -46.55
C ALA B 86 -39.79 -14.98 -46.90
N ALA B 87 -38.79 -15.15 -47.76
CA ALA B 87 -38.46 -16.46 -48.34
C ALA B 87 -36.97 -16.76 -48.39
N THR B 88 -36.10 -15.79 -48.21
CA THR B 88 -34.67 -16.02 -48.26
C THR B 88 -34.05 -15.24 -47.12
N PRO B 89 -32.87 -15.63 -46.65
CA PRO B 89 -32.22 -14.87 -45.58
C PRO B 89 -32.21 -13.37 -45.80
N ALA B 90 -31.95 -12.90 -47.03
CA ALA B 90 -31.98 -11.47 -47.30
C ALA B 90 -33.35 -10.85 -47.00
N ASP B 91 -34.41 -11.49 -47.48
CA ASP B 91 -35.75 -10.97 -47.20
C ASP B 91 -36.03 -10.98 -45.71
N ALA B 92 -35.51 -11.99 -45.00
CA ALA B 92 -35.67 -12.08 -43.56
C ALA B 92 -35.03 -10.90 -42.89
N ILE B 93 -33.84 -10.53 -43.36
CA ILE B 93 -33.13 -9.38 -42.81
C ILE B 93 -33.91 -8.08 -43.02
N ARG B 94 -34.35 -7.81 -44.25
CA ARG B 94 -35.15 -6.60 -44.44
C ARG B 94 -36.40 -6.59 -43.56
N ALA B 95 -37.12 -7.70 -43.52
CA ALA B 95 -38.35 -7.77 -42.73
C ALA B 95 -38.06 -7.65 -41.25
N ALA B 96 -36.89 -8.13 -40.81
CA ALA B 96 -36.49 -7.96 -39.42
C ALA B 96 -36.29 -6.50 -39.09
N VAL B 97 -35.53 -5.78 -39.92
CA VAL B 97 -35.31 -4.36 -39.66
C VAL B 97 -36.64 -3.65 -39.54
N ASP B 98 -37.52 -3.80 -40.55
CA ASP B 98 -38.83 -3.15 -40.47
C ASP B 98 -39.57 -3.54 -39.19
N ALA B 99 -39.41 -4.80 -38.76
CA ALA B 99 -40.11 -5.24 -37.56
C ALA B 99 -39.59 -4.50 -36.35
N TRP B 100 -38.26 -4.43 -36.20
CA TRP B 100 -37.70 -3.75 -35.04
C TRP B 100 -38.15 -2.30 -35.03
N LEU B 101 -38.17 -1.65 -36.19
CA LEU B 101 -38.68 -0.28 -36.28
C LEU B 101 -40.08 -0.18 -35.70
N GLU B 102 -40.92 -1.19 -35.94
CA GLU B 102 -42.25 -1.17 -35.33
C GLU B 102 -42.21 -1.42 -33.82
N VAL B 103 -41.45 -2.41 -33.36
CA VAL B 103 -41.56 -2.84 -31.97
C VAL B 103 -40.96 -1.80 -31.04
N SER B 104 -39.81 -1.25 -31.44
CA SER B 104 -39.07 -0.23 -30.72
C SER B 104 -39.87 1.07 -30.61
N GLY B 105 -41.04 1.10 -31.25
CA GLY B 105 -41.97 2.18 -30.99
C GLY B 105 -42.43 2.22 -29.54
N ASP B 106 -42.40 1.07 -28.84
CA ASP B 106 -42.74 0.98 -27.42
C ASP B 106 -41.73 1.71 -26.54
N PRO B 107 -42.13 2.74 -25.80
CA PRO B 107 -41.15 3.43 -24.95
C PRO B 107 -40.66 2.58 -23.78
N GLU B 108 -41.48 1.64 -23.28
CA GLU B 108 -41.03 0.70 -22.25
C GLU B 108 -39.81 -0.06 -22.74
N VAL B 109 -39.82 -0.48 -24.01
CA VAL B 109 -38.71 -1.21 -24.62
C VAL B 109 -37.48 -0.33 -24.71
N ARG B 110 -37.66 0.93 -25.14
CA ARG B 110 -36.52 1.85 -25.22
C ARG B 110 -35.94 2.18 -23.85
N GLN B 111 -36.80 2.42 -22.86
CA GLN B 111 -36.30 2.74 -21.52
C GLN B 111 -35.53 1.57 -20.92
N LEU B 112 -36.13 0.39 -20.90
CA LEU B 112 -35.53 -0.73 -20.18
C LEU B 112 -34.32 -1.29 -20.93
N ILE B 113 -34.47 -1.51 -22.23
CA ILE B 113 -33.47 -2.27 -22.99
C ILE B 113 -32.39 -1.39 -23.60
N LEU B 114 -32.76 -0.22 -24.12
CA LEU B 114 -31.81 0.58 -24.87
C LEU B 114 -30.97 1.46 -23.97
N LEU B 115 -31.49 1.82 -22.80
CA LEU B 115 -30.86 2.79 -21.92
C LEU B 115 -30.36 2.14 -20.64
N ASP B 116 -31.26 1.62 -19.79
CA ASP B 116 -30.88 1.22 -18.42
C ASP B 116 -30.05 -0.05 -18.43
N ALA B 117 -30.50 -1.08 -19.16
CA ALA B 117 -29.93 -2.41 -19.03
C ALA B 117 -28.41 -2.42 -19.06
N PRO B 118 -27.74 -1.83 -20.04
CA PRO B 118 -26.27 -1.82 -19.98
C PRO B 118 -25.74 -1.12 -18.73
N VAL B 119 -26.46 -0.18 -18.15
CA VAL B 119 -25.95 0.47 -16.94
C VAL B 119 -26.17 -0.39 -15.71
N VAL B 120 -27.39 -0.89 -15.55
CA VAL B 120 -27.73 -1.71 -14.39
C VAL B 120 -26.92 -3.01 -14.38
N LEU B 121 -26.98 -3.80 -15.46
CA LEU B 121 -26.26 -5.08 -15.56
C LEU B 121 -24.82 -4.97 -16.06
N GLY B 122 -24.38 -3.83 -16.54
CA GLY B 122 -23.07 -3.83 -17.16
C GLY B 122 -23.18 -4.27 -18.60
N TRP B 123 -22.28 -3.78 -19.46
CA TRP B 123 -22.48 -4.04 -20.88
C TRP B 123 -22.39 -5.54 -21.19
N ALA B 124 -21.32 -6.19 -20.75
CA ALA B 124 -21.17 -7.63 -20.97
C ALA B 124 -22.30 -8.41 -20.30
N GLY B 125 -22.81 -7.93 -19.17
CA GLY B 125 -23.93 -8.62 -18.54
C GLY B 125 -25.14 -8.67 -19.45
N PHE B 126 -25.59 -7.50 -19.90
CA PHE B 126 -26.73 -7.46 -20.81
C PHE B 126 -26.43 -8.26 -22.08
N ARG B 127 -25.18 -8.22 -22.56
CA ARG B 127 -24.83 -9.01 -23.74
C ARG B 127 -25.08 -10.49 -23.49
N ASP B 128 -24.59 -11.01 -22.37
CA ASP B 128 -24.90 -12.39 -22.01
C ASP B 128 -26.40 -12.65 -22.06
N VAL B 129 -27.22 -11.62 -21.80
CA VAL B 129 -28.66 -11.80 -21.92
C VAL B 129 -29.12 -11.75 -23.39
N ALA B 130 -28.59 -10.83 -24.18
CA ALA B 130 -29.14 -10.67 -25.52
C ALA B 130 -28.75 -11.80 -26.47
N GLN B 131 -27.66 -12.53 -26.19
CA GLN B 131 -27.23 -13.65 -27.04
C GLN B 131 -28.30 -14.72 -27.14
N ARG B 132 -29.14 -14.83 -26.12
CA ARG B 132 -30.26 -15.76 -26.05
C ARG B 132 -31.53 -15.15 -26.63
N TYR B 133 -31.47 -13.91 -27.11
CA TYR B 133 -32.65 -13.27 -27.70
C TYR B 133 -32.28 -12.51 -28.97
N SER B 134 -32.57 -11.21 -29.00
CA SER B 134 -32.42 -10.44 -30.24
C SER B 134 -30.99 -10.54 -30.79
N LEU B 135 -29.98 -10.45 -29.93
CA LEU B 135 -28.62 -10.59 -30.44
C LEU B 135 -28.44 -11.92 -31.14
N GLY B 136 -28.82 -13.02 -30.48
CA GLY B 136 -28.61 -14.32 -31.07
C GLY B 136 -29.35 -14.49 -32.38
N MET B 137 -30.55 -13.93 -32.48
CA MET B 137 -31.26 -13.95 -33.76
C MET B 137 -30.51 -13.19 -34.84
N THR B 138 -29.92 -12.06 -34.48
CA THR B 138 -29.11 -11.37 -35.47
C THR B 138 -27.97 -12.26 -35.95
N GLU B 139 -27.31 -12.95 -35.03
CA GLU B 139 -26.26 -13.90 -35.43
C GLU B 139 -26.79 -15.00 -36.35
N GLN B 140 -28.01 -15.47 -36.11
CA GLN B 140 -28.52 -16.51 -37.00
C GLN B 140 -28.85 -15.95 -38.38
N LEU B 141 -29.47 -14.76 -38.43
CA LEU B 141 -29.80 -14.13 -39.72
C LEU B 141 -28.55 -13.87 -40.55
N ILE B 142 -27.49 -13.42 -39.91
CA ILE B 142 -26.24 -13.25 -40.64
C ILE B 142 -25.73 -14.58 -41.11
N THR B 143 -25.65 -15.55 -40.19
CA THR B 143 -25.07 -16.85 -40.49
C THR B 143 -25.77 -17.52 -41.66
N GLU B 144 -27.11 -17.53 -41.65
CA GLU B 144 -27.82 -18.11 -42.77
C GLU B 144 -27.65 -17.27 -44.04
N ALA B 145 -27.61 -15.94 -43.92
CA ALA B 145 -27.39 -15.13 -45.12
C ALA B 145 -26.05 -15.42 -45.76
N ILE B 146 -25.03 -15.70 -44.95
CA ILE B 146 -23.75 -16.16 -45.46
C ILE B 146 -23.92 -17.50 -46.16
N ARG B 147 -24.54 -18.46 -45.45
CA ARG B 147 -24.71 -19.78 -46.02
C ARG B 147 -25.36 -19.72 -47.39
N ALA B 148 -26.37 -18.88 -47.54
CA ALA B 148 -27.12 -18.84 -48.78
C ALA B 148 -26.45 -18.03 -49.86
N GLY B 149 -25.20 -17.61 -49.65
CA GLY B 149 -24.42 -16.86 -50.62
C GLY B 149 -24.90 -15.45 -50.89
N GLN B 150 -25.80 -14.93 -50.07
CA GLN B 150 -26.29 -13.57 -50.27
C GLN B 150 -25.40 -12.53 -49.61
N LEU B 151 -24.49 -12.96 -48.72
CA LEU B 151 -23.65 -12.05 -47.95
C LEU B 151 -22.28 -12.67 -47.74
N ALA B 152 -21.23 -11.85 -47.92
CA ALA B 152 -19.86 -12.34 -47.95
C ALA B 152 -19.48 -12.89 -46.59
N ARG B 153 -18.69 -13.96 -46.61
CA ARG B 153 -18.21 -14.54 -45.36
C ARG B 153 -17.35 -13.53 -44.61
N GLN B 154 -17.61 -13.38 -43.32
CA GLN B 154 -16.91 -12.41 -42.49
C GLN B 154 -17.12 -12.79 -41.03
N PRO B 155 -16.40 -12.16 -40.09
CA PRO B 155 -16.60 -12.51 -38.68
C PRO B 155 -18.04 -12.18 -38.27
N VAL B 156 -18.71 -13.13 -37.64
CA VAL B 156 -20.15 -12.96 -37.50
C VAL B 156 -20.50 -12.16 -36.25
N ARG B 157 -19.97 -12.56 -35.08
CA ARG B 157 -20.26 -11.83 -33.84
C ARG B 157 -20.03 -10.32 -33.96
N PRO B 158 -18.88 -9.82 -34.45
CA PRO B 158 -18.72 -8.35 -34.57
C PRO B 158 -19.76 -7.69 -35.46
N LEU B 159 -20.00 -8.21 -36.66
CA LEU B 159 -21.04 -7.66 -37.54
C LEU B 159 -22.39 -7.59 -36.82
N ALA B 160 -22.79 -8.68 -36.17
CA ALA B 160 -24.07 -8.67 -35.46
C ALA B 160 -24.12 -7.55 -34.42
N GLN B 161 -23.08 -7.43 -33.58
CA GLN B 161 -23.11 -6.41 -32.53
C GLN B 161 -23.18 -5.01 -33.11
N VAL B 162 -22.42 -4.76 -34.17
CA VAL B 162 -22.36 -3.45 -34.79
C VAL B 162 -23.71 -3.07 -35.42
N LEU B 163 -24.34 -4.01 -36.16
CA LEU B 163 -25.67 -3.78 -36.71
C LEU B 163 -26.72 -3.55 -35.63
N ILE B 164 -26.64 -4.28 -34.51
CA ILE B 164 -27.53 -4.02 -33.37
C ILE B 164 -27.33 -2.60 -32.85
N GLY B 165 -26.08 -2.17 -32.67
CA GLY B 165 -25.84 -0.82 -32.23
C GLY B 165 -26.50 0.20 -33.14
N ALA B 166 -26.32 0.02 -34.46
CA ALA B 166 -26.93 0.89 -35.46
C ALA B 166 -28.46 0.95 -35.34
N LEU B 167 -29.10 -0.21 -35.21
CA LEU B 167 -30.57 -0.26 -35.11
C LEU B 167 -31.06 0.41 -33.83
N ASP B 168 -30.38 0.19 -32.71
CA ASP B 168 -30.78 0.82 -31.45
C ASP B 168 -30.76 2.33 -31.56
N GLU B 169 -29.61 2.90 -31.95
CA GLU B 169 -29.57 4.36 -32.01
C GLU B 169 -30.57 4.87 -33.05
N ALA B 170 -30.83 4.11 -34.13
CA ALA B 170 -31.91 4.44 -35.06
C ALA B 170 -33.26 4.58 -34.35
N ALA B 171 -33.60 3.62 -33.49
CA ALA B 171 -34.89 3.70 -32.81
C ALA B 171 -34.95 4.90 -31.88
N MET B 172 -33.88 5.14 -31.09
CA MET B 172 -33.91 6.33 -30.24
C MET B 172 -34.07 7.60 -31.07
N PHE B 173 -33.38 7.66 -32.22
CA PHE B 173 -33.44 8.82 -33.09
C PHE B 173 -34.87 9.07 -33.55
N ILE B 174 -35.56 8.02 -33.97
CA ILE B 174 -36.92 8.18 -34.44
C ILE B 174 -37.84 8.61 -33.29
N ALA B 175 -37.68 8.00 -32.11
CA ALA B 175 -38.58 8.35 -31.01
C ALA B 175 -38.43 9.82 -30.60
N THR B 176 -37.21 10.33 -30.53
CA THR B 176 -37.04 11.66 -29.96
C THR B 176 -37.04 12.77 -31.01
N ALA B 177 -37.22 12.43 -32.29
CA ALA B 177 -37.23 13.43 -33.34
C ALA B 177 -38.41 14.38 -33.20
N ASP B 178 -38.28 15.56 -33.83
CA ASP B 178 -39.31 16.59 -33.69
C ASP B 178 -40.58 16.22 -34.44
N ASP B 179 -40.44 15.54 -35.58
CA ASP B 179 -41.59 14.95 -36.27
C ASP B 179 -41.25 13.47 -36.44
N PRO B 180 -41.85 12.57 -35.67
CA PRO B 180 -41.43 11.17 -35.76
C PRO B 180 -41.77 10.50 -37.10
N LYS B 181 -42.86 10.85 -37.78
CA LYS B 181 -43.15 10.16 -39.04
C LYS B 181 -42.02 10.35 -40.04
N ARG B 182 -41.55 11.59 -40.20
CA ARG B 182 -40.50 11.84 -41.18
C ARG B 182 -39.23 11.09 -40.80
N ALA B 183 -38.93 11.04 -39.49
CA ALA B 183 -37.74 10.38 -38.99
C ALA B 183 -37.80 8.88 -39.21
N ARG B 184 -38.97 8.27 -39.01
CA ARG B 184 -39.11 6.86 -39.28
C ARG B 184 -38.92 6.56 -40.76
N ARG B 185 -39.56 7.34 -41.64
CA ARG B 185 -39.40 7.12 -43.08
C ARG B 185 -37.93 7.28 -43.50
N GLU B 186 -37.28 8.39 -43.11
CA GLU B 186 -35.91 8.64 -43.53
C GLU B 186 -34.94 7.64 -42.93
N THR B 187 -35.15 7.27 -41.66
CA THR B 187 -34.26 6.32 -41.00
C THR B 187 -34.38 4.96 -41.66
N ARG B 188 -35.60 4.54 -41.95
CA ARG B 188 -35.76 3.31 -42.69
C ARG B 188 -34.98 3.37 -43.99
N GLN B 189 -35.01 4.52 -44.65
CA GLN B 189 -34.25 4.68 -45.89
C GLN B 189 -32.76 4.36 -45.68
N VAL B 190 -32.11 5.02 -44.71
CA VAL B 190 -30.65 4.84 -44.61
C VAL B 190 -30.30 3.44 -44.14
N LEU B 191 -31.18 2.83 -43.32
CA LEU B 191 -30.99 1.44 -42.93
C LEU B 191 -31.10 0.50 -44.14
N ARG B 192 -32.12 0.71 -44.98
CA ARG B 192 -32.27 -0.11 -46.19
C ARG B 192 -31.06 0.01 -47.10
N ARG B 193 -30.61 1.24 -47.38
CA ARG B 193 -29.44 1.43 -48.24
C ARG B 193 -28.25 0.72 -47.63
N LEU B 194 -28.10 0.83 -46.31
CA LEU B 194 -27.01 0.20 -45.61
C LEU B 194 -27.03 -1.31 -45.83
N ILE B 195 -28.21 -1.90 -45.64
CA ILE B 195 -28.36 -3.34 -45.81
C ILE B 195 -28.01 -3.73 -47.24
N ASP B 196 -28.65 -3.09 -48.21
CA ASP B 196 -28.49 -3.44 -49.62
C ASP B 196 -27.04 -3.37 -50.05
N GLY B 197 -26.32 -2.35 -49.57
CA GLY B 197 -24.89 -2.28 -49.77
C GLY B 197 -24.12 -3.32 -49.01
N MET B 198 -24.69 -3.85 -47.93
CA MET B 198 -24.05 -4.93 -47.17
C MET B 198 -24.26 -6.27 -47.87
N LEU B 199 -25.47 -6.50 -48.38
CA LEU B 199 -25.82 -7.68 -49.16
C LEU B 199 -25.39 -7.47 -50.60
N ASN B 200 -25.89 -8.29 -51.51
CA ASN B 200 -25.43 -8.20 -52.89
C ASN B 200 -26.27 -7.19 -53.67
N THR C 7 -8.04 36.79 -7.32
CA THR C 7 -9.36 37.36 -7.61
C THR C 7 -10.40 36.47 -6.95
N GLN C 8 -11.63 36.98 -6.76
CA GLN C 8 -12.70 36.17 -6.17
C GLN C 8 -13.35 35.23 -7.19
N GLU C 9 -13.70 35.74 -8.37
CA GLU C 9 -14.28 34.83 -9.36
C GLU C 9 -13.21 33.96 -10.02
N GLU C 10 -11.97 34.43 -10.09
CA GLU C 10 -10.90 33.59 -10.60
C GLU C 10 -10.73 32.32 -9.75
N ARG C 11 -11.02 32.41 -8.45
CA ARG C 11 -10.93 31.25 -7.56
C ARG C 11 -12.07 30.25 -7.83
N SER C 12 -13.30 30.74 -8.10
CA SER C 12 -14.42 29.86 -8.42
C SER C 12 -14.05 28.84 -9.49
N ALA C 13 -13.44 29.30 -10.59
CA ALA C 13 -13.03 28.39 -11.65
C ALA C 13 -12.06 27.32 -11.13
N ALA C 14 -11.22 27.66 -10.15
CA ALA C 14 -10.21 26.70 -9.70
C ALA C 14 -10.87 25.53 -8.94
N THR C 15 -11.89 25.82 -8.12
CA THR C 15 -12.63 24.77 -7.41
C THR C 15 -13.49 23.95 -8.37
N ARG C 16 -14.07 24.62 -9.38
CA ARG C 16 -14.81 23.93 -10.44
C ARG C 16 -13.90 22.99 -11.22
N GLU C 17 -12.65 23.40 -11.47
CA GLU C 17 -11.70 22.51 -12.13
C GLU C 17 -11.31 21.35 -11.22
N ALA C 18 -11.18 21.61 -9.92
CA ALA C 18 -10.83 20.51 -9.03
C ALA C 18 -11.95 19.46 -8.97
N LEU C 19 -13.20 19.93 -8.90
CA LEU C 19 -14.36 19.05 -8.90
C LEU C 19 -14.54 18.31 -10.24
N ILE C 20 -14.35 19.02 -11.35
CA ILE C 20 -14.51 18.40 -12.65
C ILE C 20 -13.45 17.35 -12.88
N THR C 21 -12.20 17.66 -12.51
CA THR C 21 -11.13 16.67 -12.62
C THR C 21 -11.45 15.45 -11.78
N GLY C 22 -11.88 15.67 -10.54
CA GLY C 22 -12.12 14.55 -9.64
C GLY C 22 -13.27 13.68 -10.08
N ALA C 23 -14.40 14.29 -10.44
CA ALA C 23 -15.54 13.50 -10.88
C ALA C 23 -15.23 12.77 -12.17
N ARG C 24 -14.43 13.37 -13.03
CA ARG C 24 -13.99 12.67 -14.24
C ARG C 24 -13.17 11.44 -13.89
N LYS C 25 -12.15 11.59 -13.03
CA LYS C 25 -11.38 10.42 -12.62
C LYS C 25 -12.27 9.33 -12.03
N LEU C 26 -13.10 9.69 -11.04
CA LEU C 26 -13.84 8.70 -10.24
C LEU C 26 -15.00 8.10 -11.02
N TRP C 27 -15.86 8.95 -11.57
CA TRP C 27 -16.93 8.48 -12.42
C TRP C 27 -16.38 7.64 -13.57
N GLY C 28 -15.27 8.10 -14.15
CA GLY C 28 -14.63 7.33 -15.22
C GLY C 28 -14.14 5.97 -14.75
N LEU C 29 -13.72 5.87 -13.48
CA LEU C 29 -13.24 4.59 -12.96
C LEU C 29 -14.39 3.65 -12.61
N ARG C 30 -15.52 4.15 -12.09
CA ARG C 30 -16.54 3.26 -11.53
C ARG C 30 -18.00 3.51 -11.96
N GLY C 31 -18.31 4.59 -12.68
CA GLY C 31 -19.70 4.86 -13.01
C GLY C 31 -20.31 5.97 -12.17
N TYR C 32 -21.29 6.68 -12.75
CA TYR C 32 -21.88 7.83 -12.06
C TYR C 32 -22.66 7.40 -10.82
N ALA C 33 -23.38 6.29 -10.92
CA ALA C 33 -24.18 5.79 -9.81
C ALA C 33 -23.33 5.35 -8.62
N GLU C 34 -22.09 4.90 -8.88
CA GLU C 34 -21.26 4.19 -7.92
C GLU C 34 -20.26 5.11 -7.23
N VAL C 35 -20.29 6.41 -7.50
CA VAL C 35 -19.51 7.37 -6.74
C VAL C 35 -20.47 8.47 -6.30
N GLY C 36 -20.49 8.75 -5.03
CA GLY C 36 -21.35 9.79 -4.49
C GLY C 36 -20.64 11.12 -4.40
N THR C 37 -21.44 12.17 -4.23
CA THR C 37 -20.86 13.50 -4.04
C THR C 37 -19.89 13.62 -2.86
N PRO C 38 -20.07 12.91 -1.70
CA PRO C 38 -19.04 12.96 -0.67
C PRO C 38 -17.66 12.51 -1.13
N GLU C 39 -17.54 11.27 -1.60
CA GLU C 39 -16.27 10.81 -2.16
C GLU C 39 -15.65 11.83 -3.11
N ILE C 40 -16.48 12.40 -3.98
CA ILE C 40 -16.00 13.28 -5.05
C ILE C 40 -15.45 14.58 -4.47
N ALA C 41 -16.24 15.22 -3.60
CA ALA C 41 -15.78 16.41 -2.89
C ALA C 41 -14.47 16.16 -2.16
N THR C 42 -14.40 15.06 -1.38
CA THR C 42 -13.18 14.71 -0.66
C THR C 42 -11.98 14.67 -1.58
N GLU C 43 -12.11 13.95 -2.69
CA GLU C 43 -10.98 13.78 -3.60
C GLU C 43 -10.59 15.10 -4.27
N ALA C 44 -11.57 15.97 -4.54
CA ALA C 44 -11.28 17.30 -5.10
C ALA C 44 -10.58 18.23 -4.11
N GLY C 45 -10.75 18.00 -2.80
CA GLY C 45 -10.24 18.94 -1.82
C GLY C 45 -11.14 20.13 -1.56
N VAL C 46 -12.47 19.92 -1.58
CA VAL C 46 -13.46 20.97 -1.33
C VAL C 46 -14.60 20.34 -0.53
N THR C 47 -15.53 21.18 -0.04
CA THR C 47 -16.67 20.71 0.73
C THR C 47 -17.92 20.54 -0.14
N ARG C 48 -18.76 19.57 0.23
CA ARG C 48 -20.02 19.36 -0.49
C ARG C 48 -20.81 20.66 -0.67
N GLY C 49 -20.75 21.55 0.32
CA GLY C 49 -21.49 22.79 0.19
C GLY C 49 -21.00 23.64 -0.96
N ALA C 50 -19.67 23.76 -1.08
CA ALA C 50 -19.11 24.56 -2.17
C ALA C 50 -19.49 23.97 -3.52
N MET C 51 -19.48 22.65 -3.62
CA MET C 51 -19.90 22.01 -4.85
C MET C 51 -21.34 22.37 -5.18
N TYR C 52 -22.24 22.22 -4.22
CA TYR C 52 -23.63 22.53 -4.53
C TYR C 52 -23.86 24.02 -4.70
N HIS C 53 -22.85 24.85 -4.38
CA HIS C 53 -22.92 26.26 -4.76
C HIS C 53 -22.49 26.49 -6.20
N GLN C 54 -21.37 25.86 -6.64
CA GLN C 54 -20.91 26.02 -8.01
C GLN C 54 -21.81 25.29 -9.00
N PHE C 55 -22.32 24.12 -8.64
CA PHE C 55 -23.12 23.29 -9.52
C PHE C 55 -24.51 23.09 -8.93
N ALA C 56 -25.50 23.03 -9.81
CA ALA C 56 -26.88 22.83 -9.37
C ALA C 56 -27.04 21.53 -8.59
N ASP C 57 -26.81 20.38 -9.26
CA ASP C 57 -26.86 19.07 -8.63
C ASP C 57 -25.77 18.17 -9.20
N LYS C 58 -25.73 16.91 -8.73
CA LYS C 58 -24.77 15.93 -9.24
C LYS C 58 -24.84 15.87 -10.75
N ALA C 59 -26.06 15.84 -11.30
CA ALA C 59 -26.26 15.79 -12.73
C ALA C 59 -25.52 16.90 -13.46
N ALA C 60 -25.62 18.13 -12.97
CA ALA C 60 -24.99 19.26 -13.65
C ALA C 60 -23.46 19.14 -13.66
N LEU C 61 -22.89 18.64 -12.56
CA LEU C 61 -21.46 18.37 -12.57
C LEU C 61 -21.11 17.31 -13.62
N PHE C 62 -21.97 16.29 -13.76
CA PHE C 62 -21.79 15.29 -14.82
C PHE C 62 -21.85 15.93 -16.20
N ARG C 63 -22.71 16.93 -16.39
CA ARG C 63 -22.78 17.68 -17.64
C ARG C 63 -21.45 18.34 -17.96
N ASP C 64 -20.86 19.05 -17.01
CA ASP C 64 -19.59 19.65 -17.41
C ASP C 64 -18.47 18.59 -17.59
N VAL C 65 -18.52 17.48 -16.85
CA VAL C 65 -17.54 16.42 -17.08
C VAL C 65 -17.65 15.87 -18.49
N VAL C 66 -18.88 15.56 -18.91
CA VAL C 66 -19.15 15.10 -20.27
C VAL C 66 -18.55 16.06 -21.30
N GLU C 67 -18.86 17.36 -21.16
CA GLU C 67 -18.34 18.35 -22.09
C GLU C 67 -16.82 18.25 -22.23
N VAL C 68 -16.12 18.25 -21.10
CA VAL C 68 -14.65 18.19 -21.15
C VAL C 68 -14.19 16.93 -21.87
N VAL C 69 -14.77 15.78 -21.50
CA VAL C 69 -14.31 14.51 -22.08
C VAL C 69 -14.54 14.50 -23.58
N GLU C 70 -15.73 14.89 -24.00
CA GLU C 70 -16.05 14.86 -25.42
C GLU C 70 -15.08 15.73 -26.19
N GLN C 71 -14.79 16.92 -25.69
CA GLN C 71 -13.86 17.80 -26.36
C GLN C 71 -12.46 17.18 -26.45
N ASP C 72 -12.05 16.44 -25.42
CA ASP C 72 -10.78 15.74 -25.53
C ASP C 72 -10.84 14.64 -26.62
N VAL C 73 -11.95 13.91 -26.68
CA VAL C 73 -12.07 12.90 -27.71
C VAL C 73 -11.86 13.53 -29.08
N MET C 74 -12.60 14.61 -29.37
CA MET C 74 -12.43 15.31 -30.65
C MET C 74 -11.00 15.76 -30.89
N ALA C 75 -10.33 16.25 -29.84
CA ALA C 75 -8.94 16.68 -29.99
C ALA C 75 -8.05 15.52 -30.45
N ARG C 76 -8.04 14.43 -29.68
CA ARG C 76 -7.21 13.27 -29.99
C ARG C 76 -7.56 12.67 -31.35
N MET C 77 -8.85 12.65 -31.68
CA MET C 77 -9.29 12.10 -32.96
C MET C 77 -8.78 12.92 -34.13
N ALA C 78 -9.01 14.24 -34.09
CA ALA C 78 -8.51 15.08 -35.17
C ALA C 78 -7.01 14.93 -35.31
N THR C 79 -6.29 14.80 -34.19
CA THR C 79 -4.86 14.49 -34.27
C THR C 79 -4.61 13.26 -35.14
N LEU C 80 -5.34 12.16 -34.88
CA LEU C 80 -5.08 10.96 -35.67
C LEU C 80 -5.49 11.13 -37.14
N VAL C 81 -6.60 11.85 -37.40
CA VAL C 81 -7.15 11.97 -38.75
C VAL C 81 -6.28 12.85 -39.64
N ALA C 82 -5.81 13.97 -39.11
CA ALA C 82 -4.89 14.82 -39.87
C ALA C 82 -3.62 14.05 -40.21
N ALA C 83 -3.07 13.33 -39.23
CA ALA C 83 -1.84 12.58 -39.42
C ALA C 83 -2.01 11.39 -40.37
N SER C 84 -3.22 10.85 -40.50
CA SER C 84 -3.43 9.74 -41.43
C SER C 84 -3.17 10.18 -42.86
N GLY C 85 -3.55 11.41 -43.20
CA GLY C 85 -3.24 11.92 -44.52
C GLY C 85 -4.18 11.49 -45.62
N ALA C 86 -5.49 11.51 -45.36
CA ALA C 86 -6.44 11.13 -46.38
C ALA C 86 -6.39 12.12 -47.55
N ALA C 87 -6.99 11.67 -48.67
CA ALA C 87 -6.93 12.35 -49.95
C ALA C 87 -8.30 12.54 -50.57
N THR C 88 -9.33 11.86 -50.07
CA THR C 88 -10.72 12.02 -50.47
C THR C 88 -11.58 11.92 -49.22
N PRO C 89 -12.79 12.51 -49.24
CA PRO C 89 -13.69 12.36 -48.08
C PRO C 89 -13.86 10.93 -47.60
N ALA C 90 -14.03 9.97 -48.51
CA ALA C 90 -14.17 8.57 -48.10
C ALA C 90 -12.96 8.12 -47.28
N ASP C 91 -11.76 8.38 -47.78
CA ASP C 91 -10.57 8.04 -46.98
C ASP C 91 -10.59 8.77 -45.65
N ALA C 92 -11.13 9.98 -45.63
CA ALA C 92 -11.25 10.68 -44.36
C ALA C 92 -12.19 9.93 -43.43
N ILE C 93 -13.30 9.39 -43.95
CA ILE C 93 -14.22 8.62 -43.12
C ILE C 93 -13.52 7.41 -42.55
N ARG C 94 -12.82 6.64 -43.40
CA ARG C 94 -12.10 5.49 -42.86
C ARG C 94 -11.09 5.91 -41.78
N ALA C 95 -10.34 7.00 -42.02
CA ALA C 95 -9.38 7.46 -41.03
C ALA C 95 -10.07 7.86 -39.72
N ALA C 96 -11.27 8.43 -39.81
CA ALA C 96 -12.04 8.76 -38.63
C ALA C 96 -12.41 7.49 -37.89
N VAL C 97 -12.88 6.49 -38.61
CA VAL C 97 -13.24 5.21 -37.99
C VAL C 97 -12.05 4.66 -37.22
N ASP C 98 -10.90 4.53 -37.88
CA ASP C 98 -9.73 3.99 -37.20
C ASP C 98 -9.34 4.84 -36.01
N ALA C 99 -9.57 6.15 -36.11
CA ALA C 99 -9.24 7.07 -35.05
C ALA C 99 -10.10 6.80 -33.82
N TRP C 100 -11.42 6.71 -34.01
CA TRP C 100 -12.31 6.44 -32.90
C TRP C 100 -11.99 5.09 -32.27
N LEU C 101 -11.69 4.10 -33.11
CA LEU C 101 -11.25 2.80 -32.65
C LEU C 101 -10.03 2.91 -31.74
N GLU C 102 -9.08 3.80 -32.08
CA GLU C 102 -7.95 4.01 -31.18
C GLU C 102 -8.38 4.73 -29.90
N VAL C 103 -9.19 5.78 -30.06
CA VAL C 103 -9.52 6.62 -28.92
C VAL C 103 -10.50 5.91 -28.00
N SER C 104 -11.48 5.20 -28.59
CA SER C 104 -12.41 4.48 -27.74
C SER C 104 -11.75 3.38 -26.91
N GLY C 105 -10.46 3.11 -27.13
CA GLY C 105 -9.74 2.19 -26.28
C GLY C 105 -9.66 2.61 -24.82
N ASP C 106 -9.75 3.91 -24.56
CA ASP C 106 -9.73 4.51 -23.22
C ASP C 106 -10.96 4.10 -22.41
N PRO C 107 -10.79 3.50 -21.23
CA PRO C 107 -11.97 3.10 -20.43
C PRO C 107 -12.76 4.28 -19.88
N GLU C 108 -12.10 5.40 -19.62
CA GLU C 108 -12.80 6.62 -19.19
C GLU C 108 -13.85 7.05 -20.20
N VAL C 109 -13.49 7.03 -21.48
CA VAL C 109 -14.39 7.45 -22.53
C VAL C 109 -15.60 6.52 -22.61
N ARG C 110 -15.36 5.21 -22.52
CA ARG C 110 -16.48 4.27 -22.57
C ARG C 110 -17.42 4.43 -21.38
N GLN C 111 -16.88 4.66 -20.17
CA GLN C 111 -17.77 4.80 -19.02
C GLN C 111 -18.61 6.06 -19.14
N LEU C 112 -17.95 7.21 -19.34
CA LEU C 112 -18.64 8.48 -19.26
C LEU C 112 -19.52 8.70 -20.48
N ILE C 113 -19.01 8.41 -21.67
CA ILE C 113 -19.71 8.78 -22.89
C ILE C 113 -20.61 7.64 -23.38
N LEU C 114 -20.13 6.40 -23.36
CA LEU C 114 -20.90 5.32 -23.98
C LEU C 114 -21.92 4.70 -23.05
N LEU C 115 -21.70 4.75 -21.75
CA LEU C 115 -22.58 4.08 -20.81
C LEU C 115 -23.40 5.09 -20.00
N ASP C 116 -22.75 5.93 -19.19
CA ASP C 116 -23.51 6.74 -18.24
C ASP C 116 -24.25 7.90 -18.89
N ALA C 117 -23.61 8.65 -19.81
CA ALA C 117 -24.18 9.93 -20.27
C ALA C 117 -25.62 9.84 -20.76
N PRO C 118 -25.98 8.93 -21.66
CA PRO C 118 -27.40 8.86 -22.07
C PRO C 118 -28.38 8.66 -20.92
N VAL C 119 -27.96 7.99 -19.85
CA VAL C 119 -28.84 7.77 -18.70
C VAL C 119 -28.90 9.02 -17.82
N VAL C 120 -27.76 9.69 -17.59
CA VAL C 120 -27.81 10.91 -16.77
C VAL C 120 -28.53 12.03 -17.51
N LEU C 121 -28.01 12.42 -18.68
CA LEU C 121 -28.59 13.56 -19.38
C LEU C 121 -29.82 13.20 -20.21
N GLY C 122 -30.14 11.92 -20.37
CA GLY C 122 -31.23 11.57 -21.26
C GLY C 122 -30.74 11.49 -22.69
N TRP C 123 -31.32 10.63 -23.51
CA TRP C 123 -30.77 10.39 -24.84
C TRP C 123 -30.74 11.69 -25.66
N ALA C 124 -31.86 12.41 -25.64
CA ALA C 124 -31.90 13.71 -26.32
C ALA C 124 -30.91 14.67 -25.70
N GLY C 125 -30.77 14.68 -24.37
CA GLY C 125 -29.84 15.61 -23.76
C GLY C 125 -28.41 15.39 -24.21
N PHE C 126 -27.93 14.16 -24.07
CA PHE C 126 -26.59 13.88 -24.55
C PHE C 126 -26.47 14.15 -26.05
N ARG C 127 -27.55 13.95 -26.81
CA ARG C 127 -27.51 14.27 -28.24
C ARG C 127 -27.24 15.76 -28.48
N ASP C 128 -27.99 16.63 -27.76
CA ASP C 128 -27.76 18.07 -27.81
C ASP C 128 -26.31 18.41 -27.50
N VAL C 129 -25.65 17.57 -26.71
CA VAL C 129 -24.23 17.82 -26.44
C VAL C 129 -23.34 17.30 -27.57
N ALA C 130 -23.61 16.09 -28.08
CA ALA C 130 -22.74 15.44 -29.06
C ALA C 130 -22.87 16.06 -30.45
N GLN C 131 -23.95 16.83 -30.70
CA GLN C 131 -24.08 17.55 -31.97
C GLN C 131 -22.95 18.56 -32.15
N ARG C 132 -22.36 19.03 -31.08
CA ARG C 132 -21.24 19.95 -31.17
C ARG C 132 -19.92 19.22 -31.20
N TYR C 133 -19.96 17.88 -31.21
CA TYR C 133 -18.73 17.10 -31.21
C TYR C 133 -18.73 15.94 -32.20
N SER C 134 -18.47 14.72 -31.71
CA SER C 134 -18.28 13.59 -32.62
C SER C 134 -19.46 13.43 -33.57
N LEU C 135 -20.69 13.53 -33.07
CA LEU C 135 -21.85 13.36 -33.94
C LEU C 135 -21.84 14.37 -35.07
N GLY C 136 -21.71 15.66 -34.73
CA GLY C 136 -21.72 16.70 -35.75
C GLY C 136 -20.56 16.60 -36.72
N MET C 137 -19.39 16.17 -36.24
CA MET C 137 -18.29 15.89 -37.16
C MET C 137 -18.65 14.75 -38.11
N THR C 138 -19.34 13.71 -37.62
CA THR C 138 -19.83 12.70 -38.55
C THR C 138 -20.80 13.30 -39.56
N GLU C 139 -21.75 14.13 -39.11
CA GLU C 139 -22.67 14.76 -40.04
C GLU C 139 -21.89 15.52 -41.10
N GLN C 140 -20.78 16.16 -40.71
CA GLN C 140 -20.01 16.92 -41.69
C GLN C 140 -19.24 16.00 -42.63
N LEU C 141 -18.64 14.93 -42.11
CA LEU C 141 -17.94 13.99 -43.00
C LEU C 141 -18.89 13.35 -44.01
N ILE C 142 -20.09 12.99 -43.59
CA ILE C 142 -21.09 12.51 -44.51
C ILE C 142 -21.44 13.58 -45.50
N THR C 143 -21.73 14.78 -45.02
CA THR C 143 -22.09 15.87 -45.92
C THR C 143 -21.01 16.10 -46.98
N GLU C 144 -19.74 16.12 -46.59
CA GLU C 144 -18.67 16.30 -47.56
C GLU C 144 -18.56 15.12 -48.52
N ALA C 145 -18.71 13.89 -48.01
CA ALA C 145 -18.64 12.75 -48.91
C ALA C 145 -19.76 12.79 -49.96
N ILE C 146 -20.97 13.19 -49.55
CA ILE C 146 -22.04 13.39 -50.53
C ILE C 146 -21.62 14.43 -51.55
N ARG C 147 -21.14 15.57 -51.03
CA ARG C 147 -20.83 16.74 -51.85
C ARG C 147 -19.82 16.39 -52.96
N ALA C 148 -18.77 15.64 -52.62
CA ALA C 148 -17.72 15.29 -53.58
C ALA C 148 -18.09 14.08 -54.45
N GLY C 149 -19.36 13.67 -54.42
CA GLY C 149 -19.85 12.58 -55.27
C GLY C 149 -19.40 11.20 -54.90
N GLN C 150 -18.83 11.02 -53.71
CA GLN C 150 -18.46 9.68 -53.27
C GLN C 150 -19.61 8.91 -52.65
N LEU C 151 -20.72 9.58 -52.32
CA LEU C 151 -21.83 8.97 -51.58
C LEU C 151 -23.17 9.57 -52.02
N ALA C 152 -24.18 8.71 -52.11
CA ALA C 152 -25.47 9.11 -52.67
C ALA C 152 -26.12 10.18 -51.81
N ARG C 153 -26.76 11.17 -52.44
CA ARG C 153 -27.48 12.16 -51.65
C ARG C 153 -28.63 11.50 -50.89
N GLN C 154 -28.73 11.84 -49.60
CA GLN C 154 -29.68 11.21 -48.70
C GLN C 154 -29.80 12.06 -47.45
N PRO C 155 -30.78 11.79 -46.58
CA PRO C 155 -30.85 12.54 -45.32
C PRO C 155 -29.63 12.25 -44.46
N VAL C 156 -29.01 13.31 -43.94
CA VAL C 156 -27.71 13.16 -43.29
C VAL C 156 -27.85 12.84 -41.80
N ARG C 157 -28.71 13.56 -41.09
CA ARG C 157 -28.87 13.33 -39.66
C ARG C 157 -29.10 11.86 -39.34
N PRO C 158 -30.02 11.14 -39.99
CA PRO C 158 -30.19 9.70 -39.68
C PRO C 158 -28.93 8.88 -39.92
N LEU C 159 -28.34 8.98 -41.11
CA LEU C 159 -27.15 8.20 -41.39
C LEU C 159 -26.09 8.43 -40.32
N ALA C 160 -25.83 9.68 -39.96
CA ALA C 160 -24.80 9.94 -38.96
C ALA C 160 -25.13 9.27 -37.63
N GLN C 161 -26.39 9.39 -37.18
CA GLN C 161 -26.72 8.78 -35.88
C GLN C 161 -26.49 7.28 -35.89
N VAL C 162 -26.93 6.62 -36.96
CA VAL C 162 -26.81 5.17 -37.08
C VAL C 162 -25.35 4.74 -37.08
N LEU C 163 -24.52 5.39 -37.90
CA LEU C 163 -23.11 5.04 -37.93
C LEU C 163 -22.47 5.27 -36.58
N ILE C 164 -22.90 6.32 -35.86
CA ILE C 164 -22.39 6.52 -34.51
C ILE C 164 -22.75 5.34 -33.65
N GLY C 165 -23.99 4.84 -33.79
CA GLY C 165 -24.39 3.65 -33.04
C GLY C 165 -23.49 2.47 -33.32
N ALA C 166 -23.25 2.19 -34.59
CA ALA C 166 -22.35 1.10 -34.94
C ALA C 166 -20.97 1.28 -34.32
N LEU C 167 -20.45 2.51 -34.33
CA LEU C 167 -19.13 2.77 -33.79
C LEU C 167 -19.09 2.58 -32.29
N ASP C 168 -20.08 3.12 -31.57
CA ASP C 168 -20.12 2.96 -30.12
C ASP C 168 -20.10 1.48 -29.76
N GLU C 169 -21.03 0.72 -30.36
CA GLU C 169 -21.10 -0.68 -29.99
C GLU C 169 -19.84 -1.42 -30.42
N ALA C 170 -19.24 -1.02 -31.55
CA ALA C 170 -17.94 -1.56 -31.90
C ALA C 170 -16.97 -1.43 -30.74
N ALA C 171 -16.95 -0.26 -30.11
CA ALA C 171 -15.99 -0.04 -29.04
C ALA C 171 -16.25 -0.99 -27.89
N MET C 172 -17.51 -1.09 -27.43
CA MET C 172 -17.76 -1.97 -26.27
C MET C 172 -17.38 -3.40 -26.58
N PHE C 173 -17.70 -3.85 -27.80
CA PHE C 173 -17.40 -5.21 -28.22
C PHE C 173 -15.91 -5.48 -28.16
N ILE C 174 -15.09 -4.54 -28.65
CA ILE C 174 -13.65 -4.78 -28.64
C ILE C 174 -13.13 -4.82 -27.21
N ALA C 175 -13.55 -3.87 -26.39
CA ALA C 175 -13.05 -3.80 -25.02
C ALA C 175 -13.44 -5.04 -24.21
N THR C 176 -14.65 -5.58 -24.41
CA THR C 176 -15.07 -6.64 -23.50
C THR C 176 -14.81 -8.02 -24.06
N ALA C 177 -14.34 -8.11 -25.30
CA ALA C 177 -14.06 -9.40 -25.90
C ALA C 177 -12.94 -10.12 -25.16
N ASP C 178 -12.89 -11.44 -25.31
CA ASP C 178 -11.92 -12.25 -24.60
C ASP C 178 -10.51 -12.13 -25.20
N ASP C 179 -10.41 -11.92 -26.50
CA ASP C 179 -9.15 -11.65 -27.22
C ASP C 179 -9.26 -10.27 -27.87
N PRO C 180 -8.79 -9.21 -27.22
CA PRO C 180 -9.06 -7.87 -27.75
C PRO C 180 -8.34 -7.55 -29.06
N LYS C 181 -7.15 -8.10 -29.30
CA LYS C 181 -6.51 -7.82 -30.58
C LYS C 181 -7.36 -8.32 -31.75
N ARG C 182 -7.78 -9.59 -31.70
CA ARG C 182 -8.60 -10.13 -32.79
C ARG C 182 -9.93 -9.41 -32.91
N ALA C 183 -10.49 -8.97 -31.78
CA ALA C 183 -11.75 -8.26 -31.82
C ALA C 183 -11.59 -6.94 -32.57
N ARG C 184 -10.50 -6.20 -32.29
CA ARG C 184 -10.27 -4.95 -32.98
C ARG C 184 -10.04 -5.17 -34.47
N ARG C 185 -9.25 -6.19 -34.82
CA ARG C 185 -9.05 -6.50 -36.23
C ARG C 185 -10.38 -6.80 -36.95
N GLU C 186 -11.15 -7.76 -36.42
CA GLU C 186 -12.38 -8.20 -37.12
C GLU C 186 -13.42 -7.09 -37.16
N THR C 187 -13.52 -6.32 -36.08
CA THR C 187 -14.49 -5.24 -36.05
C THR C 187 -14.10 -4.16 -37.03
N ARG C 188 -12.81 -3.81 -37.08
CA ARG C 188 -12.35 -2.87 -38.09
C ARG C 188 -12.67 -3.35 -39.49
N GLN C 189 -12.44 -4.63 -39.76
CA GLN C 189 -12.77 -5.23 -41.06
C GLN C 189 -14.23 -5.00 -41.41
N VAL C 190 -15.14 -5.37 -40.49
CA VAL C 190 -16.56 -5.27 -40.81
C VAL C 190 -17.01 -3.82 -40.90
N LEU C 191 -16.41 -2.91 -40.10
CA LEU C 191 -16.76 -1.51 -40.22
C LEU C 191 -16.34 -0.98 -41.58
N ARG C 192 -15.14 -1.35 -42.04
CA ARG C 192 -14.70 -0.97 -43.37
C ARG C 192 -15.65 -1.49 -44.42
N ARG C 193 -15.98 -2.79 -44.35
CA ARG C 193 -16.87 -3.38 -45.35
C ARG C 193 -18.20 -2.67 -45.35
N LEU C 194 -18.69 -2.34 -44.17
CA LEU C 194 -19.93 -1.60 -44.04
C LEU C 194 -19.82 -0.26 -44.73
N ILE C 195 -18.73 0.46 -44.46
CA ILE C 195 -18.54 1.79 -45.03
C ILE C 195 -18.50 1.73 -46.54
N ASP C 196 -17.63 0.85 -47.09
CA ASP C 196 -17.51 0.72 -48.55
C ASP C 196 -18.83 0.34 -49.19
N GLY C 197 -19.60 -0.54 -48.54
CA GLY C 197 -20.94 -0.79 -49.01
C GLY C 197 -21.80 0.44 -48.98
N MET C 198 -21.46 1.41 -48.13
CA MET C 198 -22.20 2.67 -48.15
C MET C 198 -21.80 3.59 -49.32
N LEU C 199 -20.50 3.64 -49.66
CA LEU C 199 -19.96 4.48 -50.71
C LEU C 199 -20.11 3.92 -52.13
N ASN C 200 -19.48 4.64 -53.06
CA ASN C 200 -19.32 4.30 -54.49
C ASN C 200 -17.91 3.81 -54.83
N THR D 7 -34.25 -42.50 14.57
CA THR D 7 -35.54 -41.96 15.01
C THR D 7 -35.47 -40.44 14.98
N GLN D 8 -36.64 -39.79 15.12
CA GLN D 8 -36.75 -38.33 15.06
C GLN D 8 -36.08 -37.64 16.24
N GLU D 9 -36.10 -38.26 17.41
CA GLU D 9 -35.42 -37.66 18.56
C GLU D 9 -33.89 -37.76 18.44
N GLU D 10 -33.38 -38.85 17.83
CA GLU D 10 -31.94 -38.96 17.60
C GLU D 10 -31.47 -37.95 16.56
N ARG D 11 -32.30 -37.71 15.53
CA ARG D 11 -32.00 -36.72 14.50
C ARG D 11 -32.18 -35.31 15.03
N SER D 12 -33.26 -35.07 15.78
CA SER D 12 -33.49 -33.75 16.37
C SER D 12 -32.33 -33.32 17.27
N ALA D 13 -31.93 -34.19 18.21
CA ALA D 13 -30.87 -33.80 19.14
C ALA D 13 -29.57 -33.43 18.42
N ALA D 14 -29.27 -34.07 17.28
CA ALA D 14 -27.99 -33.86 16.60
C ALA D 14 -27.85 -32.47 15.99
N THR D 15 -28.94 -31.91 15.47
CA THR D 15 -28.89 -30.55 14.90
C THR D 15 -28.74 -29.49 15.98
N ARG D 16 -29.37 -29.70 17.15
CA ARG D 16 -29.13 -28.81 18.29
C ARG D 16 -27.67 -28.86 18.73
N GLU D 17 -27.03 -30.03 18.65
CA GLU D 17 -25.60 -30.07 18.91
C GLU D 17 -24.83 -29.27 17.86
N ALA D 18 -25.23 -29.37 16.59
CA ALA D 18 -24.54 -28.64 15.52
C ALA D 18 -24.82 -27.15 15.60
N LEU D 19 -26.06 -26.77 15.95
CA LEU D 19 -26.36 -25.36 16.17
C LEU D 19 -25.58 -24.80 17.37
N ILE D 20 -25.54 -25.56 18.46
CA ILE D 20 -24.85 -25.07 19.66
C ILE D 20 -23.35 -25.00 19.44
N THR D 21 -22.77 -26.00 18.77
CA THR D 21 -21.34 -25.92 18.44
C THR D 21 -21.04 -24.75 17.51
N GLY D 22 -21.88 -24.57 16.49
CA GLY D 22 -21.64 -23.50 15.54
C GLY D 22 -21.77 -22.13 16.16
N ALA D 23 -22.83 -21.92 16.95
CA ALA D 23 -23.00 -20.65 17.63
C ALA D 23 -21.93 -20.42 18.68
N ARG D 24 -21.50 -21.48 19.36
CA ARG D 24 -20.41 -21.35 20.34
C ARG D 24 -19.14 -20.87 19.65
N LYS D 25 -18.71 -21.57 18.59
CA LYS D 25 -17.54 -21.09 17.87
C LYS D 25 -17.71 -19.62 17.46
N LEU D 26 -18.84 -19.29 16.82
CA LEU D 26 -18.96 -17.97 16.17
C LEU D 26 -19.14 -16.83 17.17
N TRP D 27 -20.17 -16.93 18.02
CA TRP D 27 -20.36 -15.94 19.07
C TRP D 27 -19.08 -15.80 19.89
N GLY D 28 -18.41 -16.94 20.17
CA GLY D 28 -17.16 -16.89 20.90
C GLY D 28 -16.08 -16.12 20.18
N LEU D 29 -16.10 -16.15 18.84
CA LEU D 29 -15.12 -15.41 18.06
C LEU D 29 -15.46 -13.93 17.92
N ARG D 30 -16.74 -13.56 17.82
CA ARG D 30 -17.12 -12.20 17.44
C ARG D 30 -18.17 -11.52 18.33
N GLY D 31 -18.76 -12.21 19.30
CA GLY D 31 -19.78 -11.57 20.10
C GLY D 31 -21.19 -11.92 19.65
N TYR D 32 -22.13 -11.92 20.60
CA TYR D 32 -23.51 -12.28 20.26
C TYR D 32 -24.14 -11.27 19.31
N ALA D 33 -23.83 -9.99 19.50
CA ALA D 33 -24.39 -8.94 18.66
C ALA D 33 -23.94 -9.05 17.20
N GLU D 34 -22.75 -9.59 16.95
CA GLU D 34 -22.08 -9.49 15.66
C GLU D 34 -22.25 -10.72 14.76
N VAL D 35 -23.01 -11.72 15.19
CA VAL D 35 -23.28 -12.87 14.32
C VAL D 35 -24.78 -13.00 14.22
N GLY D 36 -25.27 -13.14 13.01
CA GLY D 36 -26.69 -13.33 12.82
C GLY D 36 -27.08 -14.79 12.76
N THR D 37 -28.35 -15.04 13.01
CA THR D 37 -28.89 -16.39 12.87
C THR D 37 -28.67 -16.99 11.49
N PRO D 38 -28.67 -16.23 10.36
CA PRO D 38 -28.32 -16.83 9.07
C PRO D 38 -26.94 -17.47 9.09
N GLU D 39 -25.92 -16.65 9.34
CA GLU D 39 -24.56 -17.16 9.43
C GLU D 39 -24.48 -18.41 10.29
N ILE D 40 -25.21 -18.40 11.40
CA ILE D 40 -25.15 -19.51 12.34
C ILE D 40 -25.76 -20.77 11.72
N ALA D 41 -26.93 -20.65 11.13
CA ALA D 41 -27.49 -21.76 10.38
C ALA D 41 -26.50 -22.31 9.35
N THR D 42 -25.93 -21.44 8.50
CA THR D 42 -24.98 -21.88 7.48
C THR D 42 -23.84 -22.70 8.09
N GLU D 43 -23.22 -22.19 9.16
CA GLU D 43 -22.09 -22.89 9.76
C GLU D 43 -22.51 -24.22 10.37
N ALA D 44 -23.70 -24.28 10.94
CA ALA D 44 -24.16 -25.56 11.46
C ALA D 44 -24.48 -26.54 10.35
N GLY D 45 -24.78 -26.05 9.15
CA GLY D 45 -25.25 -26.89 8.06
C GLY D 45 -26.75 -27.14 8.13
N VAL D 46 -27.51 -26.14 8.57
CA VAL D 46 -28.95 -26.26 8.78
C VAL D 46 -29.61 -24.98 8.27
N THR D 47 -30.95 -25.02 8.18
CA THR D 47 -31.74 -23.86 7.76
C THR D 47 -32.32 -23.13 8.95
N ARG D 48 -32.49 -21.82 8.78
CA ARG D 48 -33.10 -20.97 9.80
C ARG D 48 -34.43 -21.52 10.31
N GLY D 49 -35.20 -22.18 9.46
CA GLY D 49 -36.46 -22.73 9.94
C GLY D 49 -36.25 -23.80 11.00
N ALA D 50 -35.27 -24.68 10.77
CA ALA D 50 -34.97 -25.72 11.75
C ALA D 50 -34.46 -25.11 13.06
N MET D 51 -33.63 -24.07 12.95
CA MET D 51 -33.09 -23.37 14.11
C MET D 51 -34.22 -22.81 14.97
N TYR D 52 -35.16 -22.12 14.34
CA TYR D 52 -36.29 -21.58 15.07
C TYR D 52 -37.35 -22.63 15.41
N HIS D 53 -37.23 -23.87 14.93
CA HIS D 53 -38.09 -24.90 15.50
C HIS D 53 -37.48 -25.48 16.78
N GLN D 54 -36.16 -25.74 16.78
CA GLN D 54 -35.54 -26.32 17.98
C GLN D 54 -35.43 -25.32 19.12
N PHE D 55 -35.14 -24.06 18.81
CA PHE D 55 -34.90 -23.02 19.80
C PHE D 55 -35.94 -21.92 19.66
N ALA D 56 -36.38 -21.36 20.78
CA ALA D 56 -37.36 -20.29 20.76
C ALA D 56 -36.86 -19.09 19.96
N ASP D 57 -35.81 -18.42 20.43
CA ASP D 57 -35.22 -17.28 19.72
C ASP D 57 -33.69 -17.32 19.85
N LYS D 58 -33.03 -16.28 19.28
CA LYS D 58 -31.58 -16.16 19.37
C LYS D 58 -31.12 -16.30 20.81
N ALA D 59 -31.85 -15.66 21.74
CA ALA D 59 -31.54 -15.77 23.17
C ALA D 59 -31.55 -17.23 23.64
N ALA D 60 -32.51 -18.03 23.19
CA ALA D 60 -32.59 -19.41 23.69
C ALA D 60 -31.38 -20.23 23.27
N LEU D 61 -30.94 -20.07 22.04
CA LEU D 61 -29.72 -20.74 21.64
C LEU D 61 -28.52 -20.25 22.44
N PHE D 62 -28.47 -18.94 22.71
CA PHE D 62 -27.40 -18.40 23.55
C PHE D 62 -27.41 -18.98 24.95
N ARG D 63 -28.60 -19.19 25.52
CA ARG D 63 -28.69 -19.81 26.83
C ARG D 63 -28.08 -21.20 26.81
N ASP D 64 -28.45 -22.00 25.81
CA ASP D 64 -27.88 -23.34 25.85
C ASP D 64 -26.38 -23.32 25.57
N VAL D 65 -25.91 -22.37 24.76
CA VAL D 65 -24.48 -22.22 24.57
C VAL D 65 -23.80 -21.86 25.90
N VAL D 66 -24.39 -20.92 26.63
CA VAL D 66 -23.88 -20.55 27.95
C VAL D 66 -23.73 -21.77 28.83
N GLU D 67 -24.81 -22.56 28.96
CA GLU D 67 -24.79 -23.76 29.79
C GLU D 67 -23.60 -24.66 29.47
N VAL D 68 -23.44 -25.00 28.19
CA VAL D 68 -22.35 -25.88 27.81
C VAL D 68 -21.02 -25.29 28.23
N VAL D 69 -20.79 -24.02 27.89
CA VAL D 69 -19.50 -23.40 28.15
C VAL D 69 -19.21 -23.39 29.65
N GLU D 70 -20.19 -22.97 30.44
CA GLU D 70 -19.98 -22.87 31.88
C GLU D 70 -19.63 -24.22 32.47
N GLN D 71 -20.33 -25.28 32.07
CA GLN D 71 -19.97 -26.59 32.60
C GLN D 71 -18.59 -27.04 32.13
N ASP D 72 -18.18 -26.66 30.92
CA ASP D 72 -16.81 -26.95 30.49
C ASP D 72 -15.79 -26.25 31.40
N VAL D 73 -16.06 -24.98 31.75
CA VAL D 73 -15.19 -24.27 32.68
C VAL D 73 -15.05 -25.04 33.97
N MET D 74 -16.18 -25.45 34.57
CA MET D 74 -16.10 -26.21 35.82
C MET D 74 -15.28 -27.50 35.63
N ALA D 75 -15.41 -28.16 34.48
CA ALA D 75 -14.64 -29.37 34.21
C ALA D 75 -13.13 -29.12 34.24
N ARG D 76 -12.65 -28.19 33.40
CA ARG D 76 -11.21 -27.92 33.33
C ARG D 76 -10.66 -27.43 34.67
N MET D 77 -11.47 -26.62 35.37
CA MET D 77 -11.06 -26.14 36.68
C MET D 77 -10.90 -27.29 37.66
N ALA D 78 -11.87 -28.19 37.68
CA ALA D 78 -11.77 -29.35 38.56
C ALA D 78 -10.49 -30.12 38.28
N THR D 79 -10.15 -30.26 37.00
CA THR D 79 -8.88 -30.91 36.66
C THR D 79 -7.70 -30.24 37.35
N LEU D 80 -7.52 -28.92 37.13
CA LEU D 80 -6.32 -28.29 37.70
C LEU D 80 -6.35 -28.27 39.23
N VAL D 81 -7.52 -28.12 39.84
CA VAL D 81 -7.59 -28.06 41.31
C VAL D 81 -7.25 -29.41 41.92
N ALA D 82 -7.74 -30.50 41.30
CA ALA D 82 -7.34 -31.83 41.73
C ALA D 82 -5.83 -32.03 41.60
N ALA D 83 -5.27 -31.65 40.45
CA ALA D 83 -3.85 -31.88 40.21
C ALA D 83 -2.94 -31.07 41.13
N SER D 84 -3.36 -29.86 41.57
CA SER D 84 -2.52 -29.11 42.50
C SER D 84 -2.41 -29.81 43.85
N GLY D 85 -3.51 -30.40 44.35
CA GLY D 85 -3.39 -31.13 45.59
C GLY D 85 -3.46 -30.39 46.91
N ALA D 86 -4.45 -29.50 47.07
CA ALA D 86 -4.64 -28.77 48.33
C ALA D 86 -5.00 -29.72 49.46
N ALA D 87 -4.98 -29.17 50.69
CA ALA D 87 -5.15 -29.95 51.91
C ALA D 87 -6.14 -29.34 52.90
N THR D 88 -6.54 -28.09 52.74
CA THR D 88 -7.52 -27.46 53.60
C THR D 88 -8.42 -26.59 52.72
N PRO D 89 -9.63 -26.28 53.18
CA PRO D 89 -10.49 -25.37 52.40
C PRO D 89 -9.79 -24.09 51.92
N ALA D 90 -8.98 -23.45 52.76
CA ALA D 90 -8.29 -22.24 52.33
C ALA D 90 -7.43 -22.51 51.10
N ASP D 91 -6.58 -23.53 51.19
CA ASP D 91 -5.74 -23.89 50.05
C ASP D 91 -6.57 -24.35 48.86
N ALA D 92 -7.75 -24.91 49.13
CA ALA D 92 -8.66 -25.22 48.03
C ALA D 92 -9.09 -23.94 47.31
N ILE D 93 -9.38 -22.87 48.07
CA ILE D 93 -9.71 -21.60 47.45
C ILE D 93 -8.54 -21.08 46.62
N ARG D 94 -7.36 -21.02 47.23
CA ARG D 94 -6.20 -20.48 46.50
C ARG D 94 -5.98 -21.22 45.19
N ALA D 95 -6.02 -22.54 45.25
CA ALA D 95 -5.85 -23.31 44.02
C ALA D 95 -6.98 -23.03 43.04
N ALA D 96 -8.22 -22.83 43.55
CA ALA D 96 -9.32 -22.55 42.64
C ALA D 96 -9.05 -21.30 41.85
N VAL D 97 -8.59 -20.25 42.53
CA VAL D 97 -8.28 -18.99 41.86
C VAL D 97 -7.25 -19.21 40.76
N ASP D 98 -6.10 -19.79 41.12
CA ASP D 98 -5.09 -20.00 40.07
C ASP D 98 -5.66 -20.83 38.91
N ALA D 99 -6.57 -21.75 39.22
CA ALA D 99 -7.18 -22.57 38.19
C ALA D 99 -8.01 -21.71 37.25
N TRP D 100 -8.84 -20.82 37.81
CA TRP D 100 -9.65 -19.95 36.97
C TRP D 100 -8.75 -19.08 36.10
N LEU D 101 -7.68 -18.56 36.71
CA LEU D 101 -6.69 -17.76 36.00
C LEU D 101 -6.14 -18.49 34.78
N GLU D 102 -5.93 -19.80 34.92
CA GLU D 102 -5.51 -20.59 33.75
C GLU D 102 -6.66 -20.72 32.76
N VAL D 103 -7.85 -21.07 33.28
CA VAL D 103 -8.96 -21.42 32.41
C VAL D 103 -9.49 -20.17 31.72
N SER D 104 -9.51 -19.05 32.44
CA SER D 104 -9.98 -17.82 31.82
C SER D 104 -9.08 -17.35 30.68
N GLY D 105 -7.92 -17.99 30.48
CA GLY D 105 -7.07 -17.67 29.33
C GLY D 105 -7.72 -17.89 27.96
N ASP D 106 -8.73 -18.77 27.89
CA ASP D 106 -9.52 -19.08 26.70
C ASP D 106 -10.34 -17.88 26.22
N PRO D 107 -10.16 -17.43 24.97
CA PRO D 107 -10.93 -16.26 24.52
C PRO D 107 -12.42 -16.54 24.38
N GLU D 108 -12.82 -17.77 24.02
CA GLU D 108 -14.23 -18.12 23.95
C GLU D 108 -14.93 -17.86 25.28
N VAL D 109 -14.29 -18.28 26.38
CA VAL D 109 -14.87 -18.16 27.71
C VAL D 109 -15.08 -16.70 28.09
N ARG D 110 -14.08 -15.87 27.80
CA ARG D 110 -14.19 -14.46 28.15
C ARG D 110 -15.33 -13.77 27.39
N GLN D 111 -15.50 -14.08 26.09
CA GLN D 111 -16.56 -13.45 25.29
C GLN D 111 -17.94 -13.87 25.77
N LEU D 112 -18.18 -15.19 25.86
CA LEU D 112 -19.52 -15.67 26.14
C LEU D 112 -19.93 -15.47 27.60
N ILE D 113 -19.04 -15.76 28.55
CA ILE D 113 -19.45 -15.74 29.95
C ILE D 113 -19.19 -14.39 30.59
N LEU D 114 -18.03 -13.79 30.35
CA LEU D 114 -17.69 -12.56 31.06
C LEU D 114 -18.29 -11.34 30.42
N LEU D 115 -18.59 -11.37 29.13
CA LEU D 115 -19.05 -10.16 28.45
C LEU D 115 -20.52 -10.24 28.06
N ASP D 116 -20.90 -11.17 27.15
CA ASP D 116 -22.22 -11.16 26.53
C ASP D 116 -23.32 -11.62 27.49
N ALA D 117 -23.08 -12.73 28.18
CA ALA D 117 -24.14 -13.44 28.91
C ALA D 117 -24.96 -12.56 29.84
N PRO D 118 -24.38 -11.75 30.73
CA PRO D 118 -25.23 -10.87 31.56
C PRO D 118 -26.11 -9.92 30.73
N VAL D 119 -25.65 -9.46 29.56
CA VAL D 119 -26.46 -8.53 28.79
C VAL D 119 -27.54 -9.27 28.01
N VAL D 120 -27.17 -10.39 27.38
CA VAL D 120 -28.16 -11.18 26.65
C VAL D 120 -29.19 -11.77 27.63
N LEU D 121 -28.73 -12.53 28.63
CA LEU D 121 -29.71 -13.18 29.52
C LEU D 121 -30.24 -12.28 30.62
N GLY D 122 -29.67 -11.09 30.83
CA GLY D 122 -29.99 -10.28 31.99
C GLY D 122 -29.13 -10.70 33.16
N TRP D 123 -28.78 -9.78 34.04
CA TRP D 123 -27.81 -10.11 35.08
C TRP D 123 -28.34 -11.22 36.00
N ALA D 124 -29.60 -11.09 36.42
CA ALA D 124 -30.21 -12.15 37.21
C ALA D 124 -30.30 -13.46 36.44
N GLY D 125 -30.62 -13.39 35.13
CA GLY D 125 -30.72 -14.63 34.36
C GLY D 125 -29.42 -15.41 34.33
N PHE D 126 -28.33 -14.74 33.94
CA PHE D 126 -27.03 -15.40 33.98
C PHE D 126 -26.69 -15.84 35.40
N ARG D 127 -27.12 -15.10 36.42
CA ARG D 127 -26.85 -15.52 37.78
C ARG D 127 -27.46 -16.88 38.05
N ASP D 128 -28.75 -17.03 37.73
CA ASP D 128 -29.43 -18.30 37.89
C ASP D 128 -28.71 -19.42 37.17
N VAL D 129 -28.00 -19.09 36.08
CA VAL D 129 -27.22 -20.12 35.40
C VAL D 129 -25.93 -20.43 36.18
N ALA D 130 -25.22 -19.40 36.65
CA ALA D 130 -23.91 -19.58 37.29
C ALA D 130 -24.01 -20.16 38.70
N GLN D 131 -25.19 -20.12 39.33
CA GLN D 131 -25.32 -20.74 40.64
C GLN D 131 -25.12 -22.25 40.59
N ARG D 132 -25.35 -22.88 39.45
CA ARG D 132 -25.11 -24.30 39.32
C ARG D 132 -23.70 -24.60 38.90
N TYR D 133 -22.84 -23.58 38.79
CA TYR D 133 -21.46 -23.78 38.37
C TYR D 133 -20.48 -22.95 39.18
N SER D 134 -19.66 -22.14 38.50
CA SER D 134 -18.57 -21.45 39.19
C SER D 134 -19.06 -20.65 40.39
N LEU D 135 -20.17 -19.91 40.24
CA LEU D 135 -20.70 -19.17 41.37
C LEU D 135 -21.06 -20.09 42.53
N GLY D 136 -21.89 -21.09 42.28
CA GLY D 136 -22.34 -21.92 43.37
C GLY D 136 -21.21 -22.68 44.05
N MET D 137 -20.23 -23.14 43.27
CA MET D 137 -19.06 -23.77 43.84
C MET D 137 -18.30 -22.78 44.71
N THR D 138 -18.21 -21.52 44.26
CA THR D 138 -17.60 -20.52 45.12
C THR D 138 -18.35 -20.40 46.42
N GLU D 139 -19.68 -20.36 46.37
CA GLU D 139 -20.44 -20.36 47.61
C GLU D 139 -20.09 -21.58 48.47
N GLN D 140 -19.87 -22.74 47.83
CA GLN D 140 -19.56 -23.92 48.63
C GLN D 140 -18.18 -23.83 49.26
N LEU D 141 -17.16 -23.41 48.49
CA LEU D 141 -15.82 -23.27 49.04
C LEU D 141 -15.81 -22.27 50.20
N ILE D 142 -16.53 -21.16 50.07
CA ILE D 142 -16.63 -20.26 51.21
C ILE D 142 -17.28 -20.96 52.38
N THR D 143 -18.41 -21.62 52.16
CA THR D 143 -19.10 -22.26 53.29
C THR D 143 -18.18 -23.24 54.01
N GLU D 144 -17.42 -24.04 53.27
CA GLU D 144 -16.52 -25.01 53.91
C GLU D 144 -15.37 -24.30 54.62
N ALA D 145 -14.84 -23.23 54.04
CA ALA D 145 -13.77 -22.49 54.70
C ALA D 145 -14.24 -21.89 56.02
N ILE D 146 -15.46 -21.36 56.05
CA ILE D 146 -16.02 -20.90 57.32
C ILE D 146 -16.09 -22.06 58.27
N ARG D 147 -16.62 -23.17 57.76
CA ARG D 147 -16.88 -24.35 58.54
C ARG D 147 -15.62 -24.87 59.26
N ALA D 148 -14.47 -24.91 58.58
CA ALA D 148 -13.22 -25.40 59.19
C ALA D 148 -12.46 -24.31 59.98
N GLY D 149 -13.08 -23.17 60.23
CA GLY D 149 -12.47 -22.09 60.98
C GLY D 149 -11.37 -21.33 60.26
N GLN D 150 -11.22 -21.51 58.97
CA GLN D 150 -10.19 -20.75 58.25
C GLN D 150 -10.66 -19.36 57.82
N LEU D 151 -11.95 -19.08 57.91
CA LEU D 151 -12.50 -17.81 57.44
C LEU D 151 -13.64 -17.38 58.35
N ALA D 152 -13.75 -16.08 58.58
CA ALA D 152 -14.71 -15.59 59.55
C ALA D 152 -16.14 -15.93 59.10
N ARG D 153 -17.01 -16.24 60.05
CA ARG D 153 -18.42 -16.40 59.74
C ARG D 153 -19.01 -15.07 59.24
N GLN D 154 -19.71 -15.11 58.11
CA GLN D 154 -20.24 -13.91 57.48
C GLN D 154 -21.27 -14.35 56.45
N PRO D 155 -22.01 -13.41 55.87
CA PRO D 155 -22.95 -13.77 54.80
C PRO D 155 -22.22 -14.32 53.58
N VAL D 156 -22.66 -15.48 53.09
CA VAL D 156 -21.87 -16.17 52.09
C VAL D 156 -22.20 -15.71 50.68
N ARG D 157 -23.48 -15.63 50.35
CA ARG D 157 -23.86 -15.17 49.01
C ARG D 157 -23.19 -13.87 48.61
N PRO D 158 -23.23 -12.79 49.41
CA PRO D 158 -22.56 -11.54 48.99
C PRO D 158 -21.07 -11.73 48.74
N LEU D 159 -20.35 -12.30 49.71
CA LEU D 159 -18.92 -12.55 49.52
C LEU D 159 -18.61 -13.33 48.24
N ALA D 160 -19.33 -14.44 48.00
CA ALA D 160 -19.06 -15.21 46.79
C ALA D 160 -19.28 -14.36 45.54
N GLN D 161 -20.37 -13.60 45.50
CA GLN D 161 -20.61 -12.82 44.31
C GLN D 161 -19.46 -11.85 44.08
N VAL D 162 -19.02 -11.18 45.14
CA VAL D 162 -17.99 -10.16 45.04
C VAL D 162 -16.67 -10.76 44.56
N LEU D 163 -16.23 -11.86 45.17
CA LEU D 163 -14.99 -12.47 44.73
C LEU D 163 -15.10 -12.93 43.29
N ILE D 164 -16.28 -13.38 42.87
CA ILE D 164 -16.46 -13.71 41.46
C ILE D 164 -16.21 -12.47 40.62
N GLY D 165 -16.73 -11.31 41.06
CA GLY D 165 -16.50 -10.07 40.33
C GLY D 165 -15.03 -9.71 40.19
N ALA D 166 -14.29 -9.76 41.30
CA ALA D 166 -12.86 -9.50 41.28
C ALA D 166 -12.14 -10.46 40.33
N LEU D 167 -12.52 -11.74 40.35
CA LEU D 167 -11.85 -12.71 39.48
C LEU D 167 -12.15 -12.43 38.01
N ASP D 168 -13.42 -12.21 37.68
CA ASP D 168 -13.82 -11.94 36.29
C ASP D 168 -13.03 -10.78 35.72
N GLU D 169 -13.04 -9.64 36.44
CA GLU D 169 -12.35 -8.47 35.92
C GLU D 169 -10.85 -8.70 35.90
N ALA D 170 -10.32 -9.44 36.87
CA ALA D 170 -8.92 -9.88 36.82
C ALA D 170 -8.60 -10.57 35.50
N ALA D 171 -9.49 -11.47 35.05
CA ALA D 171 -9.25 -12.18 33.82
C ALA D 171 -9.18 -11.21 32.65
N MET D 172 -10.17 -10.31 32.54
CA MET D 172 -10.13 -9.41 31.38
C MET D 172 -8.85 -8.57 31.40
N PHE D 173 -8.43 -8.12 32.58
CA PHE D 173 -7.22 -7.29 32.68
C PHE D 173 -6.02 -8.03 32.14
N ILE D 174 -5.89 -9.31 32.50
CA ILE D 174 -4.72 -10.06 32.03
C ILE D 174 -4.78 -10.25 30.53
N ALA D 175 -5.96 -10.59 30.00
CA ALA D 175 -6.06 -10.83 28.57
C ALA D 175 -5.73 -9.59 27.75
N THR D 176 -6.19 -8.42 28.19
CA THR D 176 -6.12 -7.24 27.34
C THR D 176 -4.88 -6.41 27.59
N ALA D 177 -4.07 -6.78 28.58
CA ALA D 177 -2.89 -6.02 28.94
C ALA D 177 -1.84 -6.06 27.84
N ASP D 178 -0.97 -5.04 27.86
CA ASP D 178 0.09 -4.91 26.87
C ASP D 178 1.23 -5.89 27.10
N ASP D 179 1.55 -6.19 28.36
CA ASP D 179 2.54 -7.20 28.73
C ASP D 179 1.78 -8.28 29.50
N PRO D 180 1.29 -9.32 28.82
CA PRO D 180 0.41 -10.26 29.50
C PRO D 180 1.12 -11.10 30.52
N LYS D 181 2.40 -11.41 30.32
CA LYS D 181 3.13 -12.23 31.30
C LYS D 181 3.27 -11.49 32.63
N ARG D 182 3.75 -10.24 32.58
CA ARG D 182 3.87 -9.41 33.79
C ARG D 182 2.51 -9.16 34.42
N ALA D 183 1.46 -9.03 33.59
CA ALA D 183 0.12 -8.81 34.11
C ALA D 183 -0.38 -10.03 34.87
N ARG D 184 -0.12 -11.24 34.36
CA ARG D 184 -0.50 -12.45 35.09
C ARG D 184 0.24 -12.53 36.42
N ARG D 185 1.55 -12.23 36.41
CA ARG D 185 2.31 -12.23 37.66
C ARG D 185 1.73 -11.25 38.67
N GLU D 186 1.53 -9.99 38.27
CA GLU D 186 1.08 -8.97 39.21
C GLU D 186 -0.35 -9.24 39.70
N THR D 187 -1.25 -9.66 38.80
CA THR D 187 -2.63 -9.90 39.21
C THR D 187 -2.73 -11.07 40.17
N ARG D 188 -2.03 -12.17 39.84
CA ARG D 188 -1.95 -13.29 40.78
C ARG D 188 -1.50 -12.81 42.14
N GLN D 189 -0.48 -11.94 42.16
CA GLN D 189 0.04 -11.36 43.39
C GLN D 189 -1.02 -10.64 44.21
N VAL D 190 -1.76 -9.72 43.58
CA VAL D 190 -2.73 -8.88 44.32
C VAL D 190 -3.91 -9.70 44.78
N LEU D 191 -4.31 -10.71 43.99
CA LEU D 191 -5.36 -11.66 44.39
C LEU D 191 -4.91 -12.49 45.58
N ARG D 192 -3.66 -12.96 45.56
CA ARG D 192 -3.14 -13.68 46.71
C ARG D 192 -3.19 -12.79 47.94
N ARG D 193 -2.72 -11.55 47.84
CA ARG D 193 -2.76 -10.68 49.00
C ARG D 193 -4.20 -10.46 49.47
N LEU D 194 -5.13 -10.28 48.54
CA LEU D 194 -6.53 -10.08 48.91
C LEU D 194 -7.06 -11.29 49.67
N ILE D 195 -6.83 -12.47 49.12
CA ILE D 195 -7.35 -13.70 49.70
C ILE D 195 -6.80 -13.87 51.11
N ASP D 196 -5.47 -13.79 51.25
CA ASP D 196 -4.86 -13.98 52.56
C ASP D 196 -5.39 -12.99 53.58
N GLY D 197 -5.54 -11.72 53.18
CA GLY D 197 -6.15 -10.75 54.08
C GLY D 197 -7.58 -11.08 54.43
N MET D 198 -8.26 -11.85 53.58
CA MET D 198 -9.61 -12.35 53.85
C MET D 198 -9.61 -13.53 54.81
N LEU D 199 -8.69 -14.48 54.64
CA LEU D 199 -8.59 -15.66 55.50
C LEU D 199 -7.85 -15.31 56.77
N ASN D 200 -8.48 -15.56 57.93
CA ASN D 200 -7.89 -15.26 59.25
C ASN D 200 -8.41 -16.18 60.36
N ARG E 6 16.31 38.08 8.59
CA ARG E 6 16.68 36.66 8.46
C ARG E 6 18.00 36.45 7.75
N THR E 7 18.77 35.48 8.22
CA THR E 7 20.07 35.15 7.65
C THR E 7 20.12 33.65 7.41
N GLN E 8 21.12 33.22 6.61
CA GLN E 8 21.27 31.80 6.32
C GLN E 8 21.69 31.01 7.55
N GLU E 9 22.51 31.60 8.42
CA GLU E 9 22.90 30.86 9.61
C GLU E 9 21.71 30.60 10.52
N GLU E 10 20.79 31.57 10.61
CA GLU E 10 19.61 31.39 11.44
C GLU E 10 18.68 30.33 10.85
N ARG E 11 18.58 30.28 9.54
CA ARG E 11 17.68 29.34 8.91
C ARG E 11 18.22 27.92 9.04
N SER E 12 19.52 27.75 8.75
CA SER E 12 20.16 26.46 8.96
C SER E 12 20.09 26.06 10.42
N ALA E 13 20.62 26.93 11.30
CA ALA E 13 20.68 26.59 12.71
C ALA E 13 19.30 26.30 13.28
N ALA E 14 18.27 27.04 12.86
CA ALA E 14 16.94 26.83 13.40
C ALA E 14 16.32 25.53 12.90
N THR E 15 16.53 25.20 11.64
CA THR E 15 15.99 23.95 11.14
C THR E 15 16.72 22.77 11.77
N ARG E 16 18.03 22.89 11.98
CA ARG E 16 18.77 21.86 12.69
C ARG E 16 18.30 21.74 14.15
N GLU E 17 17.98 22.85 14.80
CA GLU E 17 17.49 22.75 16.16
C GLU E 17 16.13 22.09 16.21
N ALA E 18 15.25 22.37 15.25
CA ALA E 18 13.95 21.72 15.28
C ALA E 18 14.05 20.23 14.94
N LEU E 19 14.88 19.86 13.96
CA LEU E 19 15.05 18.44 13.64
C LEU E 19 15.68 17.69 14.79
N ILE E 20 16.68 18.28 15.44
CA ILE E 20 17.35 17.58 16.55
C ILE E 20 16.38 17.43 17.72
N THR E 21 15.58 18.47 17.98
CA THR E 21 14.55 18.37 19.02
C THR E 21 13.55 17.26 18.71
N GLY E 22 13.05 17.23 17.47
CA GLY E 22 12.05 16.22 17.15
C GLY E 22 12.59 14.80 17.19
N ALA E 23 13.75 14.58 16.57
CA ALA E 23 14.33 13.25 16.56
C ALA E 23 14.73 12.80 17.97
N ARG E 24 15.22 13.73 18.80
CA ARG E 24 15.51 13.38 20.18
C ARG E 24 14.26 12.90 20.90
N LYS E 25 13.19 13.70 20.86
CA LYS E 25 11.94 13.27 21.49
C LYS E 25 11.50 11.90 20.99
N LEU E 26 11.37 11.76 19.67
CA LEU E 26 10.74 10.58 19.12
C LEU E 26 11.62 9.35 19.25
N TRP E 27 12.86 9.44 18.76
CA TRP E 27 13.78 8.33 18.90
C TRP E 27 13.92 7.89 20.34
N GLY E 28 13.99 8.87 21.25
CA GLY E 28 14.08 8.52 22.66
C GLY E 28 12.85 7.78 23.13
N LEU E 29 11.69 8.13 22.58
CA LEU E 29 10.47 7.46 23.01
C LEU E 29 10.41 6.04 22.46
N ARG E 30 10.88 5.81 21.22
CA ARG E 30 10.56 4.56 20.55
C ARG E 30 11.74 3.81 19.98
N GLY E 31 12.93 4.37 20.01
CA GLY E 31 14.07 3.68 19.44
C GLY E 31 14.39 4.18 18.05
N TYR E 32 15.68 4.18 17.70
CA TYR E 32 16.10 4.69 16.41
C TYR E 32 15.57 3.83 15.26
N ALA E 33 15.50 2.51 15.47
CA ALA E 33 14.99 1.63 14.43
C ALA E 33 13.53 1.91 14.10
N GLU E 34 12.75 2.34 15.09
CA GLU E 34 11.29 2.35 15.04
C GLU E 34 10.67 3.69 14.67
N VAL E 35 11.44 4.70 14.34
CA VAL E 35 10.91 5.98 13.85
C VAL E 35 11.57 6.27 12.52
N GLY E 36 10.74 6.53 11.49
CA GLY E 36 11.29 6.85 10.20
C GLY E 36 11.50 8.35 9.99
N THR E 37 12.37 8.68 9.04
CA THR E 37 12.62 10.08 8.73
C THR E 37 11.36 10.86 8.32
N PRO E 38 10.34 10.25 7.68
CA PRO E 38 9.09 11.01 7.46
C PRO E 38 8.47 11.55 8.73
N GLU E 39 8.10 10.64 9.65
CA GLU E 39 7.58 11.03 10.96
C GLU E 39 8.42 12.12 11.61
N ILE E 40 9.74 12.01 11.52
CA ILE E 40 10.61 12.95 12.21
C ILE E 40 10.48 14.33 11.59
N ALA E 41 10.62 14.39 10.27
CA ALA E 41 10.43 15.65 9.56
C ALA E 41 9.09 16.29 9.90
N THR E 42 8.01 15.48 9.80
CA THR E 42 6.68 15.99 10.09
C THR E 42 6.61 16.61 11.46
N GLU E 43 7.13 15.93 12.47
CA GLU E 43 7.02 16.46 13.82
C GLU E 43 7.82 17.76 13.94
N ALA E 44 8.97 17.82 13.26
CA ALA E 44 9.80 19.01 13.22
C ALA E 44 9.15 20.17 12.45
N GLY E 45 8.20 19.88 11.56
CA GLY E 45 7.61 20.95 10.77
C GLY E 45 8.46 21.33 9.58
N VAL E 46 9.08 20.34 8.95
CA VAL E 46 9.99 20.54 7.83
C VAL E 46 9.77 19.43 6.80
N THR E 47 10.34 19.61 5.63
CA THR E 47 10.24 18.61 4.58
C THR E 47 11.46 17.69 4.65
N ARG E 48 11.25 16.44 4.26
CA ARG E 48 12.36 15.50 4.22
C ARG E 48 13.55 16.05 3.44
N GLY E 49 13.28 16.83 2.40
CA GLY E 49 14.37 17.40 1.61
C GLY E 49 15.26 18.34 2.40
N ALA E 50 14.66 19.23 3.18
CA ALA E 50 15.49 20.15 3.97
C ALA E 50 16.35 19.38 4.93
N MET E 51 15.78 18.29 5.47
CA MET E 51 16.51 17.41 6.38
C MET E 51 17.73 16.79 5.71
N TYR E 52 17.54 16.27 4.50
CA TYR E 52 18.71 15.69 3.86
C TYR E 52 19.68 16.76 3.34
N HIS E 53 19.29 18.03 3.38
CA HIS E 53 20.29 19.08 3.17
C HIS E 53 21.10 19.35 4.42
N GLN E 54 20.45 19.43 5.60
CA GLN E 54 21.19 19.77 6.81
C GLN E 54 22.07 18.60 7.29
N PHE E 55 21.57 17.37 7.18
CA PHE E 55 22.26 16.18 7.67
C PHE E 55 22.48 15.20 6.53
N ALA E 56 23.64 14.54 6.51
CA ALA E 56 23.95 13.61 5.44
C ALA E 56 22.89 12.52 5.30
N ASP E 57 22.74 11.68 6.34
CA ASP E 57 21.73 10.62 6.33
C ASP E 57 21.07 10.55 7.70
N LYS E 58 20.16 9.57 7.87
CA LYS E 58 19.53 9.38 9.17
C LYS E 58 20.57 9.28 10.26
N ALA E 59 21.63 8.50 10.01
CA ALA E 59 22.69 8.31 10.98
C ALA E 59 23.31 9.63 11.42
N ALA E 60 23.57 10.55 10.48
CA ALA E 60 24.21 11.80 10.86
C ALA E 60 23.32 12.60 11.82
N LEU E 61 22.01 12.61 11.56
CA LEU E 61 21.14 13.27 12.51
C LEU E 61 21.22 12.59 13.87
N PHE E 62 21.24 11.24 13.87
CA PHE E 62 21.38 10.56 15.15
C PHE E 62 22.66 10.98 15.86
N ARG E 63 23.75 11.16 15.13
CA ARG E 63 24.99 11.63 15.75
C ARG E 63 24.79 12.98 16.43
N ASP E 64 24.09 13.92 15.79
CA ASP E 64 23.95 15.19 16.50
C ASP E 64 23.01 15.08 17.71
N VAL E 65 22.00 14.22 17.65
CA VAL E 65 21.15 13.98 18.81
C VAL E 65 21.95 13.40 19.97
N VAL E 66 22.76 12.37 19.68
CA VAL E 66 23.65 11.79 20.68
C VAL E 66 24.50 12.88 21.32
N GLU E 67 25.13 13.72 20.49
CA GLU E 67 25.96 14.79 21.05
C GLU E 67 25.19 15.62 22.08
N VAL E 68 24.02 16.15 21.70
CA VAL E 68 23.29 17.00 22.65
C VAL E 68 22.94 16.22 23.91
N VAL E 69 22.40 15.01 23.75
CA VAL E 69 21.96 14.22 24.90
C VAL E 69 23.12 13.95 25.85
N GLU E 70 24.26 13.59 25.30
CA GLU E 70 25.40 13.33 26.16
C GLU E 70 25.78 14.59 26.94
N GLN E 71 25.85 15.77 26.29
CA GLN E 71 26.17 16.97 27.06
C GLN E 71 25.10 17.29 28.11
N ASP E 72 23.82 16.98 27.86
CA ASP E 72 22.83 17.15 28.94
C ASP E 72 23.12 16.19 30.09
N VAL E 73 23.52 14.96 29.77
CA VAL E 73 23.88 14.01 30.83
C VAL E 73 24.98 14.60 31.70
N MET E 74 26.07 15.04 31.07
CA MET E 74 27.16 15.61 31.84
C MET E 74 26.73 16.82 32.66
N ALA E 75 25.96 17.73 32.06
CA ALA E 75 25.50 18.92 32.78
C ALA E 75 24.70 18.55 34.02
N ARG E 76 23.69 17.70 33.85
CA ARG E 76 22.84 17.31 34.97
C ARG E 76 23.66 16.62 36.05
N MET E 77 24.59 15.79 35.62
CA MET E 77 25.45 15.07 36.56
C MET E 77 26.31 16.02 37.37
N ALA E 78 27.02 16.92 36.68
CA ALA E 78 27.88 17.90 37.34
C ALA E 78 27.10 18.77 38.31
N THR E 79 25.88 19.15 37.92
CA THR E 79 25.01 19.84 38.86
C THR E 79 24.86 19.04 40.13
N LEU E 80 24.46 17.77 40.01
CA LEU E 80 24.23 16.97 41.21
C LEU E 80 25.49 16.78 42.03
N VAL E 81 26.65 16.64 41.37
CA VAL E 81 27.87 16.43 42.15
C VAL E 81 28.26 17.71 42.91
N ALA E 82 28.10 18.89 42.28
CA ALA E 82 28.42 20.14 42.96
C ALA E 82 27.66 20.30 44.27
N ALA E 83 26.38 19.94 44.28
CA ALA E 83 25.54 20.09 45.48
C ALA E 83 25.88 19.14 46.63
N SER E 84 26.48 17.98 46.36
CA SER E 84 26.78 17.02 47.43
C SER E 84 27.78 17.58 48.43
N GLY E 85 28.73 18.36 47.93
CA GLY E 85 29.76 18.95 48.75
C GLY E 85 30.92 18.01 48.98
N ALA E 86 31.23 17.21 47.98
CA ALA E 86 32.40 16.36 48.08
C ALA E 86 33.66 17.22 48.08
N ALA E 87 34.74 16.64 48.62
CA ALA E 87 35.95 17.36 48.85
C ALA E 87 37.22 16.62 48.45
N THR E 88 37.14 15.33 48.18
CA THR E 88 38.31 14.55 47.82
C THR E 88 37.93 13.66 46.64
N PRO E 89 38.91 13.28 45.82
CA PRO E 89 38.60 12.42 44.66
C PRO E 89 37.70 11.23 44.96
N ALA E 90 37.90 10.54 46.09
CA ALA E 90 37.04 9.42 46.45
C ALA E 90 35.59 9.89 46.62
N ASP E 91 35.40 10.98 47.35
CA ASP E 91 34.04 11.49 47.54
C ASP E 91 33.42 11.87 46.20
N ALA E 92 34.23 12.43 45.29
CA ALA E 92 33.77 12.79 43.96
C ALA E 92 33.27 11.58 43.22
N ILE E 93 34.00 10.47 43.33
CA ILE E 93 33.58 9.22 42.69
C ILE E 93 32.25 8.73 43.26
N ARG E 94 32.15 8.62 44.59
CA ARG E 94 30.89 8.15 45.15
C ARG E 94 29.71 9.04 44.74
N ALA E 95 29.87 10.35 44.85
CA ALA E 95 28.78 11.24 44.48
C ALA E 95 28.48 11.16 43.00
N ALA E 96 29.49 10.89 42.17
CA ALA E 96 29.26 10.70 40.75
C ALA E 96 28.34 9.51 40.53
N VAL E 97 28.65 8.38 41.17
CA VAL E 97 27.82 7.20 41.04
C VAL E 97 26.38 7.52 41.42
N ASP E 98 26.17 8.11 42.61
CA ASP E 98 24.80 8.44 43.01
C ASP E 98 24.11 9.34 41.99
N ALA E 99 24.86 10.28 41.40
CA ALA E 99 24.27 11.20 40.45
C ALA E 99 23.86 10.47 39.19
N TRP E 100 24.75 9.64 38.65
CA TRP E 100 24.39 8.90 37.46
C TRP E 100 23.13 8.08 37.70
N LEU E 101 23.02 7.46 38.88
CA LEU E 101 21.79 6.76 39.22
C LEU E 101 20.58 7.68 39.10
N GLU E 102 20.74 8.94 39.52
CA GLU E 102 19.64 9.88 39.34
C GLU E 102 19.37 10.19 37.86
N VAL E 103 20.44 10.43 37.08
CA VAL E 103 20.25 10.94 35.72
C VAL E 103 19.69 9.87 34.81
N SER E 104 20.23 8.65 34.91
CA SER E 104 19.81 7.51 34.12
C SER E 104 18.38 7.07 34.44
N GLY E 105 17.73 7.67 35.43
CA GLY E 105 16.31 7.46 35.57
C GLY E 105 15.51 7.92 34.36
N ASP E 106 16.07 8.87 33.58
CA ASP E 106 15.48 9.35 32.33
C ASP E 106 15.42 8.27 31.24
N PRO E 107 14.24 7.90 30.77
CA PRO E 107 14.21 6.87 29.74
C PRO E 107 14.77 7.34 28.41
N GLU E 108 14.66 8.64 28.09
CA GLU E 108 15.31 9.15 26.86
C GLU E 108 16.80 8.86 26.88
N VAL E 109 17.44 9.06 28.04
CA VAL E 109 18.88 8.81 28.16
C VAL E 109 19.19 7.35 27.95
N ARG E 110 18.41 6.47 28.58
CA ARG E 110 18.66 5.04 28.44
C ARG E 110 18.44 4.56 27.02
N GLN E 111 17.37 5.04 26.37
CA GLN E 111 17.07 4.61 25.00
C GLN E 111 18.17 5.03 24.04
N LEU E 112 18.52 6.32 24.04
CA LEU E 112 19.47 6.81 23.04
C LEU E 112 20.91 6.39 23.35
N ILE E 113 21.34 6.48 24.61
CA ILE E 113 22.74 6.30 24.96
C ILE E 113 23.10 4.85 25.28
N LEU E 114 22.23 4.13 26.00
CA LEU E 114 22.62 2.81 26.47
C LEU E 114 22.37 1.73 25.45
N LEU E 115 21.40 1.95 24.56
CA LEU E 115 20.92 0.93 23.64
C LEU E 115 21.30 1.23 22.21
N ASP E 116 20.75 2.31 21.62
CA ASP E 116 20.86 2.53 20.18
C ASP E 116 22.26 2.97 19.78
N ALA E 117 22.82 3.92 20.52
CA ALA E 117 24.05 4.60 20.10
C ALA E 117 25.16 3.63 19.67
N PRO E 118 25.51 2.60 20.46
CA PRO E 118 26.54 1.67 19.97
C PRO E 118 26.16 0.96 18.68
N VAL E 119 24.88 0.74 18.42
CA VAL E 119 24.51 0.03 17.20
C VAL E 119 24.57 0.97 16.01
N VAL E 120 23.96 2.14 16.12
CA VAL E 120 23.92 3.09 15.02
C VAL E 120 25.34 3.57 14.68
N LEU E 121 26.05 4.15 15.66
CA LEU E 121 27.39 4.68 15.39
C LEU E 121 28.51 3.65 15.49
N GLY E 122 28.25 2.42 15.91
CA GLY E 122 29.38 1.53 16.10
C GLY E 122 29.99 1.69 17.48
N TRP E 123 30.56 0.63 18.03
CA TRP E 123 31.04 0.76 19.40
C TRP E 123 32.22 1.72 19.49
N ALA E 124 33.21 1.55 18.61
CA ALA E 124 34.34 2.49 18.60
C ALA E 124 33.89 3.90 18.25
N GLY E 125 32.91 4.05 17.37
CA GLY E 125 32.41 5.38 17.06
C GLY E 125 31.82 6.08 18.25
N PHE E 126 30.86 5.42 18.90
CA PHE E 126 30.27 6.00 20.09
C PHE E 126 31.34 6.26 21.14
N ARG E 127 32.32 5.36 21.24
CA ARG E 127 33.38 5.55 22.23
C ARG E 127 34.12 6.86 21.96
N ASP E 128 34.52 7.08 20.70
CA ASP E 128 35.12 8.35 20.31
C ASP E 128 34.28 9.54 20.77
N VAL E 129 32.95 9.37 20.81
CA VAL E 129 32.11 10.46 21.31
C VAL E 129 32.13 10.50 22.85
N ALA E 130 32.10 9.36 23.52
CA ALA E 130 32.01 9.42 24.98
C ALA E 130 33.32 9.88 25.63
N GLN E 131 34.44 9.81 24.95
CA GLN E 131 35.67 10.26 25.56
C GLN E 131 35.64 11.71 25.89
N ARG E 132 34.92 12.45 25.08
CA ARG E 132 34.76 13.88 25.29
C ARG E 132 33.66 14.21 26.27
N TYR E 133 33.00 13.20 26.83
CA TYR E 133 31.94 13.42 27.80
C TYR E 133 32.06 12.47 28.98
N SER E 134 31.03 11.65 29.22
CA SER E 134 30.96 10.87 30.44
C SER E 134 32.22 10.01 30.61
N LEU E 135 32.64 9.32 29.55
CA LEU E 135 33.83 8.49 29.66
C LEU E 135 35.04 9.32 30.09
N GLY E 136 35.27 10.44 29.41
CA GLY E 136 36.45 11.24 29.74
C GLY E 136 36.42 11.75 31.18
N MET E 137 35.22 12.09 31.67
CA MET E 137 35.11 12.44 33.07
C MET E 137 35.44 11.25 33.96
N THR E 138 35.04 10.05 33.56
CA THR E 138 35.47 8.91 34.35
C THR E 138 36.99 8.80 34.37
N GLU E 139 37.63 8.96 33.21
CA GLU E 139 39.09 8.89 33.15
C GLU E 139 39.75 9.94 34.05
N GLN E 140 39.20 11.16 34.11
CA GLN E 140 39.79 12.18 34.97
C GLN E 140 39.56 11.84 36.43
N LEU E 141 38.37 11.32 36.78
CA LEU E 141 38.08 10.92 38.15
C LEU E 141 39.03 9.83 38.65
N ILE E 142 39.32 8.85 37.80
CA ILE E 142 40.27 7.84 38.17
C ILE E 142 41.65 8.46 38.33
N THR E 143 42.07 9.21 37.31
CA THR E 143 43.42 9.78 37.29
C THR E 143 43.67 10.61 38.52
N GLU E 144 42.72 11.46 38.89
CA GLU E 144 42.85 12.22 40.12
C GLU E 144 42.80 11.33 41.36
N ALA E 145 41.99 10.27 41.34
CA ALA E 145 41.96 9.40 42.53
C ALA E 145 43.33 8.75 42.75
N ILE E 146 44.00 8.36 41.67
CA ILE E 146 45.35 7.83 41.74
C ILE E 146 46.32 8.90 42.27
N ARG E 147 46.29 10.08 41.63
CA ARG E 147 47.21 11.15 42.00
C ARG E 147 47.14 11.42 43.50
N ALA E 148 45.93 11.38 44.06
CA ALA E 148 45.72 11.65 45.48
C ALA E 148 45.99 10.45 46.39
N GLY E 149 46.52 9.34 45.86
CA GLY E 149 46.87 8.18 46.67
C GLY E 149 45.72 7.43 47.30
N GLN E 150 44.49 7.76 46.90
CA GLN E 150 43.32 7.05 47.40
C GLN E 150 43.05 5.76 46.64
N LEU E 151 43.66 5.58 45.46
CA LEU E 151 43.42 4.45 44.58
C LEU E 151 44.71 3.99 43.91
N ALA E 152 44.92 2.67 43.88
CA ALA E 152 46.20 2.11 43.43
C ALA E 152 46.43 2.43 41.95
N ARG E 153 47.69 2.67 41.61
CA ARG E 153 48.03 2.94 40.21
C ARG E 153 47.71 1.71 39.36
N GLN E 154 47.08 1.94 38.20
CA GLN E 154 46.67 0.87 37.29
C GLN E 154 46.36 1.49 35.94
N PRO E 155 46.19 0.67 34.89
CA PRO E 155 45.89 1.24 33.56
C PRO E 155 44.56 1.99 33.62
N VAL E 156 44.54 3.20 33.12
CA VAL E 156 43.37 4.02 33.41
C VAL E 156 42.24 3.77 32.43
N ARG E 157 42.53 3.80 31.13
CA ARG E 157 41.49 3.57 30.12
C ARG E 157 40.70 2.27 30.34
N PRO E 158 41.33 1.11 30.53
CA PRO E 158 40.54 -0.12 30.79
C PRO E 158 39.64 -0.01 32.01
N LEU E 159 40.18 0.39 33.17
CA LEU E 159 39.32 0.58 34.35
C LEU E 159 38.12 1.46 34.02
N ALA E 160 38.35 2.62 33.38
CA ALA E 160 37.25 3.53 33.08
C ALA E 160 36.16 2.85 32.25
N GLN E 161 36.55 2.18 31.16
CA GLN E 161 35.51 1.56 30.33
C GLN E 161 34.75 0.48 31.11
N VAL E 162 35.48 -0.33 31.89
CA VAL E 162 34.85 -1.42 32.63
C VAL E 162 33.84 -0.89 33.63
N LEU E 163 34.23 0.13 34.43
CA LEU E 163 33.28 0.73 35.36
C LEU E 163 32.09 1.36 34.65
N ILE E 164 32.31 1.95 33.47
CA ILE E 164 31.19 2.49 32.70
C ILE E 164 30.20 1.37 32.37
N GLY E 165 30.72 0.23 31.90
CA GLY E 165 29.83 -0.88 31.60
C GLY E 165 28.99 -1.27 32.81
N ALA E 166 29.66 -1.43 33.97
CA ALA E 166 28.93 -1.76 35.20
C ALA E 166 27.83 -0.75 35.51
N LEU E 167 28.12 0.56 35.38
CA LEU E 167 27.10 1.55 35.69
C LEU E 167 25.93 1.48 34.73
N ASP E 168 26.20 1.32 33.42
CA ASP E 168 25.13 1.24 32.43
C ASP E 168 24.18 0.09 32.73
N GLU E 169 24.72 -1.13 32.82
CA GLU E 169 23.81 -2.25 33.08
C GLU E 169 23.12 -2.06 34.43
N ALA E 170 23.78 -1.40 35.40
CA ALA E 170 23.10 -1.01 36.64
C ALA E 170 21.85 -0.17 36.38
N ALA E 171 21.95 0.83 35.53
CA ALA E 171 20.78 1.66 35.27
C ALA E 171 19.68 0.86 34.58
N MET E 172 20.03 0.02 33.60
CA MET E 172 18.99 -0.79 32.96
C MET E 172 18.34 -1.70 33.98
N PHE E 173 19.15 -2.30 34.86
CA PHE E 173 18.62 -3.21 35.86
C PHE E 173 17.60 -2.52 36.72
N ILE E 174 17.90 -1.30 37.16
CA ILE E 174 16.96 -0.58 38.00
C ILE E 174 15.70 -0.22 37.22
N ALA E 175 15.86 0.24 35.98
CA ALA E 175 14.69 0.68 35.23
C ALA E 175 13.70 -0.47 34.99
N THR E 176 14.19 -1.65 34.65
CA THR E 176 13.26 -2.68 34.22
C THR E 176 12.85 -3.65 35.33
N ALA E 177 13.37 -3.49 36.54
CA ALA E 177 12.98 -4.36 37.63
C ALA E 177 11.50 -4.15 37.98
N ASP E 178 10.92 -5.17 38.63
CA ASP E 178 9.50 -5.14 38.96
C ASP E 178 9.21 -4.15 40.07
N ASP E 179 10.15 -4.00 41.00
CA ASP E 179 10.05 -3.05 42.10
C ASP E 179 11.22 -2.08 41.99
N PRO E 180 11.04 -0.93 41.35
CA PRO E 180 12.20 -0.06 41.11
C PRO E 180 12.77 0.57 42.36
N LYS E 181 11.97 0.91 43.38
CA LYS E 181 12.58 1.48 44.58
C LYS E 181 13.61 0.54 45.18
N ARG E 182 13.24 -0.74 45.32
CA ARG E 182 14.15 -1.72 45.89
C ARG E 182 15.40 -1.89 45.04
N ALA E 183 15.22 -1.90 43.71
CA ALA E 183 16.33 -2.10 42.79
C ALA E 183 17.32 -0.95 42.85
N ARG E 184 16.82 0.28 42.94
CA ARG E 184 17.71 1.43 43.11
C ARG E 184 18.48 1.29 44.42
N ARG E 185 17.78 0.96 45.51
CA ARG E 185 18.46 0.79 46.79
C ARG E 185 19.56 -0.27 46.72
N GLU E 186 19.19 -1.50 46.28
CA GLU E 186 20.13 -2.62 46.29
C GLU E 186 21.27 -2.43 45.31
N THR E 187 20.96 -1.89 44.11
CA THR E 187 22.01 -1.67 43.13
C THR E 187 23.00 -0.64 43.66
N ARG E 188 22.48 0.44 44.26
CA ARG E 188 23.36 1.40 44.90
C ARG E 188 24.28 0.72 45.90
N GLN E 189 23.72 -0.21 46.68
CA GLN E 189 24.52 -0.97 47.63
C GLN E 189 25.71 -1.66 46.96
N VAL E 190 25.45 -2.50 45.95
CA VAL E 190 26.54 -3.32 45.40
C VAL E 190 27.54 -2.47 44.65
N LEU E 191 27.10 -1.35 44.05
CA LEU E 191 28.02 -0.39 43.48
C LEU E 191 28.91 0.27 44.56
N ARG E 192 28.31 0.69 45.68
CA ARG E 192 29.09 1.22 46.79
C ARG E 192 30.15 0.23 47.26
N ARG E 193 29.73 -1.02 47.52
CA ARG E 193 30.69 -2.03 47.97
C ARG E 193 31.81 -2.22 46.97
N LEU E 194 31.44 -2.24 45.68
CA LEU E 194 32.43 -2.41 44.63
C LEU E 194 33.45 -1.29 44.69
N ILE E 195 32.95 -0.06 44.78
CA ILE E 195 33.81 1.11 44.79
C ILE E 195 34.74 1.04 46.00
N ASP E 196 34.17 0.84 47.20
CA ASP E 196 34.97 0.81 48.44
C ASP E 196 36.08 -0.23 48.36
N GLY E 197 35.79 -1.37 47.74
CA GLY E 197 36.79 -2.37 47.45
C GLY E 197 37.84 -1.93 46.45
N MET E 198 37.53 -0.94 45.61
CA MET E 198 38.56 -0.35 44.74
C MET E 198 39.42 0.69 45.47
N LEU E 199 38.81 1.56 46.29
CA LEU E 199 39.51 2.65 46.93
C LEU E 199 40.23 2.27 48.24
N ASN E 200 40.99 3.26 48.72
CA ASN E 200 41.84 3.27 49.91
C ASN E 200 43.01 2.30 49.72
N ARG F 6 -7.41 -17.84 -12.10
CA ARG F 6 -7.17 -17.75 -10.67
C ARG F 6 -5.72 -18.00 -10.35
N THR F 7 -5.03 -18.67 -11.28
CA THR F 7 -3.69 -19.20 -11.03
C THR F 7 -2.66 -18.08 -10.84
N GLN F 8 -1.50 -18.46 -10.28
CA GLN F 8 -0.41 -17.51 -10.06
C GLN F 8 0.18 -17.08 -11.38
N GLU F 9 0.20 -17.98 -12.35
CA GLU F 9 0.68 -17.61 -13.67
C GLU F 9 -0.25 -16.59 -14.33
N GLU F 10 -1.56 -16.72 -14.09
CA GLU F 10 -2.56 -15.81 -14.63
C GLU F 10 -2.58 -14.45 -13.91
N ARG F 11 -2.36 -14.46 -12.59
CA ARG F 11 -2.38 -13.20 -11.86
C ARG F 11 -1.16 -12.38 -12.21
N SER F 12 0.00 -13.04 -12.32
CA SER F 12 1.20 -12.40 -12.82
C SER F 12 0.97 -11.86 -14.21
N ALA F 13 0.56 -12.73 -15.14
CA ALA F 13 0.40 -12.31 -16.52
C ALA F 13 -0.58 -11.15 -16.65
N ALA F 14 -1.61 -11.12 -15.81
CA ALA F 14 -2.58 -10.04 -15.90
C ALA F 14 -1.97 -8.72 -15.45
N THR F 15 -1.20 -8.78 -14.37
CA THR F 15 -0.58 -7.57 -13.86
C THR F 15 0.56 -7.11 -14.77
N ARG F 16 1.37 -8.03 -15.27
CA ARG F 16 2.42 -7.67 -16.21
C ARG F 16 1.83 -7.07 -17.46
N GLU F 17 0.73 -7.64 -17.95
CA GLU F 17 0.13 -7.11 -19.16
C GLU F 17 -0.44 -5.72 -18.92
N ALA F 18 -1.02 -5.47 -17.74
CA ALA F 18 -1.57 -4.14 -17.51
C ALA F 18 -0.46 -3.09 -17.37
N LEU F 19 0.63 -3.44 -16.69
CA LEU F 19 1.76 -2.50 -16.59
C LEU F 19 2.33 -2.21 -17.95
N ILE F 20 2.44 -3.24 -18.79
CA ILE F 20 3.03 -3.06 -20.12
C ILE F 20 2.12 -2.17 -20.96
N THR F 21 0.81 -2.39 -20.89
CA THR F 21 -0.11 -1.53 -21.61
C THR F 21 0.02 -0.07 -21.17
N GLY F 22 0.03 0.17 -19.86
CA GLY F 22 0.10 1.54 -19.36
C GLY F 22 1.42 2.23 -19.66
N ALA F 23 2.54 1.52 -19.45
CA ALA F 23 3.85 2.09 -19.72
C ALA F 23 4.01 2.39 -21.20
N ARG F 24 3.44 1.54 -22.04
CA ARG F 24 3.45 1.77 -23.48
C ARG F 24 2.72 3.04 -23.83
N LYS F 25 1.46 3.17 -23.39
CA LYS F 25 0.70 4.39 -23.67
C LYS F 25 1.47 5.63 -23.21
N LEU F 26 1.86 5.65 -21.95
CA LEU F 26 2.40 6.90 -21.41
C LEU F 26 3.80 7.20 -21.97
N TRP F 27 4.72 6.23 -21.87
CA TRP F 27 6.06 6.42 -22.39
C TRP F 27 6.03 6.83 -23.84
N GLY F 28 5.15 6.22 -24.62
CA GLY F 28 5.00 6.62 -26.00
C GLY F 28 4.49 8.03 -26.15
N LEU F 29 3.61 8.47 -25.24
CA LEU F 29 3.11 9.83 -25.36
C LEU F 29 4.19 10.84 -24.98
N ARG F 30 5.02 10.52 -23.99
CA ARG F 30 5.86 11.55 -23.38
C ARG F 30 7.35 11.21 -23.25
N GLY F 31 7.76 9.99 -23.56
CA GLY F 31 9.17 9.67 -23.43
C GLY F 31 9.47 8.96 -22.12
N TYR F 32 10.43 8.04 -22.17
CA TYR F 32 10.77 7.23 -21.00
C TYR F 32 11.32 8.12 -19.90
N ALA F 33 12.05 9.17 -20.28
CA ALA F 33 12.58 10.09 -19.31
C ALA F 33 11.48 10.80 -18.54
N GLU F 34 10.35 11.07 -19.19
CA GLU F 34 9.38 12.01 -18.65
C GLU F 34 8.22 11.38 -17.87
N VAL F 35 8.18 10.06 -17.72
CA VAL F 35 7.14 9.39 -16.94
C VAL F 35 7.77 8.51 -15.87
N GLY F 36 7.34 8.72 -14.58
CA GLY F 36 7.82 7.91 -13.48
C GLY F 36 6.95 6.68 -13.13
N THR F 37 7.56 5.72 -12.44
CA THR F 37 6.83 4.52 -12.03
C THR F 37 5.61 4.78 -11.14
N PRO F 38 5.54 5.84 -10.32
CA PRO F 38 4.26 6.13 -9.66
C PRO F 38 3.13 6.32 -10.64
N GLU F 39 3.25 7.33 -11.53
CA GLU F 39 2.27 7.53 -12.61
C GLU F 39 1.95 6.24 -13.34
N ILE F 40 2.97 5.44 -13.65
CA ILE F 40 2.75 4.24 -14.45
C ILE F 40 1.89 3.26 -13.69
N ALA F 41 2.27 2.98 -12.43
CA ALA F 41 1.47 2.12 -11.57
C ALA F 41 0.04 2.61 -11.45
N THR F 42 -0.14 3.88 -11.08
CA THR F 42 -1.50 4.43 -10.97
C THR F 42 -2.29 4.18 -12.24
N GLU F 43 -1.66 4.41 -13.40
CA GLU F 43 -2.39 4.23 -14.65
C GLU F 43 -2.74 2.75 -14.87
N ALA F 44 -1.84 1.84 -14.47
CA ALA F 44 -2.14 0.40 -14.54
C ALA F 44 -3.17 -0.02 -13.50
N GLY F 45 -3.30 0.74 -12.42
CA GLY F 45 -4.22 0.36 -11.35
C GLY F 45 -3.62 -0.66 -10.42
N VAL F 46 -2.32 -0.55 -10.14
CA VAL F 46 -1.56 -1.51 -9.35
C VAL F 46 -0.63 -0.72 -8.43
N THR F 47 0.01 -1.43 -7.51
CA THR F 47 0.94 -0.78 -6.59
C THR F 47 2.36 -0.86 -7.12
N ARG F 48 3.14 0.19 -6.81
CA ARG F 48 4.55 0.20 -7.16
C ARG F 48 5.23 -1.09 -6.69
N GLY F 49 4.78 -1.61 -5.53
CA GLY F 49 5.35 -2.86 -5.01
C GLY F 49 5.09 -4.06 -5.92
N ALA F 50 3.86 -4.19 -6.40
CA ALA F 50 3.56 -5.32 -7.27
C ALA F 50 4.39 -5.24 -8.55
N MET F 51 4.58 -4.01 -9.03
CA MET F 51 5.40 -3.77 -10.21
C MET F 51 6.82 -4.23 -10.00
N TYR F 52 7.44 -3.82 -8.89
CA TYR F 52 8.81 -4.24 -8.68
C TYR F 52 8.93 -5.71 -8.31
N HIS F 53 7.81 -6.39 -8.08
CA HIS F 53 7.88 -7.85 -8.04
C HIS F 53 7.88 -8.43 -9.45
N GLN F 54 7.03 -7.92 -10.34
CA GLN F 54 7.00 -8.47 -11.70
C GLN F 54 8.24 -8.08 -12.50
N PHE F 55 8.75 -6.86 -12.30
CA PHE F 55 9.86 -6.37 -13.10
C PHE F 55 11.02 -5.95 -12.23
N ALA F 56 12.24 -6.20 -12.72
CA ALA F 56 13.45 -5.91 -11.96
C ALA F 56 13.50 -4.45 -11.55
N ASP F 57 13.62 -3.57 -12.54
CA ASP F 57 13.63 -2.12 -12.38
C ASP F 57 12.85 -1.50 -13.53
N LYS F 58 12.84 -0.17 -13.59
CA LYS F 58 12.18 0.54 -14.70
C LYS F 58 12.68 0.02 -16.04
N ALA F 59 13.99 -0.12 -16.16
CA ALA F 59 14.58 -0.60 -17.42
C ALA F 59 14.01 -1.96 -17.86
N ALA F 60 13.83 -2.91 -16.93
CA ALA F 60 13.33 -4.22 -17.33
C ALA F 60 11.93 -4.12 -17.90
N LEU F 61 11.10 -3.23 -17.32
CA LEU F 61 9.78 -2.97 -17.87
C LEU F 61 9.88 -2.35 -19.26
N PHE F 62 10.78 -1.35 -19.42
CA PHE F 62 10.94 -0.79 -20.75
C PHE F 62 11.34 -1.87 -21.75
N ARG F 63 12.20 -2.82 -21.35
CA ARG F 63 12.55 -3.89 -22.26
C ARG F 63 11.32 -4.70 -22.67
N ASP F 64 10.41 -5.05 -21.74
CA ASP F 64 9.26 -5.79 -22.26
C ASP F 64 8.35 -4.91 -23.13
N VAL F 65 8.26 -3.60 -22.86
CA VAL F 65 7.46 -2.72 -23.72
C VAL F 65 8.03 -2.67 -25.14
N VAL F 66 9.34 -2.46 -25.24
CA VAL F 66 10.02 -2.56 -26.53
C VAL F 66 9.64 -3.85 -27.24
N GLU F 67 9.82 -4.99 -26.59
CA GLU F 67 9.51 -6.25 -27.25
C GLU F 67 8.11 -6.23 -27.86
N VAL F 68 7.11 -5.82 -27.06
CA VAL F 68 5.74 -5.82 -27.57
C VAL F 68 5.62 -4.92 -28.80
N VAL F 69 6.14 -3.68 -28.70
CA VAL F 69 6.01 -2.71 -29.79
C VAL F 69 6.69 -3.23 -31.05
N GLU F 70 7.87 -3.80 -30.88
CA GLU F 70 8.57 -4.29 -32.05
C GLU F 70 7.76 -5.38 -32.75
N GLN F 71 7.18 -6.33 -32.01
CA GLN F 71 6.37 -7.34 -32.70
C GLN F 71 5.13 -6.71 -33.34
N ASP F 72 4.52 -5.70 -32.73
CA ASP F 72 3.41 -5.03 -33.43
C ASP F 72 3.90 -4.42 -34.73
N VAL F 73 5.09 -3.83 -34.71
CA VAL F 73 5.66 -3.29 -35.94
C VAL F 73 5.75 -4.38 -37.01
N MET F 74 6.33 -5.51 -36.65
CA MET F 74 6.47 -6.61 -37.60
C MET F 74 5.13 -7.12 -38.13
N ALA F 75 4.14 -7.31 -37.26
CA ALA F 75 2.82 -7.75 -37.72
C ALA F 75 2.22 -6.76 -38.70
N ARG F 76 2.18 -5.48 -38.32
CA ARG F 76 1.59 -4.46 -39.19
C ARG F 76 2.31 -4.39 -40.51
N MET F 77 3.64 -4.54 -40.48
CA MET F 77 4.39 -4.48 -41.73
C MET F 77 4.07 -5.64 -42.65
N ALA F 78 4.09 -6.86 -42.10
CA ALA F 78 3.75 -8.05 -42.88
C ALA F 78 2.34 -7.98 -43.45
N THR F 79 1.38 -7.52 -42.65
CA THR F 79 0.05 -7.33 -43.21
C THR F 79 0.11 -6.45 -44.44
N LEU F 80 0.74 -5.27 -44.33
CA LEU F 80 0.70 -4.38 -45.49
C LEU F 80 1.45 -4.97 -46.69
N VAL F 81 2.56 -5.67 -46.44
CA VAL F 81 3.34 -6.14 -47.58
C VAL F 81 2.59 -7.23 -48.31
N ALA F 82 1.89 -8.12 -47.59
CA ALA F 82 1.14 -9.19 -48.25
C ALA F 82 0.11 -8.65 -49.24
N ALA F 83 -0.62 -7.59 -48.87
CA ALA F 83 -1.64 -7.02 -49.75
C ALA F 83 -1.04 -6.34 -50.97
N SER F 84 0.24 -5.99 -50.91
CA SER F 84 0.93 -5.35 -52.02
C SER F 84 0.92 -6.23 -53.27
N GLY F 85 1.05 -7.53 -53.09
CA GLY F 85 1.08 -8.47 -54.19
C GLY F 85 2.45 -8.58 -54.82
N ALA F 86 3.49 -8.40 -54.03
CA ALA F 86 4.83 -8.55 -54.54
C ALA F 86 5.08 -9.99 -54.96
N ALA F 87 6.07 -10.17 -55.82
CA ALA F 87 6.34 -11.49 -56.39
C ALA F 87 7.80 -11.87 -56.41
N THR F 88 8.71 -10.93 -56.26
CA THR F 88 10.15 -11.18 -56.29
C THR F 88 10.77 -10.37 -55.18
N PRO F 89 11.96 -10.77 -54.71
CA PRO F 89 12.62 -10.01 -53.65
C PRO F 89 12.67 -8.50 -53.86
N ALA F 90 12.90 -8.03 -55.09
CA ALA F 90 12.88 -6.59 -55.35
C ALA F 90 11.52 -5.98 -55.02
N ASP F 91 10.45 -6.61 -55.51
CA ASP F 91 9.11 -6.10 -55.24
C ASP F 91 8.83 -6.14 -53.74
N ALA F 92 9.35 -7.15 -53.06
CA ALA F 92 9.22 -7.26 -51.62
C ALA F 92 9.92 -6.10 -50.93
N ILE F 93 11.10 -5.74 -51.41
CA ILE F 93 11.80 -4.60 -50.84
C ILE F 93 11.00 -3.32 -51.04
N ARG F 94 10.55 -3.07 -52.26
CA ARG F 94 9.78 -1.86 -52.48
C ARG F 94 8.55 -1.82 -51.56
N ALA F 95 7.82 -2.92 -51.48
CA ALA F 95 6.65 -2.95 -50.61
C ALA F 95 7.01 -2.79 -49.14
N ALA F 96 8.20 -3.27 -48.76
CA ALA F 96 8.65 -3.12 -47.38
C ALA F 96 8.84 -1.66 -47.05
N VAL F 97 9.53 -0.92 -47.90
CA VAL F 97 9.74 0.49 -47.68
C VAL F 97 8.40 1.21 -47.57
N ASP F 98 7.51 1.00 -48.54
CA ASP F 98 6.21 1.67 -48.47
C ASP F 98 5.49 1.32 -47.16
N ALA F 99 5.65 0.08 -46.70
CA ALA F 99 5.01 -0.30 -45.45
C ALA F 99 5.61 0.45 -44.28
N TRP F 100 6.95 0.47 -44.19
CA TRP F 100 7.57 1.12 -43.05
C TRP F 100 7.12 2.57 -42.99
N LEU F 101 7.05 3.22 -44.15
CA LEU F 101 6.52 4.58 -44.21
C LEU F 101 5.12 4.67 -43.61
N GLU F 102 4.26 3.67 -43.85
CA GLU F 102 2.94 3.69 -43.23
C GLU F 102 3.02 3.49 -41.70
N VAL F 103 3.80 2.50 -41.24
CA VAL F 103 3.70 2.09 -39.84
C VAL F 103 4.35 3.14 -38.98
N SER F 104 5.46 3.69 -39.43
CA SER F 104 6.18 4.73 -38.71
C SER F 104 5.37 6.02 -38.59
N GLY F 105 4.21 6.10 -39.24
CA GLY F 105 3.31 7.20 -38.93
C GLY F 105 2.84 7.18 -37.48
N ASP F 106 2.89 6.03 -36.82
CA ASP F 106 2.52 5.90 -35.40
C ASP F 106 3.54 6.63 -34.54
N PRO F 107 3.16 7.64 -33.78
CA PRO F 107 4.18 8.32 -32.99
C PRO F 107 4.71 7.45 -31.87
N GLU F 108 3.87 6.58 -31.30
CA GLU F 108 4.32 5.66 -30.25
C GLU F 108 5.51 4.83 -30.72
N VAL F 109 5.48 4.38 -31.98
CA VAL F 109 6.56 3.59 -32.58
C VAL F 109 7.82 4.44 -32.71
N ARG F 110 7.69 5.68 -33.20
CA ARG F 110 8.85 6.55 -33.30
C ARG F 110 9.42 6.87 -31.93
N GLN F 111 8.54 7.12 -30.95
CA GLN F 111 8.99 7.46 -29.60
C GLN F 111 9.75 6.32 -28.95
N LEU F 112 9.17 5.14 -28.92
CA LEU F 112 9.80 4.08 -28.18
C LEU F 112 10.99 3.48 -28.93
N ILE F 113 10.84 3.25 -30.23
CA ILE F 113 11.85 2.51 -30.99
C ILE F 113 12.92 3.39 -31.60
N LEU F 114 12.56 4.56 -32.10
CA LEU F 114 13.55 5.36 -32.81
C LEU F 114 14.38 6.24 -31.88
N LEU F 115 13.83 6.62 -30.73
CA LEU F 115 14.49 7.57 -29.85
C LEU F 115 14.97 6.89 -28.57
N ASP F 116 14.04 6.39 -27.74
CA ASP F 116 14.40 5.96 -26.38
C ASP F 116 15.20 4.66 -26.40
N ALA F 117 14.75 3.65 -27.14
CA ALA F 117 15.33 2.32 -27.00
C ALA F 117 16.85 2.31 -27.06
N PRO F 118 17.51 2.94 -28.04
CA PRO F 118 18.98 2.94 -28.03
C PRO F 118 19.55 3.58 -26.77
N VAL F 119 18.85 4.53 -26.18
CA VAL F 119 19.36 5.21 -25.00
C VAL F 119 19.15 4.37 -23.74
N VAL F 120 17.96 3.81 -23.57
CA VAL F 120 17.67 2.98 -22.40
C VAL F 120 18.50 1.70 -22.45
N LEU F 121 18.33 0.89 -23.50
CA LEU F 121 19.02 -0.40 -23.56
C LEU F 121 20.44 -0.30 -24.12
N GLY F 122 20.87 0.87 -24.54
CA GLY F 122 22.16 0.76 -25.19
C GLY F 122 22.00 0.36 -26.63
N TRP F 123 22.92 0.86 -27.46
CA TRP F 123 22.79 0.62 -28.88
C TRP F 123 22.87 -0.88 -29.18
N ALA F 124 23.90 -1.53 -28.65
CA ALA F 124 24.04 -2.97 -28.84
C ALA F 124 22.88 -3.74 -28.24
N GLY F 125 22.39 -3.32 -27.08
CA GLY F 125 21.27 -4.04 -26.48
C GLY F 125 20.06 -4.06 -27.39
N PHE F 126 19.62 -2.87 -27.79
CA PHE F 126 18.49 -2.78 -28.72
C PHE F 126 18.78 -3.54 -30.01
N ARG F 127 20.04 -3.53 -30.46
CA ARG F 127 20.38 -4.27 -31.67
C ARG F 127 20.07 -5.75 -31.49
N ASP F 128 20.53 -6.31 -30.37
CA ASP F 128 20.22 -7.69 -30.01
C ASP F 128 18.71 -7.94 -30.02
N VAL F 129 17.91 -6.88 -29.78
CA VAL F 129 16.44 -7.03 -29.88
C VAL F 129 15.98 -6.99 -31.34
N ALA F 130 16.50 -6.05 -32.12
CA ALA F 130 15.97 -5.88 -33.46
C ALA F 130 16.39 -7.00 -34.40
N GLN F 131 17.42 -7.74 -34.06
CA GLN F 131 17.81 -8.79 -34.94
C GLN F 131 16.70 -9.79 -35.13
N ARG F 132 15.95 -10.00 -34.09
CA ARG F 132 14.84 -10.93 -34.04
C ARG F 132 13.56 -10.36 -34.60
N TYR F 133 13.60 -9.14 -35.11
CA TYR F 133 12.41 -8.53 -35.69
C TYR F 133 12.74 -7.80 -36.99
N SER F 134 12.45 -6.49 -37.00
CA SER F 134 12.59 -5.72 -38.22
C SER F 134 14.01 -5.82 -38.78
N LEU F 135 15.03 -5.76 -37.93
CA LEU F 135 16.40 -5.88 -38.45
C LEU F 135 16.58 -7.20 -39.17
N GLY F 136 16.19 -8.31 -38.53
CA GLY F 136 16.35 -9.60 -39.17
C GLY F 136 15.55 -9.73 -40.44
N MET F 137 14.35 -9.11 -40.48
CA MET F 137 13.58 -9.11 -41.71
C MET F 137 14.36 -8.40 -42.81
N THR F 138 15.04 -7.31 -42.44
CA THR F 138 15.88 -6.63 -43.41
C THR F 138 17.01 -7.54 -43.89
N GLU F 139 17.68 -8.24 -42.98
CA GLU F 139 18.74 -9.14 -43.41
C GLU F 139 18.20 -10.20 -44.36
N GLN F 140 16.99 -10.70 -44.12
CA GLN F 140 16.45 -11.72 -45.02
C GLN F 140 16.04 -11.11 -46.35
N LEU F 141 15.41 -9.95 -46.36
CA LEU F 141 15.05 -9.35 -47.65
C LEU F 141 16.27 -9.10 -48.50
N ILE F 142 17.36 -8.64 -47.88
CA ILE F 142 18.62 -8.48 -48.63
C ILE F 142 19.10 -9.83 -49.13
N THR F 143 19.17 -10.81 -48.22
CA THR F 143 19.69 -12.13 -48.55
C THR F 143 18.93 -12.77 -49.70
N GLU F 144 17.60 -12.68 -49.68
CA GLU F 144 16.81 -13.20 -50.79
C GLU F 144 17.07 -12.41 -52.05
N ALA F 145 17.22 -11.09 -51.93
CA ALA F 145 17.49 -10.32 -53.12
C ALA F 145 18.82 -10.75 -53.77
N ILE F 146 19.84 -11.06 -52.96
CA ILE F 146 21.09 -11.58 -53.49
C ILE F 146 20.85 -12.92 -54.15
N ARG F 147 20.21 -13.84 -53.42
CA ARG F 147 19.97 -15.17 -53.95
C ARG F 147 19.31 -15.12 -55.32
N ALA F 148 18.35 -14.24 -55.51
CA ALA F 148 17.65 -14.27 -56.77
C ALA F 148 18.38 -13.53 -57.87
N GLY F 149 19.59 -13.02 -57.58
CA GLY F 149 20.38 -12.27 -58.54
C GLY F 149 19.87 -10.87 -58.87
N GLN F 150 18.92 -10.34 -58.10
CA GLN F 150 18.43 -8.99 -58.30
C GLN F 150 19.33 -7.95 -57.65
N LEU F 151 20.26 -8.38 -56.80
CA LEU F 151 21.12 -7.46 -56.07
C LEU F 151 22.50 -8.06 -55.90
N ALA F 152 23.53 -7.21 -56.05
CA ALA F 152 24.91 -7.67 -56.07
C ALA F 152 25.35 -8.24 -54.72
N ARG F 153 26.14 -9.31 -54.77
CA ARG F 153 26.66 -9.91 -53.55
C ARG F 153 27.54 -8.91 -52.81
N GLN F 154 27.29 -8.78 -51.52
CA GLN F 154 27.99 -7.87 -50.62
C GLN F 154 27.69 -8.29 -49.19
N PRO F 155 28.42 -7.78 -48.20
CA PRO F 155 28.14 -8.18 -46.80
C PRO F 155 26.74 -7.77 -46.41
N VAL F 156 25.99 -8.69 -45.84
CA VAL F 156 24.58 -8.41 -45.66
C VAL F 156 24.31 -7.64 -44.38
N ARG F 157 24.85 -8.07 -43.23
CA ARG F 157 24.63 -7.33 -41.99
C ARG F 157 24.91 -5.83 -42.11
N PRO F 158 26.06 -5.39 -42.65
CA PRO F 158 26.29 -3.93 -42.75
C PRO F 158 25.25 -3.21 -43.59
N LEU F 159 24.93 -3.72 -44.78
CA LEU F 159 23.90 -3.09 -45.60
C LEU F 159 22.59 -2.98 -44.81
N ALA F 160 22.15 -4.07 -44.19
CA ALA F 160 20.89 -4.04 -43.43
C ALA F 160 20.89 -2.97 -42.33
N GLN F 161 21.98 -2.88 -41.55
CA GLN F 161 22.01 -1.85 -40.51
C GLN F 161 21.95 -0.44 -41.10
N VAL F 162 22.69 -0.21 -42.19
CA VAL F 162 22.74 1.12 -42.82
C VAL F 162 21.37 1.51 -43.41
N LEU F 163 20.76 0.61 -44.17
CA LEU F 163 19.44 0.89 -44.71
C LEU F 163 18.42 1.11 -43.61
N ILE F 164 18.54 0.40 -42.48
CA ILE F 164 17.66 0.70 -41.36
C ILE F 164 17.86 2.13 -40.89
N GLY F 165 19.12 2.54 -40.76
CA GLY F 165 19.36 3.92 -40.34
C GLY F 165 18.68 4.92 -41.25
N ALA F 166 18.86 4.74 -42.57
CA ALA F 166 18.21 5.63 -43.52
C ALA F 166 16.70 5.64 -43.36
N LEU F 167 16.08 4.47 -43.13
CA LEU F 167 14.62 4.45 -42.98
C LEU F 167 14.18 5.14 -41.69
N ASP F 168 14.88 4.89 -40.58
CA ASP F 168 14.50 5.54 -39.32
C ASP F 168 14.50 7.05 -39.49
N GLU F 169 15.63 7.60 -39.95
CA GLU F 169 15.69 9.04 -40.09
C GLU F 169 14.70 9.55 -41.12
N ALA F 170 14.40 8.79 -42.19
CA ALA F 170 13.31 9.18 -43.08
C ALA F 170 11.99 9.37 -42.32
N ALA F 171 11.67 8.44 -41.41
CA ALA F 171 10.40 8.57 -40.69
C ALA F 171 10.38 9.81 -39.79
N MET F 172 11.47 10.05 -39.02
CA MET F 172 11.49 11.25 -38.20
C MET F 172 11.34 12.49 -39.08
N PHE F 173 11.99 12.46 -40.25
CA PHE F 173 11.94 13.58 -41.18
C PHE F 173 10.52 13.90 -41.59
N ILE F 174 9.75 12.88 -41.94
CA ILE F 174 8.37 13.13 -42.35
C ILE F 174 7.55 13.63 -41.17
N ALA F 175 7.71 13.01 -39.99
CA ALA F 175 6.90 13.39 -38.82
C ALA F 175 7.11 14.84 -38.40
N THR F 176 8.34 15.36 -38.49
CA THR F 176 8.61 16.68 -37.96
C THR F 176 8.54 17.80 -39.00
N ALA F 177 8.36 17.47 -40.28
CA ALA F 177 8.30 18.49 -41.32
C ALA F 177 7.06 19.35 -41.19
N ASP F 178 7.16 20.56 -41.76
CA ASP F 178 6.09 21.54 -41.64
C ASP F 178 4.89 21.17 -42.50
N ASP F 179 5.14 20.57 -43.67
CA ASP F 179 4.09 20.04 -44.54
C ASP F 179 4.36 18.54 -44.68
N PRO F 180 3.69 17.71 -43.88
CA PRO F 180 4.04 16.28 -43.90
C PRO F 180 3.61 15.55 -45.17
N LYS F 181 2.50 15.96 -45.80
CA LYS F 181 2.07 15.29 -47.05
C LYS F 181 3.15 15.39 -48.12
N ARG F 182 3.66 16.60 -48.34
CA ARG F 182 4.74 16.79 -49.29
C ARG F 182 6.00 16.07 -48.84
N ALA F 183 6.24 16.04 -47.53
CA ALA F 183 7.45 15.39 -47.00
C ALA F 183 7.45 13.88 -47.26
N ARG F 184 6.30 13.23 -47.05
CA ARG F 184 6.16 11.82 -47.37
C ARG F 184 6.30 11.57 -48.88
N ARG F 185 5.69 12.41 -49.71
CA ARG F 185 5.85 12.24 -51.17
C ARG F 185 7.33 12.29 -51.55
N GLU F 186 8.03 13.36 -51.13
CA GLU F 186 9.42 13.56 -51.52
C GLU F 186 10.34 12.51 -50.91
N THR F 187 10.10 12.19 -49.63
CA THR F 187 10.96 11.22 -48.95
C THR F 187 10.83 9.85 -49.60
N ARG F 188 9.58 9.46 -49.89
CA ARG F 188 9.35 8.23 -50.62
C ARG F 188 10.11 8.24 -51.94
N GLN F 189 10.11 9.39 -52.63
CA GLN F 189 10.88 9.50 -53.85
C GLN F 189 12.36 9.15 -53.65
N VAL F 190 13.05 9.82 -52.69
CA VAL F 190 14.49 9.59 -52.60
C VAL F 190 14.82 8.19 -52.09
N LEU F 191 13.96 7.63 -51.22
CA LEU F 191 14.17 6.24 -50.83
C LEU F 191 14.02 5.32 -52.03
N ARG F 192 12.98 5.56 -52.83
CA ARG F 192 12.75 4.76 -54.03
C ARG F 192 13.95 4.80 -54.98
N ARG F 193 14.43 6.01 -55.30
CA ARG F 193 15.59 6.15 -56.19
C ARG F 193 16.79 5.43 -55.60
N LEU F 194 16.94 5.54 -54.28
CA LEU F 194 18.06 4.91 -53.58
C LEU F 194 18.04 3.41 -53.81
N ILE F 195 16.87 2.81 -53.59
CA ILE F 195 16.67 1.39 -53.77
C ILE F 195 16.95 1.00 -55.22
N ASP F 196 16.30 1.69 -56.17
CA ASP F 196 16.51 1.30 -57.56
C ASP F 196 17.97 1.39 -57.93
N GLY F 197 18.67 2.42 -57.46
CA GLY F 197 20.09 2.48 -57.70
C GLY F 197 20.84 1.34 -57.05
N MET F 198 20.27 0.78 -55.98
CA MET F 198 20.89 -0.35 -55.32
C MET F 198 20.60 -1.66 -56.01
N LEU F 199 19.34 -1.88 -56.40
CA LEU F 199 18.93 -3.15 -57.01
C LEU F 199 19.30 -3.16 -58.49
N ASN F 200 18.52 -2.46 -59.30
CA ASN F 200 18.74 -2.41 -60.73
C ASN F 200 18.28 -1.05 -61.29
N ARG G 6 40.50 41.57 -14.82
CA ARG G 6 39.76 40.30 -14.75
C ARG G 6 38.27 40.58 -14.78
N THR G 7 37.73 40.89 -15.97
CA THR G 7 36.38 41.44 -16.07
C THR G 7 35.34 40.47 -15.50
N GLN G 8 34.15 41.01 -15.27
CA GLN G 8 33.04 40.26 -14.67
C GLN G 8 32.51 39.19 -15.63
N GLU G 9 32.47 39.52 -16.93
CA GLU G 9 32.08 38.57 -17.96
C GLU G 9 33.16 37.52 -18.17
N GLU G 10 34.43 37.94 -18.02
CA GLU G 10 35.57 37.03 -18.15
C GLU G 10 35.55 36.02 -17.03
N ARG G 11 35.01 36.42 -15.88
CA ARG G 11 34.76 35.47 -14.79
C ARG G 11 33.61 34.55 -15.16
N SER G 12 32.53 35.12 -15.70
CA SER G 12 31.39 34.32 -16.14
C SER G 12 31.76 33.34 -17.25
N ALA G 13 32.35 33.83 -18.33
CA ALA G 13 32.64 32.96 -19.47
C ALA G 13 33.54 31.78 -19.10
N ALA G 14 34.48 31.98 -18.17
CA ALA G 14 35.44 30.93 -17.82
C ALA G 14 34.78 29.77 -17.08
N THR G 15 33.78 30.07 -16.23
CA THR G 15 33.05 29.01 -15.54
C THR G 15 32.18 28.21 -16.51
N ARG G 16 31.58 28.86 -17.52
CA ARG G 16 30.85 28.13 -18.56
C ARG G 16 31.79 27.27 -19.40
N GLU G 17 33.01 27.74 -19.65
CA GLU G 17 33.97 26.90 -20.37
C GLU G 17 34.32 25.68 -19.52
N ALA G 18 34.47 25.85 -18.20
CA ALA G 18 34.80 24.72 -17.34
C ALA G 18 33.63 23.74 -17.18
N LEU G 19 32.40 24.28 -17.04
CA LEU G 19 31.22 23.42 -16.98
C LEU G 19 31.02 22.65 -18.29
N ILE G 20 31.20 23.31 -19.44
CA ILE G 20 30.98 22.62 -20.70
C ILE G 20 32.07 21.58 -20.94
N THR G 21 33.33 21.88 -20.59
CA THR G 21 34.37 20.88 -20.73
C THR G 21 34.08 19.67 -19.85
N GLY G 22 33.64 19.92 -18.61
CA GLY G 22 33.36 18.82 -17.72
C GLY G 22 32.16 17.99 -18.15
N ALA G 23 31.06 18.65 -18.54
CA ALA G 23 29.87 17.91 -18.94
C ALA G 23 30.14 17.13 -20.22
N ARG G 24 30.92 17.71 -21.13
CA ARG G 24 31.34 17.00 -22.34
C ARG G 24 32.12 15.74 -22.00
N LYS G 25 33.17 15.86 -21.18
CA LYS G 25 33.92 14.66 -20.77
C LYS G 25 32.99 13.60 -20.17
N LEU G 26 32.16 13.99 -19.21
CA LEU G 26 31.39 13.01 -18.43
C LEU G 26 30.23 12.42 -19.23
N TRP G 27 29.37 13.28 -19.76
CA TRP G 27 28.27 12.83 -20.61
C TRP G 27 28.80 11.99 -21.76
N GLY G 28 29.92 12.39 -22.36
CA GLY G 28 30.52 11.58 -23.41
C GLY G 28 30.98 10.23 -22.91
N LEU G 29 31.41 10.15 -21.65
CA LEU G 29 31.88 8.88 -21.11
C LEU G 29 30.73 7.95 -20.71
N ARG G 30 29.63 8.49 -20.18
CA ARG G 30 28.62 7.65 -19.54
C ARG G 30 27.18 7.91 -19.96
N GLY G 31 26.90 8.96 -20.73
CA GLY G 31 25.53 9.27 -21.10
C GLY G 31 24.93 10.39 -20.26
N TYR G 32 24.02 11.15 -20.88
CA TYR G 32 23.41 12.28 -20.20
C TYR G 32 22.58 11.85 -19.00
N ALA G 33 21.84 10.76 -19.14
CA ALA G 33 20.98 10.26 -18.07
C ALA G 33 21.77 9.81 -16.85
N GLU G 34 23.00 9.32 -17.04
CA GLU G 34 23.72 8.59 -16.00
C GLU G 34 24.72 9.47 -15.25
N VAL G 35 24.82 10.76 -15.56
CA VAL G 35 25.67 11.68 -14.82
C VAL G 35 24.78 12.83 -14.34
N GLY G 36 24.85 13.13 -13.06
CA GLY G 36 24.02 14.18 -12.50
C GLY G 36 24.70 15.54 -12.45
N THR G 37 23.86 16.56 -12.30
CA THR G 37 24.40 17.91 -12.14
C THR G 37 25.34 18.07 -10.94
N PRO G 38 25.16 17.38 -9.78
CA PRO G 38 26.16 17.47 -8.71
C PRO G 38 27.55 17.07 -9.17
N GLU G 39 27.67 15.82 -9.63
CA GLU G 39 28.94 15.32 -10.15
C GLU G 39 29.58 16.31 -11.11
N ILE G 40 28.76 16.89 -11.99
CA ILE G 40 29.27 17.76 -13.04
C ILE G 40 29.83 19.05 -12.45
N ALA G 41 29.06 19.69 -11.56
CA ALA G 41 29.59 20.85 -10.84
C ALA G 41 30.94 20.52 -10.18
N THR G 42 30.99 19.40 -9.46
CA THR G 42 32.22 18.97 -8.81
C THR G 42 33.40 18.96 -9.78
N GLU G 43 33.19 18.34 -10.96
CA GLU G 43 34.30 18.23 -11.92
C GLU G 43 34.69 19.61 -12.49
N ALA G 44 33.72 20.49 -12.67
CA ALA G 44 34.05 21.81 -13.16
C ALA G 44 34.79 22.63 -12.11
N GLY G 45 34.58 22.32 -10.83
CA GLY G 45 35.10 23.16 -9.77
C GLY G 45 34.21 24.35 -9.46
N VAL G 46 32.89 24.16 -9.52
CA VAL G 46 31.91 25.23 -9.29
C VAL G 46 30.77 24.65 -8.46
N THR G 47 29.90 25.53 -7.98
CA THR G 47 28.72 25.12 -7.21
C THR G 47 27.49 25.02 -8.10
N ARG G 48 26.62 24.07 -7.76
CA ARG G 48 25.36 23.89 -8.48
C ARG G 48 24.60 25.20 -8.69
N GLY G 49 24.68 26.11 -7.74
CA GLY G 49 23.98 27.38 -7.91
C GLY G 49 24.50 28.16 -9.09
N ALA G 50 25.82 28.19 -9.25
CA ALA G 50 26.39 28.93 -10.38
C ALA G 50 25.96 28.32 -11.70
N MET G 51 25.91 26.99 -11.77
CA MET G 51 25.46 26.31 -12.98
C MET G 51 24.04 26.72 -13.32
N TYR G 52 23.16 26.69 -12.33
CA TYR G 52 21.78 27.09 -12.60
C TYR G 52 21.62 28.60 -12.74
N HIS G 53 22.65 29.40 -12.47
CA HIS G 53 22.61 30.83 -12.86
C HIS G 53 23.03 31.02 -14.33
N GLN G 54 24.08 30.30 -14.78
CA GLN G 54 24.55 30.40 -16.16
C GLN G 54 23.64 29.69 -17.15
N PHE G 55 23.12 28.53 -16.76
CA PHE G 55 22.32 27.67 -17.64
C PHE G 55 20.94 27.52 -17.03
N ALA G 56 19.93 27.50 -17.90
CA ALA G 56 18.56 27.33 -17.42
C ALA G 56 18.42 26.01 -16.67
N ASP G 57 18.62 24.89 -17.38
CA ASP G 57 18.53 23.55 -16.78
C ASP G 57 19.63 22.63 -17.34
N LYS G 58 19.58 21.37 -16.91
CA LYS G 58 20.50 20.35 -17.41
C LYS G 58 20.45 20.28 -18.94
N ALA G 59 19.24 20.40 -19.49
CA ALA G 59 19.06 20.46 -20.95
C ALA G 59 19.85 21.59 -21.58
N ALA G 60 19.88 22.78 -20.95
CA ALA G 60 20.58 23.92 -21.56
C ALA G 60 22.09 23.71 -21.61
N LEU G 61 22.66 23.15 -20.55
CA LEU G 61 24.08 22.84 -20.59
C LEU G 61 24.36 21.80 -21.66
N PHE G 62 23.48 20.80 -21.78
CA PHE G 62 23.64 19.80 -22.85
C PHE G 62 23.57 20.43 -24.24
N ARG G 63 22.67 21.40 -24.41
CA ARG G 63 22.58 22.06 -25.71
C ARG G 63 23.90 22.73 -26.06
N ASP G 64 24.50 23.46 -25.12
CA ASP G 64 25.77 24.07 -25.51
C ASP G 64 26.90 23.05 -25.68
N VAL G 65 26.85 21.93 -24.95
CA VAL G 65 27.82 20.87 -25.16
C VAL G 65 27.71 20.31 -26.58
N VAL G 66 26.47 20.03 -26.99
CA VAL G 66 26.17 19.56 -28.34
C VAL G 66 26.76 20.50 -29.38
N GLU G 67 26.48 21.81 -29.26
CA GLU G 67 27.03 22.81 -30.19
C GLU G 67 28.54 22.68 -30.33
N VAL G 68 29.25 22.66 -29.19
CA VAL G 68 30.71 22.60 -29.25
C VAL G 68 31.17 21.35 -30.01
N VAL G 69 30.62 20.20 -29.62
CA VAL G 69 31.06 18.93 -30.20
C VAL G 69 30.82 18.90 -31.70
N GLU G 70 29.62 19.33 -32.10
CA GLU G 70 29.26 19.30 -33.51
C GLU G 70 30.21 20.16 -34.33
N GLN G 71 30.51 21.35 -33.83
CA GLN G 71 31.44 22.21 -34.56
C GLN G 71 32.83 21.57 -34.64
N ASP G 72 33.23 20.85 -33.59
CA ASP G 72 34.49 20.12 -33.64
C ASP G 72 34.48 19.04 -34.75
N VAL G 73 33.36 18.31 -34.86
CA VAL G 73 33.27 17.31 -35.92
C VAL G 73 33.50 17.97 -37.27
N MET G 74 32.79 19.08 -37.52
CA MET G 74 32.99 19.78 -38.79
C MET G 74 34.44 20.16 -38.99
N ALA G 75 35.13 20.58 -37.92
CA ALA G 75 36.54 20.94 -38.02
C ALA G 75 37.40 19.77 -38.52
N ARG G 76 37.40 18.65 -37.77
CA ARG G 76 38.25 17.50 -38.13
C ARG G 76 37.90 16.94 -39.50
N MET G 77 36.61 16.93 -39.83
CA MET G 77 36.18 16.44 -41.15
C MET G 77 36.69 17.34 -42.27
N ALA G 78 36.52 18.65 -42.14
CA ALA G 78 37.03 19.54 -43.15
C ALA G 78 38.52 19.30 -43.36
N THR G 79 39.25 19.03 -42.27
CA THR G 79 40.66 18.66 -42.40
C THR G 79 40.85 17.47 -43.31
N LEU G 80 40.20 16.34 -43.00
CA LEU G 80 40.48 15.15 -43.80
C LEU G 80 40.00 15.30 -45.25
N VAL G 81 38.90 16.03 -45.47
CA VAL G 81 38.37 16.21 -46.82
C VAL G 81 39.31 17.08 -47.66
N ALA G 82 39.88 18.12 -47.03
CA ALA G 82 40.91 18.91 -47.71
C ALA G 82 42.12 18.04 -48.06
N ALA G 83 42.59 17.22 -47.09
CA ALA G 83 43.79 16.43 -47.32
C ALA G 83 43.61 15.34 -48.39
N SER G 84 42.39 14.81 -48.56
CA SER G 84 42.18 13.81 -49.61
C SER G 84 42.36 14.42 -50.99
N GLY G 85 41.87 15.64 -51.22
CA GLY G 85 42.11 16.24 -52.52
C GLY G 85 41.15 15.87 -53.64
N ALA G 86 39.84 15.96 -53.37
CA ALA G 86 38.81 15.70 -54.38
C ALA G 86 38.86 16.71 -55.53
N ALA G 87 38.14 16.38 -56.60
CA ALA G 87 38.18 17.13 -57.84
C ALA G 87 36.80 17.44 -58.41
N THR G 88 35.75 16.77 -57.98
CA THR G 88 34.38 17.01 -58.40
C THR G 88 33.49 16.84 -57.18
N PRO G 89 32.27 17.40 -57.22
CA PRO G 89 31.34 17.17 -56.10
C PRO G 89 31.20 15.71 -55.69
N ALA G 90 31.09 14.77 -56.64
CA ALA G 90 30.96 13.36 -56.29
C ALA G 90 32.14 12.89 -55.45
N ASP G 91 33.35 13.17 -55.92
CA ASP G 91 34.54 12.83 -55.15
C ASP G 91 34.55 13.54 -53.82
N ALA G 92 33.97 14.75 -53.77
CA ALA G 92 33.86 15.46 -52.51
C ALA G 92 32.98 14.71 -51.53
N ILE G 93 31.87 14.16 -52.03
CA ILE G 93 30.97 13.36 -51.20
C ILE G 93 31.68 12.11 -50.69
N ARG G 94 32.30 11.35 -51.59
CA ARG G 94 32.98 10.13 -51.18
C ARG G 94 34.00 10.42 -50.09
N ALA G 95 34.79 11.48 -50.29
CA ALA G 95 35.76 11.83 -49.27
C ALA G 95 35.07 12.21 -47.96
N ALA G 96 33.90 12.86 -48.05
CA ALA G 96 33.19 13.21 -46.83
C ALA G 96 32.82 11.96 -46.05
N VAL G 97 32.27 10.96 -46.74
CA VAL G 97 31.92 9.72 -46.06
C VAL G 97 33.14 9.12 -45.38
N ASP G 98 34.23 8.95 -46.14
CA ASP G 98 35.42 8.34 -45.56
C ASP G 98 35.89 9.13 -44.34
N ALA G 99 35.74 10.44 -44.39
CA ALA G 99 36.15 11.29 -43.29
C ALA G 99 35.27 11.02 -42.08
N TRP G 100 33.95 11.03 -42.28
CA TRP G 100 33.03 10.83 -41.16
C TRP G 100 33.29 9.48 -40.51
N LEU G 101 33.52 8.47 -41.33
CA LEU G 101 33.90 7.17 -40.82
C LEU G 101 35.15 7.28 -39.95
N GLU G 102 36.12 8.11 -40.36
CA GLU G 102 37.29 8.30 -39.51
C GLU G 102 36.94 9.05 -38.22
N VAL G 103 36.19 10.14 -38.37
CA VAL G 103 35.93 11.04 -37.26
C VAL G 103 34.98 10.38 -36.26
N SER G 104 33.98 9.66 -36.77
CA SER G 104 33.03 8.99 -35.88
C SER G 104 33.69 7.90 -35.03
N GLY G 105 34.97 7.57 -35.24
CA GLY G 105 35.65 6.65 -34.34
C GLY G 105 35.70 7.10 -32.88
N ASP G 106 35.57 8.39 -32.63
CA ASP G 106 35.52 9.02 -31.32
C ASP G 106 34.31 8.57 -30.50
N PRO G 107 34.51 8.00 -29.30
CA PRO G 107 33.34 7.58 -28.50
C PRO G 107 32.55 8.76 -27.95
N GLU G 108 33.22 9.88 -27.65
CA GLU G 108 32.53 11.08 -27.17
C GLU G 108 31.47 11.53 -28.17
N VAL G 109 31.83 11.53 -29.45
CA VAL G 109 30.94 11.98 -30.52
C VAL G 109 29.73 11.07 -30.63
N ARG G 110 29.96 9.76 -30.56
CA ARG G 110 28.86 8.82 -30.68
C ARG G 110 27.84 8.96 -29.53
N GLN G 111 28.31 9.13 -28.29
CA GLN G 111 27.40 9.25 -27.16
C GLN G 111 26.58 10.54 -27.22
N LEU G 112 27.27 11.67 -27.39
CA LEU G 112 26.60 12.97 -27.29
C LEU G 112 25.74 13.24 -28.53
N ILE G 113 26.25 12.96 -29.73
CA ILE G 113 25.58 13.34 -30.97
C ILE G 113 24.66 12.23 -31.49
N LEU G 114 25.13 10.98 -31.54
CA LEU G 114 24.33 9.95 -32.17
C LEU G 114 23.31 9.31 -31.22
N LEU G 115 23.58 9.29 -29.92
CA LEU G 115 22.70 8.61 -29.00
C LEU G 115 21.85 9.59 -28.21
N ASP G 116 22.47 10.45 -27.36
CA ASP G 116 21.70 11.24 -26.41
C ASP G 116 21.00 12.43 -27.05
N ALA G 117 21.70 13.18 -27.89
CA ALA G 117 21.22 14.48 -28.34
C ALA G 117 19.78 14.48 -28.86
N PRO G 118 19.36 13.58 -29.74
CA PRO G 118 17.95 13.58 -30.16
C PRO G 118 16.95 13.38 -29.03
N VAL G 119 17.31 12.61 -27.98
CA VAL G 119 16.35 12.35 -26.91
C VAL G 119 16.26 13.54 -25.96
N VAL G 120 17.41 14.14 -25.63
CA VAL G 120 17.44 15.31 -24.76
C VAL G 120 16.80 16.52 -25.45
N LEU G 121 17.33 16.92 -26.62
CA LEU G 121 16.82 18.14 -27.28
C LEU G 121 15.57 17.89 -28.11
N GLY G 122 15.16 16.65 -28.31
CA GLY G 122 14.08 16.39 -29.23
C GLY G 122 14.62 16.32 -30.64
N TRP G 123 14.01 15.47 -31.46
CA TRP G 123 14.58 15.19 -32.78
C TRP G 123 14.63 16.45 -33.63
N ALA G 124 13.54 17.23 -33.63
CA ALA G 124 13.57 18.51 -34.31
C ALA G 124 14.59 19.47 -33.69
N GLY G 125 14.69 19.48 -32.35
CA GLY G 125 15.64 20.38 -31.70
C GLY G 125 17.07 20.11 -32.11
N PHE G 126 17.51 18.85 -32.00
CA PHE G 126 18.83 18.52 -32.50
C PHE G 126 18.95 18.83 -33.98
N ARG G 127 17.87 18.64 -34.74
CA ARG G 127 17.91 18.94 -36.17
C ARG G 127 18.29 20.41 -36.38
N ASP G 128 17.58 21.30 -35.68
CA ASP G 128 17.92 22.72 -35.77
C ASP G 128 19.37 22.96 -35.44
N VAL G 129 19.96 22.14 -34.58
CA VAL G 129 21.37 22.35 -34.28
C VAL G 129 22.26 21.86 -35.43
N ALA G 130 21.95 20.66 -35.97
CA ALA G 130 22.79 20.00 -36.98
C ALA G 130 22.66 20.61 -38.37
N GLN G 131 21.60 21.37 -38.61
CA GLN G 131 21.42 22.04 -39.88
C GLN G 131 22.53 23.07 -40.12
N ARG G 132 23.14 23.60 -39.07
CA ARG G 132 24.25 24.52 -39.21
C ARG G 132 25.58 23.80 -39.27
N TYR G 133 25.57 22.46 -39.28
CA TYR G 133 26.80 21.69 -39.29
C TYR G 133 26.77 20.48 -40.26
N SER G 134 26.98 19.27 -39.75
CA SER G 134 27.15 18.10 -40.63
C SER G 134 25.98 17.95 -41.60
N LEU G 135 24.75 18.07 -41.10
CA LEU G 135 23.59 17.96 -41.98
C LEU G 135 23.61 19.01 -43.06
N GLY G 136 23.77 20.27 -42.69
CA GLY G 136 23.69 21.32 -43.67
C GLY G 136 24.79 21.20 -44.72
N MET G 137 25.99 20.83 -44.30
CA MET G 137 27.05 20.57 -45.27
C MET G 137 26.64 19.45 -46.22
N THR G 138 25.97 18.43 -45.69
CA THR G 138 25.46 17.40 -46.58
C THR G 138 24.46 17.97 -47.59
N GLU G 139 23.54 18.86 -47.15
CA GLU G 139 22.62 19.51 -48.10
C GLU G 139 23.38 20.30 -49.18
N GLN G 140 24.47 20.98 -48.79
CA GLN G 140 25.23 21.70 -49.81
C GLN G 140 25.96 20.76 -50.75
N LEU G 141 26.59 19.70 -50.23
CA LEU G 141 27.28 18.77 -51.11
C LEU G 141 26.31 18.16 -52.12
N ILE G 142 25.11 17.80 -51.67
CA ILE G 142 24.13 17.31 -52.61
C ILE G 142 23.77 18.38 -53.62
N THR G 143 23.49 19.61 -53.16
CA THR G 143 23.10 20.68 -54.07
C THR G 143 24.17 20.92 -55.14
N GLU G 144 25.44 20.96 -54.74
CA GLU G 144 26.51 21.18 -55.71
C GLU G 144 26.67 19.99 -56.65
N ALA G 145 26.54 18.77 -56.13
CA ALA G 145 26.63 17.59 -56.99
C ALA G 145 25.52 17.61 -58.03
N ILE G 146 24.32 18.03 -57.65
CA ILE G 146 23.25 18.19 -58.63
C ILE G 146 23.69 19.21 -59.67
N ARG G 147 24.22 20.36 -59.20
CA ARG G 147 24.56 21.44 -60.12
C ARG G 147 25.53 21.01 -61.21
N ALA G 148 26.57 20.23 -60.88
CA ALA G 148 27.56 19.80 -61.87
C ALA G 148 27.13 18.56 -62.67
N GLY G 149 25.86 18.18 -62.56
CA GLY G 149 25.33 17.04 -63.30
C GLY G 149 25.79 15.68 -62.84
N GLN G 150 26.41 15.57 -61.67
CA GLN G 150 26.83 14.27 -61.19
C GLN G 150 25.71 13.50 -60.49
N LEU G 151 24.60 14.15 -60.16
CA LEU G 151 23.52 13.52 -59.43
C LEU G 151 22.19 14.06 -59.92
N ALA G 152 21.19 13.19 -59.99
CA ALA G 152 19.91 13.56 -60.57
C ALA G 152 19.24 14.63 -59.72
N ARG G 153 18.58 15.59 -60.37
CA ARG G 153 17.82 16.59 -59.62
C ARG G 153 16.68 15.92 -58.84
N GLN G 154 16.57 16.24 -57.55
CA GLN G 154 15.61 15.62 -56.66
C GLN G 154 15.51 16.49 -55.41
N PRO G 155 14.54 16.22 -54.54
CA PRO G 155 14.45 17.00 -53.30
C PRO G 155 15.67 16.78 -52.43
N VAL G 156 16.29 17.88 -51.98
CA VAL G 156 17.60 17.73 -51.34
C VAL G 156 17.48 17.46 -49.86
N ARG G 157 16.65 18.23 -49.15
CA ARG G 157 16.51 18.01 -47.71
C ARG G 157 16.27 16.55 -47.35
N PRO G 158 15.30 15.83 -47.95
CA PRO G 158 15.14 14.41 -47.59
C PRO G 158 16.37 13.57 -47.87
N LEU G 159 16.93 13.66 -49.07
CA LEU G 159 18.12 12.87 -49.38
C LEU G 159 19.23 13.10 -48.34
N ALA G 160 19.48 14.37 -47.98
CA ALA G 160 20.52 14.65 -47.00
C ALA G 160 20.21 13.98 -45.66
N GLN G 161 18.97 14.09 -45.20
CA GLN G 161 18.66 13.51 -43.90
C GLN G 161 18.88 12.00 -43.90
N VAL G 162 18.42 11.34 -44.97
CA VAL G 162 18.50 9.89 -45.11
C VAL G 162 19.95 9.41 -45.18
N LEU G 163 20.76 10.07 -46.00
CA LEU G 163 22.17 9.69 -46.07
C LEU G 163 22.83 9.89 -44.71
N ILE G 164 22.44 10.95 -44.01
CA ILE G 164 22.94 11.16 -42.65
C ILE G 164 22.56 9.98 -41.76
N GLY G 165 21.31 9.52 -41.88
CA GLY G 165 20.86 8.36 -41.11
C GLY G 165 21.69 7.13 -41.37
N ALA G 166 21.87 6.80 -42.65
CA ALA G 166 22.70 5.66 -43.01
C ALA G 166 24.12 5.80 -42.44
N LEU G 167 24.68 7.00 -42.48
CA LEU G 167 26.03 7.20 -41.95
C LEU G 167 26.08 7.02 -40.45
N ASP G 168 25.13 7.62 -39.72
CA ASP G 168 25.12 7.48 -38.28
C ASP G 168 25.07 6.02 -37.86
N GLU G 169 24.06 5.28 -38.37
CA GLU G 169 23.99 3.88 -37.94
C GLU G 169 25.20 3.10 -38.45
N ALA G 170 25.73 3.48 -39.60
CA ALA G 170 27.02 2.92 -40.04
C ALA G 170 28.07 3.06 -38.92
N ALA G 171 28.15 4.25 -38.32
CA ALA G 171 29.15 4.46 -37.29
C ALA G 171 28.92 3.52 -36.12
N MET G 172 27.68 3.46 -35.62
CA MET G 172 27.48 2.63 -34.44
C MET G 172 27.84 1.18 -34.74
N PHE G 173 27.48 0.72 -35.95
CA PHE G 173 27.74 -0.67 -36.32
C PHE G 173 29.22 -0.97 -36.26
N ILE G 174 30.04 -0.04 -36.77
CA ILE G 174 31.48 -0.28 -36.76
C ILE G 174 32.03 -0.27 -35.34
N ALA G 175 31.58 0.68 -34.52
CA ALA G 175 32.12 0.78 -33.17
C ALA G 175 31.80 -0.45 -32.33
N THR G 176 30.58 -0.99 -32.44
CA THR G 176 30.16 -2.04 -31.52
C THR G 176 30.36 -3.44 -32.07
N ALA G 177 30.84 -3.55 -33.30
CA ALA G 177 31.05 -4.86 -33.90
C ALA G 177 32.16 -5.62 -33.17
N ASP G 178 32.12 -6.96 -33.31
CA ASP G 178 33.08 -7.85 -32.66
C ASP G 178 34.45 -7.84 -33.34
N ASP G 179 34.48 -7.70 -34.68
CA ASP G 179 35.71 -7.59 -35.47
C ASP G 179 35.70 -6.21 -36.12
N PRO G 180 36.29 -5.20 -35.49
CA PRO G 180 36.09 -3.83 -35.98
C PRO G 180 36.81 -3.53 -37.28
N LYS G 181 37.97 -4.12 -37.52
CA LYS G 181 38.65 -3.83 -38.79
C LYS G 181 37.84 -4.33 -39.99
N ARG G 182 37.39 -5.59 -39.94
CA ARG G 182 36.57 -6.13 -41.02
C ARG G 182 35.23 -5.41 -41.10
N ALA G 183 34.72 -4.94 -39.96
CA ALA G 183 33.47 -4.19 -39.98
C ALA G 183 33.66 -2.86 -40.70
N ARG G 184 34.78 -2.17 -40.46
CA ARG G 184 35.07 -0.93 -41.20
C ARG G 184 35.21 -1.23 -42.69
N ARG G 185 35.92 -2.30 -43.05
CA ARG G 185 36.07 -2.66 -44.45
C ARG G 185 34.71 -2.89 -45.10
N GLU G 186 33.89 -3.75 -44.49
CA GLU G 186 32.62 -4.11 -45.09
C GLU G 186 31.67 -2.90 -45.17
N THR G 187 31.60 -2.11 -44.10
CA THR G 187 30.68 -0.98 -44.09
C THR G 187 31.07 0.07 -45.09
N ARG G 188 32.36 0.40 -45.14
CA ARG G 188 32.84 1.32 -46.18
C ARG G 188 32.45 0.81 -47.55
N GLN G 189 32.63 -0.50 -47.79
CA GLN G 189 32.28 -1.11 -49.06
C GLN G 189 30.82 -0.86 -49.44
N VAL G 190 29.89 -1.20 -48.53
CA VAL G 190 28.47 -1.08 -48.86
C VAL G 190 28.07 0.38 -49.00
N LEU G 191 28.71 1.27 -48.22
CA LEU G 191 28.43 2.70 -48.38
C LEU G 191 28.85 3.19 -49.75
N ARG G 192 30.05 2.83 -50.18
CA ARG G 192 30.49 3.22 -51.51
C ARG G 192 29.50 2.74 -52.55
N ARG G 193 29.05 1.48 -52.44
CA ARG G 193 28.09 0.98 -53.40
C ARG G 193 26.81 1.80 -53.38
N LEU G 194 26.35 2.17 -52.18
CA LEU G 194 25.15 2.98 -52.08
C LEU G 194 25.32 4.30 -52.80
N ILE G 195 26.45 4.96 -52.54
CA ILE G 195 26.70 6.27 -53.12
C ILE G 195 26.71 6.17 -54.64
N ASP G 196 27.52 5.27 -55.18
CA ASP G 196 27.61 5.15 -56.64
C ASP G 196 26.26 4.83 -57.26
N GLY G 197 25.49 3.94 -56.64
CA GLY G 197 24.13 3.73 -57.13
C GLY G 197 23.28 4.97 -57.05
N MET G 198 23.63 5.90 -56.16
CA MET G 198 22.93 7.19 -56.08
C MET G 198 23.31 8.11 -57.23
N LEU G 199 24.60 8.11 -57.63
CA LEU G 199 25.10 9.00 -58.66
C LEU G 199 24.76 8.53 -60.09
N ASN G 200 24.85 9.47 -61.03
CA ASN G 200 24.55 9.27 -62.45
C ASN G 200 24.81 10.57 -63.24
N THR H 7 9.89 -37.24 6.49
CA THR H 7 8.81 -36.94 7.42
C THR H 7 8.56 -35.44 7.40
N GLN H 8 7.40 -34.98 7.88
CA GLN H 8 7.12 -33.54 7.92
C GLN H 8 7.87 -32.83 9.04
N GLU H 9 7.94 -33.45 10.22
CA GLU H 9 8.70 -32.88 11.33
C GLU H 9 10.20 -32.93 11.07
N GLU H 10 10.66 -33.99 10.40
CA GLU H 10 12.07 -34.15 10.08
C GLU H 10 12.54 -33.10 9.06
N ARG H 11 11.64 -32.70 8.17
CA ARG H 11 11.96 -31.71 7.15
C ARG H 11 11.95 -30.29 7.74
N SER H 12 10.90 -29.96 8.47
CA SER H 12 10.80 -28.63 9.08
C SER H 12 12.05 -28.27 9.86
N ALA H 13 12.51 -29.17 10.74
CA ALA H 13 13.68 -28.88 11.54
C ALA H 13 14.91 -28.60 10.67
N ALA H 14 15.02 -29.27 9.53
CA ALA H 14 16.20 -29.10 8.69
C ALA H 14 16.23 -27.70 8.05
N THR H 15 15.05 -27.17 7.68
CA THR H 15 14.92 -25.83 7.14
C THR H 15 15.17 -24.76 8.21
N ARG H 16 14.68 -25.02 9.42
CA ARG H 16 14.97 -24.13 10.54
C ARG H 16 16.46 -24.11 10.85
N GLU H 17 17.14 -25.27 10.77
CA GLU H 17 18.58 -25.27 10.95
C GLU H 17 19.29 -24.54 9.84
N ALA H 18 18.82 -24.69 8.59
CA ALA H 18 19.51 -24.00 7.51
C ALA H 18 19.38 -22.49 7.67
N LEU H 19 18.18 -22.01 8.04
CA LEU H 19 17.97 -20.59 8.29
C LEU H 19 18.77 -20.08 9.49
N ILE H 20 18.80 -20.86 10.57
CA ILE H 20 19.48 -20.42 11.79
C ILE H 20 20.97 -20.35 11.56
N THR H 21 21.54 -21.37 10.90
CA THR H 21 22.97 -21.32 10.60
C THR H 21 23.28 -20.12 9.70
N GLY H 22 22.46 -19.91 8.65
CA GLY H 22 22.74 -18.85 7.70
C GLY H 22 22.66 -17.47 8.32
N ALA H 23 21.59 -17.21 9.07
CA ALA H 23 21.46 -15.92 9.73
C ALA H 23 22.53 -15.74 10.79
N ARG H 24 22.95 -16.82 11.45
CA ARG H 24 24.05 -16.71 12.40
C ARG H 24 25.32 -16.25 11.71
N LYS H 25 25.70 -16.91 10.62
CA LYS H 25 26.87 -16.44 9.86
C LYS H 25 26.72 -14.97 9.43
N LEU H 26 25.62 -14.63 8.78
CA LEU H 26 25.50 -13.31 8.13
C LEU H 26 25.33 -12.21 9.16
N TRP H 27 24.35 -12.36 10.04
CA TRP H 27 24.15 -11.40 11.11
C TRP H 27 25.42 -11.25 11.93
N GLY H 28 26.11 -12.36 12.21
CA GLY H 28 27.36 -12.28 12.95
C GLY H 28 28.42 -11.48 12.23
N LEU H 29 28.44 -11.53 10.90
CA LEU H 29 29.43 -10.82 10.09
C LEU H 29 29.12 -9.33 9.95
N ARG H 30 27.84 -8.94 9.87
CA ARG H 30 27.51 -7.56 9.52
C ARG H 30 26.45 -6.87 10.40
N GLY H 31 25.82 -7.55 11.36
CA GLY H 31 24.77 -6.92 12.13
C GLY H 31 23.38 -7.34 11.67
N TYR H 32 22.41 -7.31 12.61
CA TYR H 32 21.04 -7.67 12.26
C TYR H 32 20.44 -6.65 11.30
N ALA H 33 20.74 -5.39 11.51
CA ALA H 33 20.18 -4.31 10.68
C ALA H 33 20.65 -4.39 9.22
N GLU H 34 21.86 -4.90 8.98
CA GLU H 34 22.54 -4.80 7.70
C GLU H 34 22.43 -6.06 6.85
N VAL H 35 21.64 -7.03 7.27
CA VAL H 35 21.33 -8.17 6.42
C VAL H 35 19.82 -8.30 6.40
N GLY H 36 19.26 -8.39 5.22
CA GLY H 36 17.84 -8.58 5.06
C GLY H 36 17.46 -10.03 4.93
N THR H 37 16.17 -10.30 5.14
CA THR H 37 15.68 -11.66 4.96
C THR H 37 15.92 -12.25 3.57
N PRO H 38 15.89 -11.48 2.42
CA PRO H 38 16.26 -12.08 1.13
C PRO H 38 17.66 -12.69 1.12
N GLU H 39 18.69 -11.88 1.38
CA GLU H 39 20.06 -12.41 1.46
C GLU H 39 20.12 -13.70 2.28
N ILE H 40 19.43 -13.69 3.42
CA ILE H 40 19.51 -14.78 4.39
C ILE H 40 18.86 -16.04 3.82
N ALA H 41 17.65 -15.90 3.29
CA ALA H 41 17.00 -17.01 2.60
C ALA H 41 17.91 -17.60 1.50
N THR H 42 18.48 -16.73 0.66
CA THR H 42 19.40 -17.19 -0.39
C THR H 42 20.49 -18.07 0.19
N GLU H 43 21.14 -17.59 1.25
CA GLU H 43 22.24 -18.34 1.87
C GLU H 43 21.76 -19.66 2.44
N ALA H 44 20.56 -19.68 3.00
CA ALA H 44 20.02 -20.94 3.52
C ALA H 44 19.67 -21.92 2.41
N GLY H 45 19.36 -21.42 1.21
CA GLY H 45 18.85 -22.29 0.19
C GLY H 45 17.37 -22.56 0.34
N VAL H 46 16.60 -21.56 0.80
CA VAL H 46 15.17 -21.68 1.02
C VAL H 46 14.54 -20.35 0.57
N THR H 47 13.21 -20.33 0.46
CA THR H 47 12.48 -19.14 0.03
C THR H 47 11.95 -18.35 1.21
N ARG H 48 11.86 -17.03 1.02
CA ARG H 48 11.27 -16.18 2.04
C ARG H 48 9.93 -16.68 2.56
N GLY H 49 9.13 -17.31 1.70
CA GLY H 49 7.86 -17.82 2.17
C GLY H 49 8.02 -18.90 3.22
N ALA H 50 8.95 -19.83 2.98
CA ALA H 50 9.19 -20.92 3.93
C ALA H 50 9.71 -20.38 5.25
N MET H 51 10.59 -19.37 5.20
CA MET H 51 11.07 -18.72 6.40
C MET H 51 9.93 -18.10 7.19
N TYR H 52 9.08 -17.34 6.53
CA TYR H 52 7.99 -16.73 7.27
C TYR H 52 6.92 -17.74 7.65
N HIS H 53 7.02 -18.98 7.16
CA HIS H 53 6.17 -20.03 7.71
C HIS H 53 6.79 -20.62 8.99
N GLN H 54 8.10 -20.89 8.98
CA GLN H 54 8.78 -21.44 10.16
C GLN H 54 8.93 -20.41 11.27
N PHE H 55 9.19 -19.16 10.93
CA PHE H 55 9.43 -18.10 11.90
C PHE H 55 8.43 -16.97 11.71
N ALA H 56 8.01 -16.39 12.83
CA ALA H 56 7.04 -15.30 12.80
C ALA H 56 7.53 -14.13 11.95
N ASP H 57 8.62 -13.49 12.39
CA ASP H 57 9.23 -12.37 11.68
C ASP H 57 10.74 -12.46 11.78
N LYS H 58 11.43 -11.44 11.25
CA LYS H 58 12.89 -11.39 11.33
C LYS H 58 13.36 -11.55 12.76
N ALA H 59 12.69 -10.82 13.68
CA ALA H 59 13.05 -10.86 15.08
C ALA H 59 13.05 -12.28 15.64
N ALA H 60 12.03 -13.07 15.28
CA ALA H 60 11.92 -14.42 15.84
C ALA H 60 13.09 -15.31 15.41
N LEU H 61 13.50 -15.19 14.15
CA LEU H 61 14.68 -15.93 13.72
C LEU H 61 15.90 -15.49 14.52
N PHE H 62 16.02 -14.18 14.77
CA PHE H 62 17.10 -13.66 15.61
C PHE H 62 17.03 -14.22 17.03
N ARG H 63 15.83 -14.42 17.55
CA ARG H 63 15.65 -15.01 18.87
C ARG H 63 16.26 -16.41 18.93
N ASP H 64 15.94 -17.23 17.94
CA ASP H 64 16.51 -18.56 18.01
C ASP H 64 18.01 -18.54 17.74
N VAL H 65 18.48 -17.60 16.92
CA VAL H 65 19.93 -17.49 16.70
C VAL H 65 20.64 -17.13 18.02
N VAL H 66 20.10 -16.13 18.73
CA VAL H 66 20.65 -15.76 20.03
C VAL H 66 20.74 -17.00 20.93
N GLU H 67 19.63 -17.75 21.04
CA GLU H 67 19.62 -18.95 21.88
C GLU H 67 20.79 -19.88 21.56
N VAL H 68 20.93 -20.24 20.29
CA VAL H 68 22.02 -21.14 19.90
C VAL H 68 23.37 -20.56 20.29
N VAL H 69 23.60 -19.29 19.95
CA VAL H 69 24.90 -18.68 20.14
C VAL H 69 25.25 -18.66 21.61
N GLU H 70 24.32 -18.19 22.42
CA GLU H 70 24.59 -18.10 23.85
C GLU H 70 24.91 -19.46 24.40
N GLN H 71 24.18 -20.48 23.95
CA GLN H 71 24.47 -21.83 24.42
C GLN H 71 25.88 -22.28 24.04
N ASP H 72 26.35 -21.90 22.85
CA ASP H 72 27.74 -22.23 22.52
C ASP H 72 28.71 -21.49 23.45
N VAL H 73 28.41 -20.22 23.76
CA VAL H 73 29.27 -19.50 24.70
C VAL H 73 29.35 -20.26 26.01
N MET H 74 28.21 -20.62 26.61
CA MET H 74 28.23 -21.41 27.85
C MET H 74 29.04 -22.70 27.69
N ALA H 75 28.91 -23.38 26.56
CA ALA H 75 29.64 -24.62 26.31
C ALA H 75 31.14 -24.43 26.37
N ARG H 76 31.65 -23.53 25.53
CA ARG H 76 33.09 -23.26 25.47
C ARG H 76 33.61 -22.75 26.81
N MET H 77 32.80 -21.96 27.50
CA MET H 77 33.22 -21.42 28.78
C MET H 77 33.39 -22.51 29.82
N ALA H 78 32.37 -23.39 29.96
CA ALA H 78 32.47 -24.49 30.91
C ALA H 78 33.70 -25.35 30.59
N THR H 79 33.96 -25.57 29.30
CA THR H 79 35.18 -26.26 28.92
C THR H 79 36.43 -25.58 29.51
N LEU H 80 36.57 -24.25 29.33
CA LEU H 80 37.77 -23.62 29.87
C LEU H 80 37.82 -23.65 31.39
N VAL H 81 36.66 -23.49 32.07
CA VAL H 81 36.64 -23.39 33.53
C VAL H 81 36.98 -24.74 34.18
N ALA H 82 36.43 -25.83 33.63
CA ALA H 82 36.78 -27.16 34.14
C ALA H 82 38.27 -27.41 34.01
N ALA H 83 38.84 -27.12 32.83
CA ALA H 83 40.26 -27.39 32.61
C ALA H 83 41.17 -26.53 33.48
N SER H 84 40.70 -25.34 33.88
CA SER H 84 41.52 -24.51 34.75
C SER H 84 41.77 -25.19 36.09
N GLY H 85 40.75 -25.84 36.64
CA GLY H 85 40.94 -26.59 37.88
C GLY H 85 40.91 -25.78 39.15
N ALA H 86 39.98 -24.84 39.28
CA ALA H 86 39.89 -24.05 40.50
C ALA H 86 39.59 -24.93 41.72
N ALA H 87 39.94 -24.39 42.87
CA ALA H 87 39.79 -25.03 44.16
C ALA H 87 38.91 -24.31 45.12
N THR H 88 38.32 -23.24 44.68
CA THR H 88 37.38 -22.47 45.47
C THR H 88 36.51 -21.73 44.56
N PRO H 89 35.39 -21.27 45.06
CA PRO H 89 34.51 -20.49 44.23
C PRO H 89 35.17 -19.25 43.70
N ALA H 90 35.92 -18.53 44.49
CA ALA H 90 36.57 -17.35 44.03
C ALA H 90 37.51 -17.68 42.94
N ASP H 91 38.33 -18.69 43.09
CA ASP H 91 39.14 -19.08 41.93
C ASP H 91 38.27 -19.50 40.75
N ALA H 92 37.11 -20.09 41.02
CA ALA H 92 36.18 -20.39 39.94
C ALA H 92 35.70 -19.12 39.27
N ILE H 93 35.41 -18.07 40.05
CA ILE H 93 35.04 -16.80 39.45
C ILE H 93 36.16 -16.29 38.56
N ARG H 94 37.39 -16.27 39.09
CA ARG H 94 38.50 -15.75 38.29
C ARG H 94 38.65 -16.53 36.98
N ALA H 95 38.60 -17.86 37.05
CA ALA H 95 38.70 -18.67 35.83
C ALA H 95 37.52 -18.42 34.90
N ALA H 96 36.36 -18.11 35.47
CA ALA H 96 35.21 -17.77 34.64
C ALA H 96 35.50 -16.53 33.84
N VAL H 97 36.04 -15.51 34.51
CA VAL H 97 36.42 -14.28 33.84
C VAL H 97 37.38 -14.56 32.71
N ASP H 98 38.49 -15.24 33.04
CA ASP H 98 39.50 -15.51 32.02
C ASP H 98 38.89 -16.28 30.86
N ALA H 99 37.91 -17.12 31.16
CA ALA H 99 37.23 -17.90 30.14
C ALA H 99 36.42 -17.02 29.22
N TRP H 100 35.61 -16.11 29.79
CA TRP H 100 34.82 -15.22 28.93
C TRP H 100 35.73 -14.35 28.07
N LEU H 101 36.84 -13.87 28.67
CA LEU H 101 37.86 -13.11 27.93
C LEU H 101 38.39 -13.89 26.74
N GLU H 102 38.57 -15.20 26.89
CA GLU H 102 38.95 -15.98 25.71
C GLU H 102 37.80 -16.06 24.71
N VAL H 103 36.59 -16.33 25.20
CA VAL H 103 35.48 -16.57 24.30
C VAL H 103 35.00 -15.30 23.66
N SER H 104 34.91 -14.22 24.43
CA SER H 104 34.44 -12.97 23.83
C SER H 104 35.37 -12.48 22.74
N GLY H 105 36.53 -13.10 22.57
CA GLY H 105 37.40 -12.78 21.45
C GLY H 105 36.79 -13.05 20.09
N ASP H 106 35.84 -13.99 20.01
CA ASP H 106 35.10 -14.35 18.80
C ASP H 106 34.27 -13.18 18.33
N PRO H 107 34.42 -12.71 17.09
CA PRO H 107 33.63 -11.54 16.64
C PRO H 107 32.13 -11.81 16.48
N GLU H 108 31.75 -13.03 16.11
CA GLU H 108 30.32 -13.41 16.06
C GLU H 108 29.64 -13.19 17.41
N VAL H 109 30.30 -13.58 18.50
CA VAL H 109 29.72 -13.46 19.83
C VAL H 109 29.48 -11.99 20.17
N ARG H 110 30.46 -11.15 19.88
CA ARG H 110 30.32 -9.73 20.17
C ARG H 110 29.19 -9.09 19.36
N GLN H 111 29.05 -9.45 18.07
CA GLN H 111 27.99 -8.85 17.28
C GLN H 111 26.62 -9.27 17.80
N LEU H 112 26.40 -10.58 17.93
CA LEU H 112 25.06 -11.06 18.24
C LEU H 112 24.71 -10.80 19.69
N ILE H 113 25.62 -11.08 20.62
CA ILE H 113 25.21 -11.01 22.01
C ILE H 113 25.45 -9.63 22.61
N LEU H 114 26.58 -9.00 22.27
CA LEU H 114 26.97 -7.77 22.94
C LEU H 114 26.38 -6.51 22.31
N LEU H 115 26.06 -6.52 21.01
CA LEU H 115 25.61 -5.31 20.32
C LEU H 115 24.14 -5.38 19.92
N ASP H 116 23.76 -6.37 19.10
CA ASP H 116 22.42 -6.42 18.52
C ASP H 116 21.36 -6.90 19.53
N ALA H 117 21.64 -7.99 20.26
CA ALA H 117 20.58 -8.68 20.99
C ALA H 117 19.76 -7.78 21.91
N PRO H 118 20.34 -6.94 22.75
CA PRO H 118 19.51 -6.05 23.57
C PRO H 118 18.60 -5.12 22.74
N VAL H 119 19.00 -4.74 21.53
CA VAL H 119 18.20 -3.82 20.73
C VAL H 119 17.07 -4.55 20.03
N VAL H 120 17.35 -5.73 19.46
CA VAL H 120 16.29 -6.50 18.82
C VAL H 120 15.29 -7.02 19.84
N LEU H 121 15.75 -7.82 20.80
CA LEU H 121 14.81 -8.44 21.72
C LEU H 121 14.37 -7.52 22.84
N GLY H 122 14.98 -6.35 22.98
CA GLY H 122 14.70 -5.54 24.15
C GLY H 122 15.59 -5.93 25.31
N TRP H 123 15.89 -4.95 26.15
CA TRP H 123 16.86 -5.23 27.21
C TRP H 123 16.35 -6.33 28.13
N ALA H 124 15.09 -6.22 28.56
CA ALA H 124 14.48 -7.26 29.37
C ALA H 124 14.33 -8.56 28.60
N GLY H 125 14.03 -8.49 27.30
CA GLY H 125 13.89 -9.72 26.53
C GLY H 125 15.18 -10.52 26.52
N PHE H 126 16.28 -9.88 26.10
CA PHE H 126 17.56 -10.54 26.15
C PHE H 126 17.91 -10.95 27.58
N ARG H 127 17.46 -10.18 28.57
CA ARG H 127 17.70 -10.56 29.95
C ARG H 127 17.06 -11.90 30.26
N ASP H 128 15.77 -12.05 29.91
CA ASP H 128 15.07 -13.34 30.06
C ASP H 128 15.82 -14.45 29.35
N VAL H 129 16.53 -14.14 28.28
CA VAL H 129 17.29 -15.19 27.60
C VAL H 129 18.58 -15.52 28.34
N ALA H 130 19.32 -14.49 28.76
CA ALA H 130 20.62 -14.69 29.39
C ALA H 130 20.52 -15.21 30.81
N GLN H 131 19.34 -15.12 31.44
CA GLN H 131 19.19 -15.68 32.77
C GLN H 131 19.40 -17.19 32.73
N ARG H 132 19.13 -17.82 31.61
CA ARG H 132 19.35 -19.25 31.47
C ARG H 132 20.75 -19.56 31.00
N TYR H 133 21.59 -18.54 30.85
CA TYR H 133 22.96 -18.76 30.40
C TYR H 133 23.96 -17.96 31.22
N SER H 134 24.79 -17.14 30.56
CA SER H 134 25.92 -16.52 31.25
C SER H 134 25.49 -15.76 32.50
N LEU H 135 24.40 -15.00 32.42
CA LEU H 135 23.94 -14.26 33.58
C LEU H 135 23.62 -15.17 34.74
N GLY H 136 22.78 -16.18 34.51
CA GLY H 136 22.38 -17.07 35.59
C GLY H 136 23.54 -17.83 36.16
N MET H 137 24.50 -18.21 35.31
CA MET H 137 25.71 -18.81 35.83
C MET H 137 26.48 -17.83 36.71
N THR H 138 26.52 -16.54 36.32
CA THR H 138 27.13 -15.58 37.22
C THR H 138 26.39 -15.51 38.55
N GLU H 139 25.05 -15.46 38.51
CA GLU H 139 24.27 -15.46 39.74
C GLU H 139 24.61 -16.67 40.60
N GLN H 140 24.86 -17.82 39.97
CA GLN H 140 25.17 -19.03 40.72
C GLN H 140 26.57 -18.97 41.32
N LEU H 141 27.54 -18.48 40.53
CA LEU H 141 28.89 -18.35 41.05
C LEU H 141 28.94 -17.39 42.25
N ILE H 142 28.21 -16.29 42.17
CA ILE H 142 28.12 -15.38 43.30
C ILE H 142 27.46 -16.08 44.48
N THR H 143 26.34 -16.74 44.24
CA THR H 143 25.65 -17.44 45.31
C THR H 143 26.59 -18.42 46.01
N GLU H 144 27.38 -19.19 45.25
CA GLU H 144 28.31 -20.12 45.85
C GLU H 144 29.43 -19.41 46.60
N ALA H 145 29.95 -18.30 46.05
CA ALA H 145 30.99 -17.57 46.76
C ALA H 145 30.48 -17.02 48.10
N ILE H 146 29.24 -16.55 48.13
CA ILE H 146 28.64 -16.13 49.40
C ILE H 146 28.60 -17.30 50.36
N ARG H 147 28.05 -18.43 49.89
CA ARG H 147 27.86 -19.59 50.75
C ARG H 147 29.15 -20.03 51.41
N ALA H 148 30.24 -20.10 50.65
CA ALA H 148 31.48 -20.62 51.19
C ALA H 148 32.25 -19.58 52.01
N GLY H 149 31.61 -18.44 52.29
CA GLY H 149 32.17 -17.39 53.12
C GLY H 149 33.27 -16.56 52.51
N GLN H 150 33.47 -16.66 51.20
CA GLN H 150 34.45 -15.83 50.52
C GLN H 150 33.93 -14.45 50.13
N LEU H 151 32.63 -14.23 50.22
CA LEU H 151 32.01 -13.01 49.72
C LEU H 151 30.84 -12.61 50.59
N ALA H 152 30.72 -11.31 50.81
CA ALA H 152 29.73 -10.79 51.75
C ALA H 152 28.31 -11.13 51.30
N ARG H 153 27.43 -11.38 52.27
CA ARG H 153 26.01 -11.54 51.96
C ARG H 153 25.45 -10.25 51.38
N GLN H 154 24.76 -10.37 50.26
CA GLN H 154 24.20 -9.20 49.60
C GLN H 154 23.18 -9.64 48.56
N PRO H 155 22.38 -8.74 48.02
CA PRO H 155 21.47 -9.13 46.95
C PRO H 155 22.28 -9.60 45.75
N VAL H 156 21.90 -10.75 45.19
CA VAL H 156 22.74 -11.35 44.17
C VAL H 156 22.40 -10.83 42.78
N ARG H 157 21.11 -10.75 42.45
CA ARG H 157 20.74 -10.26 41.12
C ARG H 157 21.46 -8.98 40.72
N PRO H 158 21.47 -7.92 41.54
CA PRO H 158 22.18 -6.71 41.11
C PRO H 158 23.67 -6.93 40.85
N LEU H 159 24.38 -7.51 41.83
CA LEU H 159 25.82 -7.72 41.67
C LEU H 159 26.11 -8.46 40.37
N ALA H 160 25.39 -9.56 40.12
CA ALA H 160 25.62 -10.32 38.88
C ALA H 160 25.41 -9.46 37.64
N GLN H 161 24.33 -8.68 37.62
CA GLN H 161 24.10 -7.87 36.42
C GLN H 161 25.24 -6.89 36.18
N VAL H 162 25.67 -6.21 37.24
CA VAL H 162 26.74 -5.22 37.12
C VAL H 162 28.02 -5.87 36.59
N LEU H 163 28.40 -7.00 37.18
CA LEU H 163 29.60 -7.71 36.72
C LEU H 163 29.48 -8.15 35.27
N ILE H 164 28.28 -8.52 34.83
CA ILE H 164 28.13 -8.87 33.42
C ILE H 164 28.43 -7.65 32.57
N GLY H 165 27.91 -6.48 32.99
CA GLY H 165 28.19 -5.25 32.25
C GLY H 165 29.68 -4.97 32.13
N ALA H 166 30.39 -5.09 33.26
CA ALA H 166 31.83 -4.89 33.27
C ALA H 166 32.53 -5.83 32.30
N LEU H 167 32.13 -7.11 32.29
CA LEU H 167 32.75 -8.07 31.40
C LEU H 167 32.46 -7.77 29.93
N ASP H 168 31.19 -7.46 29.60
CA ASP H 168 30.83 -7.16 28.22
C ASP H 168 31.65 -6.01 27.68
N GLU H 169 31.61 -4.86 28.37
CA GLU H 169 32.31 -3.71 27.82
C GLU H 169 33.81 -3.98 27.84
N ALA H 170 34.29 -4.73 28.82
CA ALA H 170 35.68 -5.19 28.77
C ALA H 170 35.99 -5.84 27.42
N ALA H 171 35.11 -6.73 26.96
CA ALA H 171 35.36 -7.43 25.71
C ALA H 171 35.44 -6.46 24.55
N MET H 172 34.48 -5.52 24.45
CA MET H 172 34.54 -4.59 23.31
C MET H 172 35.82 -3.79 23.34
N PHE H 173 36.24 -3.36 24.54
CA PHE H 173 37.46 -2.58 24.67
C PHE H 173 38.66 -3.37 24.17
N ILE H 174 38.74 -4.66 24.50
CA ILE H 174 39.89 -5.44 24.04
C ILE H 174 39.86 -5.59 22.53
N ALA H 175 38.68 -5.86 21.98
CA ALA H 175 38.58 -6.09 20.54
C ALA H 175 38.91 -4.82 19.74
N THR H 176 38.46 -3.65 20.19
CA THR H 176 38.57 -2.46 19.35
C THR H 176 39.79 -1.64 19.64
N ALA H 177 40.58 -2.04 20.64
CA ALA H 177 41.78 -1.33 21.00
C ALA H 177 42.82 -1.44 19.88
N ASP H 178 43.76 -0.48 19.90
CA ASP H 178 44.78 -0.40 18.85
C ASP H 178 45.87 -1.45 19.03
N ASP H 179 46.19 -1.82 20.27
CA ASP H 179 47.12 -2.90 20.63
C ASP H 179 46.34 -3.95 21.40
N PRO H 180 45.84 -5.00 20.74
CA PRO H 180 44.91 -5.91 21.43
C PRO H 180 45.55 -6.77 22.51
N LYS H 181 46.81 -7.18 22.38
CA LYS H 181 47.42 -7.96 23.46
C LYS H 181 47.50 -7.16 24.76
N ARG H 182 48.07 -5.95 24.69
CA ARG H 182 48.20 -5.16 25.92
C ARG H 182 46.85 -4.83 26.49
N ALA H 183 45.86 -4.62 25.63
CA ALA H 183 44.52 -4.33 26.13
C ALA H 183 43.98 -5.52 26.89
N ARG H 184 44.21 -6.73 26.38
CA ARG H 184 43.74 -7.92 27.08
C ARG H 184 44.44 -8.08 28.42
N ARG H 185 45.77 -7.89 28.46
CA ARG H 185 46.47 -8.00 29.74
C ARG H 185 45.95 -6.98 30.75
N GLU H 186 45.93 -5.69 30.38
CA GLU H 186 45.57 -4.64 31.33
C GLU H 186 44.12 -4.77 31.79
N THR H 187 43.24 -5.15 30.86
CA THR H 187 41.85 -5.36 31.22
C THR H 187 41.71 -6.53 32.17
N ARG H 188 42.41 -7.63 31.86
CA ARG H 188 42.41 -8.77 32.77
C ARG H 188 42.84 -8.36 34.16
N GLN H 189 43.92 -7.56 34.23
CA GLN H 189 44.45 -7.01 35.49
C GLN H 189 43.39 -6.26 36.26
N VAL H 190 42.71 -5.31 35.60
CA VAL H 190 41.74 -4.46 36.30
C VAL H 190 40.52 -5.27 36.71
N LEU H 191 40.13 -6.28 35.90
CA LEU H 191 39.05 -7.17 36.29
C LEU H 191 39.42 -7.99 37.50
N ARG H 192 40.66 -8.49 37.51
CA ARG H 192 41.15 -9.23 38.66
C ARG H 192 41.13 -8.37 39.91
N ARG H 193 41.71 -7.16 39.85
CA ARG H 193 41.71 -6.33 41.04
C ARG H 193 40.29 -6.00 41.48
N LEU H 194 39.41 -5.76 40.51
CA LEU H 194 38.02 -5.46 40.84
C LEU H 194 37.42 -6.61 41.62
N ILE H 195 37.63 -7.83 41.11
CA ILE H 195 37.09 -9.01 41.75
C ILE H 195 37.63 -9.16 43.16
N ASP H 196 38.96 -9.11 43.33
CA ASP H 196 39.56 -9.25 44.65
C ASP H 196 39.04 -8.20 45.63
N GLY H 197 38.90 -6.96 45.16
CA GLY H 197 38.28 -5.96 45.99
C GLY H 197 36.86 -6.31 46.34
N MET H 198 36.22 -7.16 45.54
CA MET H 198 34.89 -7.61 45.90
C MET H 198 34.92 -8.71 46.98
N LEU H 199 35.90 -9.61 46.94
CA LEU H 199 35.98 -10.72 47.90
C LEU H 199 36.58 -10.33 49.26
N ASN H 200 36.74 -11.34 50.11
CA ASN H 200 37.34 -11.24 51.45
C ASN H 200 38.80 -11.68 51.46
#